data_8F22
#
_entry.id   8F22
#
_cell.length_a   90.951
_cell.length_b   91.186
_cell.length_c   116.266
_cell.angle_alpha   87.170
_cell.angle_beta   78.770
_cell.angle_gamma   60.370
#
_symmetry.space_group_name_H-M   'P 1'
#
loop_
_entity.id
_entity.type
_entity.pdbx_description
1 polymer 'Capsid protein p24'
2 non-polymer Nalpha-{[4-(4-aminobenzene-1-sulfonyl)-2-oxopiperazin-1-yl]acetyl}-N-(4-methoxyphenyl)-N-methyl-L-phenylalaninamide
3 water water
#
_entity_poly.entity_id   1
_entity_poly.type   'polypeptide(L)'
_entity_poly.pdbx_seq_one_letter_code
;PIVQNLQGQMVHQCISPRTLNAWVKVVEEKAFSPEVIPMFSALSCGATPQDLNTMLNTVGGHQAAMQMLKETINEEAAEW
DRLHPVHAGPIAPGQMREPRGSDIAGTTSTLQEQIGWMTHNPPIPVGEIYKRWIILGLNKIVRMYSPTSILDIRQGPKEP
FRDYVDRFYKTLRAEQASQEVKNAATETLLVQNANPDCKTILKALGPGATLEEMMTACQGVGGP
;
_entity_poly.pdbx_strand_id   A,B,C,D,E,F,G,H,I,J,K,L
#
# COMPACT_ATOMS: atom_id res chain seq x y z
N PRO A 1 17.25 -10.23 -42.59
CA PRO A 1 18.00 -9.22 -43.35
C PRO A 1 19.27 -9.78 -44.00
N ILE A 2 20.15 -8.90 -44.43
CA ILE A 2 21.45 -9.27 -44.99
C ILE A 2 22.51 -8.41 -44.34
N VAL A 3 23.68 -8.99 -44.08
CA VAL A 3 24.75 -8.34 -43.34
C VAL A 3 26.08 -8.94 -43.77
N GLN A 4 27.18 -8.35 -43.30
CA GLN A 4 28.51 -8.83 -43.62
C GLN A 4 29.23 -9.33 -42.37
N MET A 10 29.01 -10.34 -47.36
CA MET A 10 27.57 -10.12 -47.51
C MET A 10 26.80 -11.42 -47.39
N VAL A 11 26.23 -11.65 -46.21
CA VAL A 11 25.59 -12.91 -45.87
C VAL A 11 24.18 -12.65 -45.39
N HIS A 12 23.24 -13.49 -45.82
CA HIS A 12 21.86 -13.42 -45.35
C HIS A 12 21.81 -13.82 -43.87
N GLN A 13 21.06 -13.06 -43.09
CA GLN A 13 20.79 -13.40 -41.70
C GLN A 13 19.31 -13.53 -41.40
N CYS A 14 18.99 -14.53 -40.59
CA CYS A 14 17.63 -14.77 -40.14
C CYS A 14 17.12 -13.53 -39.41
N ILE A 15 15.85 -13.18 -39.63
CA ILE A 15 15.26 -12.10 -38.86
C ILE A 15 15.19 -12.49 -37.38
N SER A 16 15.52 -11.57 -36.51
CA SER A 16 15.65 -11.95 -35.11
C SER A 16 14.29 -11.91 -34.41
N PRO A 17 14.10 -12.77 -33.39
CA PRO A 17 12.88 -12.68 -32.58
C PRO A 17 12.69 -11.30 -31.95
N ARG A 18 13.79 -10.66 -31.53
CA ARG A 18 13.70 -9.29 -31.00
C ARG A 18 13.17 -8.32 -32.04
N THR A 19 13.68 -8.36 -33.26
CA THR A 19 13.19 -7.43 -34.26
C THR A 19 11.70 -7.66 -34.55
N LEU A 20 11.30 -8.92 -34.73
CA LEU A 20 9.91 -9.28 -34.99
C LEU A 20 8.99 -8.79 -33.87
N ASN A 21 9.38 -9.05 -32.62
CA ASN A 21 8.53 -8.67 -31.50
C ASN A 21 8.48 -7.16 -31.37
N ALA A 22 9.61 -6.49 -31.55
CA ALA A 22 9.66 -5.03 -31.50
C ALA A 22 8.66 -4.43 -32.48
N TRP A 23 8.65 -4.94 -33.71
CA TRP A 23 7.74 -4.39 -34.72
C TRP A 23 6.28 -4.64 -34.35
N VAL A 24 5.95 -5.90 -34.04
CA VAL A 24 4.57 -6.21 -33.65
C VAL A 24 4.13 -5.34 -32.48
N LYS A 25 5.01 -5.12 -31.50
CA LYS A 25 4.66 -4.30 -30.34
C LYS A 25 4.51 -2.83 -30.71
N VAL A 26 5.37 -2.33 -31.60
CA VAL A 26 5.24 -0.94 -32.06
C VAL A 26 3.89 -0.73 -32.69
N VAL A 27 3.43 -1.70 -33.48
CA VAL A 27 2.15 -1.54 -34.17
C VAL A 27 0.99 -1.64 -33.18
N GLU A 28 1.07 -2.61 -32.26
CA GLU A 28 0.06 -2.76 -31.22
C GLU A 28 -0.05 -1.53 -30.32
N GLU A 29 1.08 -0.91 -29.99
CA GLU A 29 1.16 0.17 -29.01
C GLU A 29 0.92 1.55 -29.59
N LYS A 30 1.29 1.76 -30.84
CA LYS A 30 1.28 3.08 -31.43
C LYS A 30 0.41 3.19 -32.67
N ALA A 31 -0.14 2.08 -33.17
CA ALA A 31 -0.95 2.02 -34.39
C ALA A 31 -0.14 2.66 -35.53
N PHE A 32 -0.70 3.61 -36.27
CA PHE A 32 0.02 4.31 -37.33
C PHE A 32 0.33 5.77 -37.00
N SER A 33 0.68 6.03 -35.75
CA SER A 33 1.27 7.32 -35.41
C SER A 33 2.55 7.49 -36.24
N PRO A 34 2.90 8.73 -36.61
CA PRO A 34 4.01 8.91 -37.57
C PRO A 34 5.33 8.30 -37.10
N GLU A 35 5.60 8.27 -35.80
CA GLU A 35 6.87 7.76 -35.32
C GLU A 35 7.00 6.26 -35.46
N VAL A 36 5.99 5.60 -36.03
CA VAL A 36 6.12 4.18 -36.34
C VAL A 36 6.93 3.98 -37.61
N ILE A 37 6.94 4.98 -38.50
CA ILE A 37 7.56 4.80 -39.81
C ILE A 37 9.09 4.73 -39.67
N PRO A 38 9.74 5.63 -38.91
CA PRO A 38 11.19 5.45 -38.72
C PRO A 38 11.57 4.13 -38.07
N MET A 39 10.84 3.72 -37.02
CA MET A 39 11.14 2.45 -36.36
C MET A 39 11.14 1.31 -37.37
N PHE A 40 10.13 1.28 -38.24
CA PHE A 40 10.07 0.24 -39.27
C PHE A 40 11.33 0.29 -40.12
N SER A 41 11.71 1.49 -40.55
CA SER A 41 12.86 1.62 -41.41
C SER A 41 14.10 1.13 -40.69
N ALA A 42 14.21 1.45 -39.39
CA ALA A 42 15.36 0.99 -38.63
C ALA A 42 15.27 -0.51 -38.40
N LEU A 43 14.09 -1.03 -38.05
CA LEU A 43 13.97 -2.46 -37.84
C LEU A 43 14.15 -3.26 -39.13
N SER A 44 13.90 -2.66 -40.29
CA SER A 44 14.08 -3.33 -41.56
C SER A 44 15.41 -2.98 -42.22
N CYS A 45 16.39 -2.53 -41.42
CA CYS A 45 17.73 -2.28 -41.92
C CYS A 45 18.31 -3.55 -42.54
N GLY A 46 18.68 -3.46 -43.81
CA GLY A 46 19.29 -4.59 -44.50
C GLY A 46 18.33 -5.68 -44.91
N ALA A 47 17.02 -5.44 -44.81
CA ALA A 47 16.02 -6.46 -45.06
C ALA A 47 15.99 -6.85 -46.53
N THR A 48 15.84 -8.13 -46.79
CA THR A 48 15.45 -8.58 -48.13
C THR A 48 13.96 -8.35 -48.31
N PRO A 49 13.45 -8.41 -49.53
CA PRO A 49 11.99 -8.31 -49.71
C PRO A 49 11.19 -9.37 -48.96
N GLN A 50 11.70 -10.60 -48.90
CA GLN A 50 11.06 -11.64 -48.10
C GLN A 50 10.92 -11.21 -46.64
N ASP A 51 11.99 -10.66 -46.06
CA ASP A 51 11.95 -10.19 -44.67
C ASP A 51 10.93 -9.07 -44.50
N LEU A 52 10.88 -8.13 -45.45
CA LEU A 52 9.92 -7.03 -45.35
C LEU A 52 8.50 -7.56 -45.39
N ASN A 53 8.23 -8.50 -46.29
CA ASN A 53 6.90 -9.13 -46.33
C ASN A 53 6.61 -9.83 -45.02
N THR A 54 7.61 -10.49 -44.43
CA THR A 54 7.45 -11.14 -43.12
C THR A 54 7.00 -10.12 -42.08
N MET A 55 7.69 -8.98 -42.03
CA MET A 55 7.37 -7.94 -41.04
C MET A 55 5.95 -7.42 -41.23
N LEU A 56 5.58 -7.10 -42.47
CA LEU A 56 4.22 -6.64 -42.72
C LEU A 56 3.19 -7.69 -42.32
N ASN A 57 3.41 -8.95 -42.69
CA ASN A 57 2.43 -10.00 -42.44
C ASN A 57 2.28 -10.35 -40.98
N THR A 58 3.28 -10.07 -40.13
CA THR A 58 3.11 -10.41 -38.72
C THR A 58 2.16 -9.45 -38.01
N VAL A 59 1.82 -8.32 -38.64
CA VAL A 59 0.82 -7.44 -38.05
C VAL A 59 -0.54 -8.13 -38.19
N GLY A 60 -1.24 -8.29 -37.07
CA GLY A 60 -2.49 -9.05 -37.12
C GLY A 60 -3.71 -8.17 -37.32
N GLY A 61 -3.67 -6.96 -36.79
CA GLY A 61 -4.78 -6.04 -36.91
C GLY A 61 -4.66 -5.12 -38.11
N HIS A 62 -5.44 -4.04 -38.08
CA HIS A 62 -5.32 -2.93 -39.01
C HIS A 62 -5.32 -3.41 -40.47
N GLN A 63 -6.15 -4.41 -40.77
CA GLN A 63 -6.10 -5.04 -42.08
C GLN A 63 -6.63 -4.14 -43.20
N ALA A 64 -7.47 -3.15 -42.87
CA ALA A 64 -7.85 -2.13 -43.85
C ALA A 64 -6.61 -1.40 -44.33
N ALA A 65 -5.81 -0.91 -43.38
CA ALA A 65 -4.57 -0.22 -43.70
C ALA A 65 -3.67 -1.13 -44.55
N MET A 66 -3.61 -2.42 -44.20
CA MET A 66 -2.73 -3.33 -44.93
C MET A 66 -3.20 -3.55 -46.36
N GLN A 67 -4.53 -3.49 -46.58
CA GLN A 67 -5.03 -3.57 -47.95
C GLN A 67 -4.68 -2.30 -48.73
N MET A 68 -4.87 -1.13 -48.10
CA MET A 68 -4.45 0.11 -48.76
C MET A 68 -2.97 0.06 -49.12
N LEU A 69 -2.15 -0.48 -48.21
CA LEU A 69 -0.72 -0.60 -48.45
C LEU A 69 -0.46 -1.48 -49.67
N LYS A 70 -1.18 -2.60 -49.79
CA LYS A 70 -1.03 -3.42 -50.99
C LYS A 70 -1.33 -2.62 -52.24
N GLU A 71 -2.39 -1.81 -52.20
CA GLU A 71 -2.73 -0.96 -53.34
C GLU A 71 -1.59 0.00 -53.71
N THR A 72 -1.03 0.68 -52.72
CA THR A 72 0.08 1.62 -52.99
C THR A 72 1.28 0.89 -53.56
N ILE A 73 1.62 -0.27 -52.99
CA ILE A 73 2.76 -1.04 -53.48
C ILE A 73 2.54 -1.39 -54.95
N ASN A 74 1.31 -1.78 -55.31
CA ASN A 74 1.05 -2.12 -56.70
C ASN A 74 1.15 -0.90 -57.60
N GLU A 75 0.82 0.28 -57.07
CA GLU A 75 0.97 1.50 -57.87
C GLU A 75 2.44 1.78 -58.17
N GLU A 76 3.29 1.59 -57.16
CA GLU A 76 4.73 1.81 -57.38
C GLU A 76 5.31 0.72 -58.27
N ALA A 77 4.84 -0.52 -58.15
CA ALA A 77 5.36 -1.59 -59.00
C ALA A 77 4.99 -1.35 -60.46
N ALA A 78 3.80 -0.80 -60.70
CA ALA A 78 3.40 -0.49 -62.07
C ALA A 78 4.24 0.65 -62.63
N GLU A 79 4.53 1.64 -61.79
CA GLU A 79 5.39 2.73 -62.25
C GLU A 79 6.82 2.24 -62.51
N TRP A 80 7.30 1.30 -61.69
CA TRP A 80 8.58 0.66 -61.95
C TRP A 80 8.59 -0.04 -63.30
N ASP A 81 7.54 -0.81 -63.60
CA ASP A 81 7.52 -1.50 -64.89
C ASP A 81 7.52 -0.49 -66.03
N ARG A 82 6.90 0.67 -65.80
CA ARG A 82 6.89 1.69 -66.84
C ARG A 82 8.28 2.29 -67.04
N LEU A 83 8.99 2.56 -65.93
CA LEU A 83 10.24 3.30 -65.97
C LEU A 83 11.41 2.44 -66.43
N HIS A 84 11.48 1.19 -65.98
CA HIS A 84 12.60 0.31 -66.26
C HIS A 84 12.10 -1.00 -66.85
N PRO A 85 11.60 -0.98 -68.09
CA PRO A 85 11.15 -2.22 -68.73
C PRO A 85 12.31 -3.19 -68.90
N VAL A 86 12.02 -4.49 -68.74
CA VAL A 86 13.00 -5.53 -68.97
C VAL A 86 12.42 -6.54 -69.94
N HIS A 87 13.30 -7.39 -70.47
CA HIS A 87 12.98 -8.34 -71.54
C HIS A 87 11.69 -9.14 -71.29
N ILE A 91 15.93 -15.08 -70.50
CA ILE A 91 17.20 -14.69 -69.90
C ILE A 91 18.32 -15.61 -70.38
N ALA A 92 19.55 -15.11 -70.29
CA ALA A 92 20.71 -15.90 -70.69
C ALA A 92 21.05 -16.93 -69.62
N PRO A 93 21.39 -18.15 -70.02
CA PRO A 93 21.69 -19.19 -69.01
C PRO A 93 22.94 -18.85 -68.21
N GLY A 94 22.92 -19.25 -66.94
CA GLY A 94 24.00 -18.93 -66.03
C GLY A 94 24.07 -17.47 -65.59
N GLN A 95 23.22 -16.61 -66.14
CA GLN A 95 23.20 -15.20 -65.80
C GLN A 95 21.92 -14.86 -65.06
N MET A 96 22.00 -13.84 -64.21
CA MET A 96 20.84 -13.36 -63.48
C MET A 96 20.08 -12.33 -64.32
N ARG A 97 18.82 -12.10 -63.94
CA ARG A 97 17.91 -11.24 -64.69
C ARG A 97 17.66 -9.96 -63.92
N GLU A 98 17.19 -8.95 -64.66
CA GLU A 98 16.85 -7.68 -64.02
C GLU A 98 15.46 -7.79 -63.38
N PRO A 99 15.28 -7.22 -62.19
CA PRO A 99 14.00 -7.34 -61.49
C PRO A 99 12.94 -6.36 -61.98
N ARG A 100 11.72 -6.87 -62.15
CA ARG A 100 10.58 -6.00 -62.40
C ARG A 100 9.85 -5.69 -61.11
N GLY A 101 8.78 -4.89 -61.23
CA GLY A 101 8.03 -4.45 -60.05
C GLY A 101 7.61 -5.56 -59.12
N SER A 102 6.99 -6.61 -59.65
CA SER A 102 6.54 -7.69 -58.78
C SER A 102 7.72 -8.46 -58.19
N ASP A 103 8.91 -8.33 -58.78
CA ASP A 103 10.11 -8.94 -58.23
C ASP A 103 10.62 -8.15 -57.02
N ILE A 104 10.58 -6.82 -57.09
CA ILE A 104 11.01 -5.99 -55.97
C ILE A 104 10.06 -6.18 -54.79
N ALA A 105 8.79 -6.42 -55.06
CA ALA A 105 7.78 -6.64 -54.02
C ALA A 105 7.76 -8.07 -53.51
N GLY A 106 8.63 -8.94 -54.03
CA GLY A 106 8.80 -10.26 -53.46
C GLY A 106 7.71 -11.26 -53.75
N THR A 107 6.83 -10.99 -54.73
CA THR A 107 5.75 -11.92 -55.02
C THR A 107 6.09 -12.90 -56.13
N THR A 108 7.08 -12.56 -56.97
CA THR A 108 7.50 -13.41 -58.06
C THR A 108 9.00 -13.68 -58.03
N SER A 109 9.68 -13.28 -56.97
CA SER A 109 11.12 -13.53 -56.82
C SER A 109 11.40 -14.45 -55.64
N THR A 110 12.48 -15.23 -55.78
CA THR A 110 12.93 -16.13 -54.74
C THR A 110 13.89 -15.39 -53.81
N LEU A 111 14.18 -16.00 -52.66
CA LEU A 111 15.15 -15.42 -51.74
C LEU A 111 16.51 -15.30 -52.41
N GLN A 112 16.95 -16.37 -53.08
CA GLN A 112 18.25 -16.37 -53.75
C GLN A 112 18.35 -15.28 -54.81
N GLU A 113 17.25 -15.05 -55.55
CA GLU A 113 17.23 -13.97 -56.54
C GLU A 113 17.40 -12.61 -55.87
N GLN A 114 16.73 -12.41 -54.73
CA GLN A 114 16.84 -11.15 -54.01
C GLN A 114 18.26 -10.92 -53.50
N ILE A 115 18.87 -11.98 -52.94
CA ILE A 115 20.25 -11.91 -52.49
C ILE A 115 21.19 -11.63 -53.66
N GLY A 116 20.97 -12.29 -54.80
CA GLY A 116 21.81 -12.06 -55.96
C GLY A 116 21.78 -10.62 -56.41
N TRP A 117 20.58 -10.05 -56.52
CA TRP A 117 20.48 -8.65 -56.92
C TRP A 117 21.15 -7.74 -55.89
N MET A 118 20.83 -7.93 -54.61
CA MET A 118 21.33 -7.06 -53.57
C MET A 118 22.85 -7.11 -53.40
N THR A 119 23.52 -8.20 -53.77
CA THR A 119 24.96 -8.33 -53.56
C THR A 119 25.75 -8.42 -54.85
N HIS A 120 25.12 -8.15 -56.00
CA HIS A 120 25.77 -8.15 -57.29
C HIS A 120 26.66 -6.91 -57.46
N ASN A 121 27.52 -6.96 -58.46
CA ASN A 121 28.37 -5.82 -58.82
C ASN A 121 28.17 -5.49 -60.29
N PRO A 122 27.41 -4.41 -60.62
CA PRO A 122 26.83 -3.47 -59.66
C PRO A 122 25.57 -4.03 -58.97
N PRO A 123 25.38 -3.61 -57.71
CA PRO A 123 24.22 -4.05 -56.92
C PRO A 123 22.92 -3.45 -57.43
N ILE A 124 21.85 -4.24 -57.42
CA ILE A 124 20.50 -3.75 -57.67
C ILE A 124 19.71 -3.78 -56.36
N PRO A 125 19.55 -2.62 -55.66
CA PRO A 125 19.07 -2.54 -54.26
C PRO A 125 17.57 -2.76 -54.10
N VAL A 126 17.11 -3.97 -54.40
CA VAL A 126 15.67 -4.25 -54.38
C VAL A 126 15.07 -4.07 -52.99
N GLY A 127 15.86 -4.30 -51.95
CA GLY A 127 15.34 -4.09 -50.60
C GLY A 127 15.03 -2.64 -50.27
N GLU A 128 15.93 -1.73 -50.66
CA GLU A 128 15.68 -0.30 -50.42
C GLU A 128 14.54 0.21 -51.28
N ILE A 129 14.41 -0.29 -52.51
CA ILE A 129 13.34 0.16 -53.39
C ILE A 129 12.00 -0.29 -52.82
N TYR A 130 11.92 -1.55 -52.39
CA TYR A 130 10.69 -2.04 -51.79
C TYR A 130 10.38 -1.27 -50.52
N LYS A 131 11.39 -1.02 -49.69
CA LYS A 131 11.16 -0.27 -48.45
C LYS A 131 10.63 1.13 -48.74
N ARG A 132 11.15 1.79 -49.78
CA ARG A 132 10.65 3.11 -50.15
C ARG A 132 9.18 3.06 -50.55
N TRP A 133 8.79 2.06 -51.35
CA TRP A 133 7.38 1.91 -51.71
C TRP A 133 6.53 1.68 -50.45
N ILE A 134 7.02 0.85 -49.53
CA ILE A 134 6.27 0.54 -48.32
C ILE A 134 6.09 1.78 -47.47
N ILE A 135 7.14 2.58 -47.33
CA ILE A 135 7.05 3.81 -46.55
C ILE A 135 6.15 4.84 -47.23
N LEU A 136 6.12 4.87 -48.56
CA LEU A 136 5.16 5.73 -49.26
C LEU A 136 3.72 5.38 -48.87
N GLY A 137 3.39 4.09 -48.88
CA GLY A 137 2.05 3.67 -48.49
C GLY A 137 1.78 3.93 -47.02
N LEU A 138 2.78 3.67 -46.17
CA LEU A 138 2.61 3.93 -44.75
C LEU A 138 2.37 5.41 -44.47
N ASN A 139 3.08 6.29 -45.17
CA ASN A 139 2.86 7.72 -44.98
C ASN A 139 1.43 8.09 -45.35
N LYS A 140 0.92 7.53 -46.44
CA LYS A 140 -0.49 7.76 -46.78
C LYS A 140 -1.42 7.32 -45.64
N ILE A 141 -1.14 6.16 -45.05
CA ILE A 141 -2.00 5.67 -43.98
C ILE A 141 -1.90 6.55 -42.74
N VAL A 142 -0.69 6.93 -42.35
CA VAL A 142 -0.48 7.84 -41.22
C VAL A 142 -1.26 9.14 -41.43
N ARG A 143 -1.17 9.72 -42.63
CA ARG A 143 -1.89 10.97 -42.89
C ARG A 143 -3.39 10.77 -42.76
N MET A 144 -3.89 9.67 -43.31
CA MET A 144 -5.33 9.42 -43.28
C MET A 144 -5.83 9.21 -41.85
N TYR A 145 -5.07 8.51 -41.01
CA TYR A 145 -5.57 8.20 -39.67
C TYR A 145 -5.27 9.32 -38.68
N SER A 146 -4.84 10.48 -39.17
CA SER A 146 -4.67 11.65 -38.33
C SER A 146 -6.03 12.14 -37.85
N PRO A 147 -6.23 12.34 -36.55
CA PRO A 147 -7.59 12.56 -36.05
C PRO A 147 -8.16 13.92 -36.38
N THR A 148 -7.35 14.98 -36.37
CA THR A 148 -7.86 16.33 -36.56
C THR A 148 -6.90 17.13 -37.44
N SER A 149 -7.46 18.11 -38.15
CA SER A 149 -6.69 18.94 -39.05
C SER A 149 -5.83 19.95 -38.26
N ILE A 150 -4.83 20.50 -38.95
CA ILE A 150 -3.97 21.50 -38.35
C ILE A 150 -4.70 22.83 -38.18
N LEU A 151 -5.73 23.06 -39.00
CA LEU A 151 -6.52 24.28 -38.88
C LEU A 151 -7.37 24.27 -37.62
N ASP A 152 -7.64 23.09 -37.07
CA ASP A 152 -8.47 22.90 -35.91
C ASP A 152 -7.68 22.72 -34.61
N ILE A 153 -6.35 22.79 -34.68
CA ILE A 153 -5.52 22.73 -33.48
C ILE A 153 -5.37 24.16 -32.95
N ARG A 154 -6.16 24.50 -31.95
CA ARG A 154 -6.13 25.82 -31.34
C ARG A 154 -5.98 25.70 -29.83
N GLN A 155 -5.20 26.61 -29.25
CA GLN A 155 -4.92 26.57 -27.83
C GLN A 155 -6.19 26.81 -27.03
N GLY A 156 -6.41 25.99 -26.00
CA GLY A 156 -7.53 26.18 -25.12
C GLY A 156 -7.30 27.31 -24.14
N PRO A 157 -8.38 27.71 -23.47
CA PRO A 157 -8.30 28.91 -22.60
C PRO A 157 -7.23 28.80 -21.52
N LYS A 158 -7.06 27.64 -20.91
CA LYS A 158 -6.07 27.45 -19.85
C LYS A 158 -5.02 26.41 -20.24
N GLU A 159 -4.86 26.14 -21.52
CA GLU A 159 -3.88 25.15 -21.96
C GLU A 159 -2.48 25.74 -21.94
N PRO A 160 -1.53 25.10 -21.25
CA PRO A 160 -0.14 25.57 -21.30
C PRO A 160 0.36 25.66 -22.74
N PHE A 161 1.06 26.75 -23.04
CA PHE A 161 1.56 26.97 -24.40
C PHE A 161 2.38 25.78 -24.90
N ARG A 162 3.21 25.19 -24.03
CA ARG A 162 4.07 24.08 -24.44
C ARG A 162 3.23 22.93 -24.96
N ASP A 163 2.13 22.61 -24.27
CA ASP A 163 1.27 21.50 -24.66
C ASP A 163 0.61 21.79 -26.01
N TYR A 164 0.25 23.05 -26.23
CA TYR A 164 -0.39 23.45 -27.48
C TYR A 164 0.59 23.32 -28.65
N VAL A 165 1.83 23.77 -28.47
CA VAL A 165 2.82 23.63 -29.53
C VAL A 165 3.11 22.15 -29.80
N ASP A 166 3.17 21.34 -28.73
CA ASP A 166 3.29 19.90 -28.90
C ASP A 166 2.20 19.35 -29.81
N ARG A 167 0.95 19.71 -29.53
CA ARG A 167 -0.16 19.22 -30.35
C ARG A 167 -0.05 19.73 -31.78
N PHE A 168 0.32 21.00 -31.93
CA PHE A 168 0.37 21.62 -33.25
C PHE A 168 1.37 20.89 -34.14
N TYR A 169 2.59 20.68 -33.65
CA TYR A 169 3.58 20.04 -34.52
C TYR A 169 3.38 18.53 -34.62
N LYS A 170 2.73 17.89 -33.65
CA LYS A 170 2.38 16.48 -33.84
C LYS A 170 1.35 16.33 -34.95
N THR A 171 0.37 17.24 -35.00
CA THR A 171 -0.62 17.19 -36.06
C THR A 171 0.05 17.52 -37.40
N LEU A 172 0.90 18.55 -37.43
CA LEU A 172 1.62 18.90 -38.67
C LEU A 172 2.45 17.72 -39.17
N ARG A 173 3.06 16.97 -38.26
CA ARG A 173 3.88 15.84 -38.71
C ARG A 173 3.00 14.80 -39.37
N ALA A 174 1.82 14.54 -38.79
CA ALA A 174 0.92 13.58 -39.42
C ALA A 174 0.39 14.10 -40.76
N GLU A 175 0.09 15.41 -40.85
CA GLU A 175 -0.49 15.98 -42.06
C GLU A 175 0.54 16.15 -43.17
N GLN A 176 1.82 16.28 -42.83
CA GLN A 176 2.89 16.35 -43.82
C GLN A 176 3.40 14.97 -44.21
N ALA A 177 2.57 13.94 -44.06
CA ALA A 177 2.96 12.57 -44.43
C ALA A 177 1.95 11.98 -45.41
N ALA A 184 4.49 23.92 -43.26
CA ALA A 184 5.93 23.88 -42.98
C ALA A 184 6.23 24.56 -41.66
N ALA A 185 7.11 25.57 -41.70
CA ALA A 185 7.41 26.39 -40.53
C ALA A 185 6.35 27.48 -40.35
N THR A 186 5.13 27.02 -40.10
CA THR A 186 3.97 27.92 -40.00
C THR A 186 3.86 28.44 -38.57
N GLU A 187 4.76 29.35 -38.25
CA GLU A 187 4.60 30.12 -37.02
C GLU A 187 3.43 31.09 -37.11
N THR A 188 3.01 31.46 -38.32
CA THR A 188 1.88 32.37 -38.44
C THR A 188 0.61 31.69 -37.97
N LEU A 189 0.35 30.46 -38.44
CA LEU A 189 -0.81 29.72 -37.95
C LEU A 189 -0.68 29.45 -36.46
N LEU A 190 0.55 29.17 -36.00
CA LEU A 190 0.81 28.93 -34.59
C LEU A 190 0.37 30.11 -33.75
N VAL A 191 0.71 31.33 -34.19
CA VAL A 191 0.30 32.52 -33.48
C VAL A 191 -1.20 32.72 -33.61
N GLN A 192 -1.71 32.59 -34.85
CA GLN A 192 -3.13 32.76 -35.10
C GLN A 192 -3.98 31.84 -34.23
N ASN A 193 -3.52 30.60 -34.02
CA ASN A 193 -4.30 29.63 -33.27
C ASN A 193 -4.01 29.68 -31.77
N ALA A 194 -3.04 30.48 -31.35
CA ALA A 194 -2.80 30.62 -29.91
C ALA A 194 -3.98 31.37 -29.30
N ASN A 195 -4.15 31.21 -27.99
CA ASN A 195 -5.23 31.90 -27.32
C ASN A 195 -4.90 33.39 -27.16
N PRO A 196 -5.93 34.23 -26.96
CA PRO A 196 -5.74 35.69 -27.04
C PRO A 196 -4.55 36.26 -26.26
N ASP A 197 -4.37 35.87 -24.99
CA ASP A 197 -3.26 36.39 -24.20
C ASP A 197 -1.93 36.08 -24.87
N CYS A 198 -1.70 34.80 -25.14
CA CYS A 198 -0.48 34.37 -25.82
C CYS A 198 -0.37 35.02 -27.19
N LYS A 199 -1.48 35.21 -27.89
CA LYS A 199 -1.41 35.83 -29.21
C LYS A 199 -0.92 37.26 -29.14
N THR A 200 -1.46 38.03 -28.18
CA THR A 200 -1.02 39.41 -27.99
C THR A 200 0.48 39.47 -27.68
N ILE A 201 0.93 38.63 -26.74
CA ILE A 201 2.34 38.59 -26.40
C ILE A 201 3.19 38.24 -27.62
N LEU A 202 2.81 37.19 -28.34
CA LEU A 202 3.63 36.76 -29.48
C LEU A 202 3.68 37.80 -30.58
N LYS A 203 2.54 38.44 -30.92
CA LYS A 203 2.63 39.48 -31.94
C LYS A 203 3.54 40.60 -31.48
N ALA A 204 3.48 40.96 -30.19
CA ALA A 204 4.34 42.03 -29.72
C ALA A 204 5.79 41.60 -29.72
N LEU A 205 6.06 40.30 -29.69
CA LEU A 205 7.45 39.83 -29.72
C LEU A 205 8.17 40.33 -30.96
N GLY A 206 7.49 40.31 -32.11
CA GLY A 206 8.07 40.77 -33.34
C GLY A 206 8.19 39.67 -34.37
N PRO A 207 8.46 40.04 -35.62
CA PRO A 207 8.70 39.03 -36.66
C PRO A 207 10.07 38.38 -36.49
N GLY A 208 10.22 37.24 -37.14
CA GLY A 208 11.48 36.51 -37.04
C GLY A 208 11.80 35.96 -35.67
N ALA A 209 10.78 35.77 -34.82
CA ALA A 209 11.02 35.19 -33.50
C ALA A 209 11.13 33.67 -33.63
N THR A 210 12.13 33.10 -32.98
CA THR A 210 12.26 31.65 -32.95
C THR A 210 11.21 31.03 -32.03
N LEU A 211 11.12 29.70 -32.09
CA LEU A 211 10.19 28.97 -31.25
C LEU A 211 10.55 29.07 -29.78
N GLU A 212 11.83 28.96 -29.43
CA GLU A 212 12.25 29.13 -28.04
C GLU A 212 11.74 30.45 -27.49
N GLU A 213 11.86 31.52 -28.28
CA GLU A 213 11.41 32.84 -27.83
C GLU A 213 9.90 32.85 -27.62
N MET A 214 9.15 32.28 -28.56
CA MET A 214 7.70 32.25 -28.45
C MET A 214 7.25 31.48 -27.21
N MET A 215 7.91 30.36 -26.92
CA MET A 215 7.52 29.53 -25.79
C MET A 215 7.95 30.14 -24.45
N THR A 216 9.13 30.74 -24.40
CA THR A 216 9.53 31.47 -23.20
C THR A 216 8.57 32.62 -22.93
N ALA A 217 8.20 33.36 -23.97
CA ALA A 217 7.29 34.48 -23.80
C ALA A 217 5.94 34.04 -23.22
N CYS A 218 5.60 32.76 -23.33
CA CYS A 218 4.25 32.27 -23.08
C CYS A 218 4.20 31.18 -22.02
N GLN A 219 5.25 31.02 -21.23
CA GLN A 219 5.24 29.99 -20.19
C GLN A 219 4.58 30.46 -18.91
N GLY A 220 4.02 31.66 -18.89
CA GLY A 220 3.38 32.20 -17.69
C GLY A 220 1.93 31.79 -17.55
N PRO B 1 25.34 2.06 -36.52
CA PRO B 1 26.58 2.79 -36.28
C PRO B 1 27.79 2.16 -36.98
N ILE B 2 28.86 2.94 -37.07
CA ILE B 2 30.14 2.45 -37.56
C ILE B 2 30.93 1.94 -36.37
N VAL B 3 31.36 0.68 -36.43
CA VAL B 3 32.01 -0.01 -35.33
C VAL B 3 33.27 -0.68 -35.83
N GLN B 4 33.96 -1.36 -34.92
CA GLN B 4 35.21 -2.03 -35.24
C GLN B 4 35.04 -3.55 -35.26
N MET B 10 36.75 -1.26 -39.61
CA MET B 10 35.62 -0.42 -39.26
C MET B 10 34.47 -0.60 -40.26
N VAL B 11 33.43 -1.29 -39.82
CA VAL B 11 32.29 -1.64 -40.66
C VAL B 11 31.03 -0.95 -40.14
N HIS B 12 30.05 -0.81 -41.02
CA HIS B 12 28.78 -0.21 -40.66
C HIS B 12 27.89 -1.31 -40.07
N GLN B 13 27.21 -1.00 -38.98
CA GLN B 13 26.23 -1.89 -38.39
C GLN B 13 24.84 -1.26 -38.26
N CYS B 14 23.82 -2.06 -38.54
CA CYS B 14 22.44 -1.64 -38.39
C CYS B 14 22.20 -1.23 -36.94
N ILE B 15 21.40 -0.17 -36.74
CA ILE B 15 21.04 0.19 -35.37
C ILE B 15 20.22 -0.93 -34.74
N SER B 16 20.54 -1.23 -33.42
CA SER B 16 19.97 -2.39 -32.76
C SER B 16 18.60 -2.08 -32.15
N PRO B 17 17.72 -3.09 -32.10
CA PRO B 17 16.45 -2.92 -31.39
C PRO B 17 16.61 -2.52 -29.93
N ARG B 18 17.64 -3.04 -29.26
CA ARG B 18 17.88 -2.65 -27.87
C ARG B 18 18.16 -1.16 -27.75
N THR B 19 19.03 -0.63 -28.61
CA THR B 19 19.34 0.79 -28.58
C THR B 19 18.12 1.64 -28.88
N LEU B 20 17.38 1.26 -29.94
CA LEU B 20 16.18 1.98 -30.32
C LEU B 20 15.19 2.05 -29.17
N ASN B 21 14.95 0.89 -28.53
CA ASN B 21 13.97 0.82 -27.46
C ASN B 21 14.48 1.59 -26.24
N ALA B 22 15.77 1.46 -25.92
CA ALA B 22 16.34 2.18 -24.79
C ALA B 22 16.10 3.68 -24.93
N TRP B 23 16.37 4.22 -26.12
CA TRP B 23 16.19 5.66 -26.33
C TRP B 23 14.73 6.06 -26.20
N VAL B 24 13.85 5.36 -26.94
CA VAL B 24 12.43 5.68 -26.87
C VAL B 24 11.93 5.63 -25.43
N LYS B 25 12.39 4.62 -24.66
CA LYS B 25 11.96 4.50 -23.26
C LYS B 25 12.52 5.59 -22.37
N VAL B 26 13.78 6.01 -22.57
CA VAL B 26 14.26 7.04 -21.66
C VAL B 26 13.51 8.34 -21.94
N VAL B 27 13.10 8.58 -23.18
CA VAL B 27 12.31 9.78 -23.44
C VAL B 27 10.90 9.62 -22.86
N GLU B 28 10.28 8.45 -23.03
CA GLU B 28 8.95 8.21 -22.45
C GLU B 28 8.95 8.33 -20.92
N GLU B 29 9.98 7.81 -20.25
CA GLU B 29 9.97 7.73 -18.79
C GLU B 29 10.55 8.95 -18.10
N LYS B 30 11.49 9.67 -18.73
CA LYS B 30 12.20 10.74 -18.06
C LYS B 30 12.04 12.10 -18.73
N ALA B 31 11.38 12.17 -19.87
CA ALA B 31 11.19 13.40 -20.66
C ALA B 31 12.56 14.05 -20.89
N PHE B 32 12.74 15.33 -20.58
CA PHE B 32 14.02 16.01 -20.73
C PHE B 32 14.70 16.35 -19.41
N SER B 33 14.60 15.44 -18.43
CA SER B 33 15.44 15.55 -17.26
C SER B 33 16.90 15.50 -17.74
N PRO B 34 17.83 16.19 -17.06
CA PRO B 34 19.19 16.30 -17.61
C PRO B 34 19.88 14.98 -17.87
N GLU B 35 19.60 13.94 -17.07
CA GLU B 35 20.34 12.69 -17.29
C GLU B 35 19.94 11.99 -18.58
N VAL B 36 18.98 12.55 -19.33
CA VAL B 36 18.62 11.98 -20.61
C VAL B 36 19.67 12.30 -21.67
N ILE B 37 20.34 13.45 -21.56
CA ILE B 37 21.37 13.76 -22.55
C ILE B 37 22.54 12.82 -22.50
N PRO B 38 23.13 12.45 -21.36
CA PRO B 38 24.21 11.46 -21.38
C PRO B 38 23.78 10.14 -21.99
N MET B 39 22.59 9.64 -21.64
CA MET B 39 22.12 8.39 -22.21
C MET B 39 22.10 8.45 -23.73
N PHE B 40 21.59 9.56 -24.29
CA PHE B 40 21.60 9.71 -25.74
C PHE B 40 23.01 9.56 -26.26
N SER B 41 23.95 10.25 -25.62
CA SER B 41 25.33 10.21 -26.06
C SER B 41 25.85 8.78 -25.99
N ALA B 42 25.49 8.06 -24.90
CA ALA B 42 25.94 6.68 -24.80
C ALA B 42 25.22 5.80 -25.82
N LEU B 43 23.89 5.98 -25.97
CA LEU B 43 23.18 5.18 -26.95
C LEU B 43 23.58 5.50 -28.38
N SER B 44 24.07 6.70 -28.65
CA SER B 44 24.50 7.07 -29.99
C SER B 44 26.00 6.95 -30.17
N CYS B 45 26.67 6.14 -29.36
CA CYS B 45 28.08 5.88 -29.54
C CYS B 45 28.33 5.30 -30.94
N GLY B 46 29.18 5.98 -31.72
CA GLY B 46 29.54 5.52 -33.05
C GLY B 46 28.49 5.75 -34.12
N ALA B 47 27.45 6.51 -33.81
CA ALA B 47 26.32 6.71 -34.71
C ALA B 47 26.72 7.51 -35.95
N THR B 48 26.20 7.11 -37.10
CA THR B 48 26.24 7.98 -38.26
C THR B 48 25.15 9.05 -38.11
N PRO B 49 25.19 10.10 -38.93
CA PRO B 49 24.08 11.08 -38.89
C PRO B 49 22.73 10.45 -39.19
N GLN B 50 22.69 9.50 -40.12
CA GLN B 50 21.47 8.75 -40.39
C GLN B 50 20.92 8.10 -39.13
N ASP B 51 21.81 7.45 -38.37
CA ASP B 51 21.41 6.79 -37.13
C ASP B 51 20.84 7.79 -36.14
N LEU B 52 21.48 8.95 -36.03
CA LEU B 52 21.01 9.99 -35.10
C LEU B 52 19.62 10.47 -35.49
N ASN B 53 19.41 10.70 -36.79
CA ASN B 53 18.09 11.09 -37.27
C ASN B 53 17.06 10.00 -36.99
N THR B 54 17.45 8.73 -37.16
CA THR B 54 16.55 7.64 -36.84
C THR B 54 16.11 7.70 -35.38
N MET B 55 17.07 7.85 -34.46
CA MET B 55 16.74 7.90 -33.05
C MET B 55 15.81 9.06 -32.73
N LEU B 56 16.13 10.25 -33.25
CA LEU B 56 15.26 11.40 -33.02
C LEU B 56 13.86 11.16 -33.58
N ASN B 57 13.75 10.62 -34.79
CA ASN B 57 12.44 10.45 -35.43
C ASN B 57 11.60 9.39 -34.74
N THR B 58 12.20 8.44 -34.04
CA THR B 58 11.40 7.43 -33.36
C THR B 58 10.72 7.99 -32.12
N VAL B 59 11.13 9.17 -31.67
CA VAL B 59 10.48 9.85 -30.56
C VAL B 59 9.11 10.34 -31.04
N GLY B 60 8.06 9.95 -30.33
CA GLY B 60 6.73 10.28 -30.80
C GLY B 60 6.17 11.57 -30.23
N GLY B 61 6.51 11.89 -28.99
CA GLY B 61 6.03 13.08 -28.34
C GLY B 61 6.96 14.27 -28.50
N HIS B 62 6.75 15.26 -27.64
CA HIS B 62 7.67 16.40 -27.46
C HIS B 62 8.04 17.07 -28.78
N GLN B 63 7.07 17.21 -29.70
CA GLN B 63 7.39 17.73 -31.02
C GLN B 63 7.76 19.21 -31.00
N ALA B 64 7.33 19.94 -29.98
CA ALA B 64 7.81 21.30 -29.77
C ALA B 64 9.32 21.30 -29.57
N ALA B 65 9.79 20.45 -28.65
CA ALA B 65 11.22 20.33 -28.41
C ALA B 65 11.94 19.95 -29.68
N MET B 66 11.38 19.04 -30.47
CA MET B 66 12.06 18.59 -31.69
C MET B 66 12.12 19.69 -32.75
N GLN B 67 11.12 20.58 -32.78
CA GLN B 67 11.21 21.72 -33.70
C GLN B 67 12.29 22.68 -33.23
N MET B 68 12.32 22.95 -31.92
CA MET B 68 13.38 23.77 -31.33
C MET B 68 14.75 23.21 -31.67
N LEU B 69 14.88 21.87 -31.56
CA LEU B 69 16.14 21.20 -31.86
C LEU B 69 16.54 21.40 -33.32
N LYS B 70 15.59 21.25 -34.24
CA LYS B 70 15.87 21.52 -35.65
C LYS B 70 16.36 22.95 -35.87
N GLU B 71 15.74 23.92 -35.19
CA GLU B 71 16.18 25.32 -35.29
C GLU B 71 17.63 25.47 -34.87
N THR B 72 17.98 24.88 -33.72
CA THR B 72 19.35 24.97 -33.23
C THR B 72 20.31 24.30 -34.20
N ILE B 73 19.92 23.14 -34.74
CA ILE B 73 20.76 22.42 -35.70
C ILE B 73 21.03 23.32 -36.91
N ASN B 74 20.00 24.04 -37.39
CA ASN B 74 20.23 24.92 -38.55
C ASN B 74 21.18 26.06 -38.19
N GLU B 75 21.14 26.51 -36.94
CA GLU B 75 22.08 27.56 -36.54
C GLU B 75 23.51 27.04 -36.56
N GLU B 76 23.70 25.81 -36.07
CA GLU B 76 25.03 25.23 -36.08
C GLU B 76 25.50 24.91 -37.50
N ALA B 77 24.57 24.48 -38.36
CA ALA B 77 24.92 24.18 -39.75
C ALA B 77 25.33 25.45 -40.49
N ALA B 78 24.67 26.57 -40.17
CA ALA B 78 25.02 27.83 -40.78
C ALA B 78 26.39 28.28 -40.31
N GLU B 79 26.71 28.09 -39.03
CA GLU B 79 28.05 28.45 -38.58
C GLU B 79 29.12 27.56 -39.19
N TRP B 80 28.83 26.26 -39.38
CA TRP B 80 29.77 25.40 -40.09
C TRP B 80 30.02 25.91 -41.50
N ASP B 81 28.95 26.22 -42.25
CA ASP B 81 29.15 26.71 -43.60
C ASP B 81 29.89 28.04 -43.62
N ARG B 82 29.66 28.88 -42.60
CA ARG B 82 30.33 30.17 -42.54
C ARG B 82 31.82 30.01 -42.28
N LEU B 83 32.21 29.05 -41.43
CA LEU B 83 33.62 28.90 -41.07
C LEU B 83 34.36 27.86 -41.90
N HIS B 84 33.66 26.89 -42.48
CA HIS B 84 34.27 25.87 -43.34
C HIS B 84 33.55 25.84 -44.68
N PRO B 85 33.72 26.89 -45.51
CA PRO B 85 33.11 26.94 -46.84
C PRO B 85 33.59 25.83 -47.76
N ALA B 92 37.36 16.63 -58.67
CA ALA B 92 38.00 15.35 -58.35
C ALA B 92 37.02 14.20 -58.55
N PRO B 93 36.83 13.78 -59.80
CA PRO B 93 35.89 12.68 -60.07
C PRO B 93 36.28 11.39 -59.38
N GLY B 94 35.47 10.96 -58.41
CA GLY B 94 35.73 9.75 -57.67
C GLY B 94 36.24 10.02 -56.27
N ARG B 97 33.92 14.49 -51.71
CA ARG B 97 33.57 15.90 -51.54
C ARG B 97 33.65 16.33 -50.08
N GLU B 98 33.76 17.66 -49.85
CA GLU B 98 33.81 18.21 -48.51
C GLU B 98 32.38 18.32 -47.96
N PRO B 99 32.16 18.01 -46.68
CA PRO B 99 30.80 18.05 -46.15
C PRO B 99 30.39 19.47 -45.80
N ARG B 100 29.18 19.85 -46.20
CA ARG B 100 28.62 21.11 -45.74
C ARG B 100 27.72 20.85 -44.52
N GLY B 101 27.16 21.93 -43.96
CA GLY B 101 26.32 21.81 -42.77
C GLY B 101 25.21 20.78 -42.92
N SER B 102 24.42 20.88 -43.99
CA SER B 102 23.29 19.96 -44.19
C SER B 102 23.75 18.54 -44.47
N ASP B 103 25.02 18.35 -44.86
CA ASP B 103 25.57 17.01 -45.05
C ASP B 103 25.86 16.35 -43.71
N ILE B 104 26.41 17.10 -42.75
CA ILE B 104 26.68 16.57 -41.43
C ILE B 104 25.39 16.22 -40.71
N ALA B 105 24.33 16.98 -40.98
CA ALA B 105 23.02 16.74 -40.39
C ALA B 105 22.24 15.67 -41.14
N GLY B 106 22.83 15.09 -42.17
CA GLY B 106 22.26 13.94 -42.84
C GLY B 106 21.08 14.24 -43.72
N THR B 107 20.85 15.51 -44.07
CA THR B 107 19.71 15.86 -44.90
C THR B 107 20.06 15.94 -46.38
N THR B 108 21.34 16.14 -46.72
CA THR B 108 21.77 16.20 -48.10
C THR B 108 22.91 15.23 -48.38
N SER B 109 23.23 14.36 -47.43
CA SER B 109 24.26 13.35 -47.60
C SER B 109 23.67 11.95 -47.53
N THR B 110 24.28 11.03 -48.26
CA THR B 110 23.86 9.64 -48.24
C THR B 110 24.59 8.91 -47.11
N LEU B 111 24.12 7.71 -46.78
CA LEU B 111 24.79 6.90 -45.78
C LEU B 111 26.24 6.61 -46.20
N GLN B 112 26.44 6.22 -47.46
CA GLN B 112 27.77 5.89 -47.96
C GLN B 112 28.74 7.06 -47.83
N GLU B 113 28.27 8.29 -48.10
CA GLU B 113 29.11 9.47 -47.92
C GLU B 113 29.51 9.65 -46.46
N GLN B 114 28.57 9.44 -45.55
CA GLN B 114 28.84 9.56 -44.13
C GLN B 114 29.87 8.53 -43.69
N ILE B 115 29.73 7.30 -44.17
CA ILE B 115 30.72 6.25 -43.89
C ILE B 115 32.09 6.64 -44.43
N GLY B 116 32.12 7.20 -45.64
CA GLY B 116 33.40 7.62 -46.19
C GLY B 116 34.08 8.67 -45.32
N TRP B 117 33.34 9.69 -44.91
CA TRP B 117 33.94 10.71 -44.04
C TRP B 117 34.38 10.12 -42.70
N MET B 118 33.48 9.37 -42.03
CA MET B 118 33.82 8.89 -40.69
C MET B 118 34.96 7.87 -40.71
N THR B 119 35.14 7.15 -41.81
CA THR B 119 36.16 6.09 -41.96
C THR B 119 37.08 6.59 -43.07
N HIS B 120 38.13 7.30 -42.68
CA HIS B 120 39.12 7.83 -43.62
C HIS B 120 40.36 8.20 -42.82
N ASN B 121 41.46 8.43 -43.53
CA ASN B 121 42.69 8.89 -42.90
C ASN B 121 43.13 10.16 -43.61
N PRO B 122 42.92 11.34 -42.97
CA PRO B 122 42.37 11.53 -41.63
C PRO B 122 40.84 11.36 -41.53
N PRO B 123 40.33 10.89 -40.39
CA PRO B 123 38.88 10.71 -40.25
C PRO B 123 38.16 12.06 -40.22
N ILE B 124 37.00 12.12 -40.87
CA ILE B 124 36.15 13.30 -40.76
C ILE B 124 34.91 12.96 -39.93
N PRO B 125 34.89 13.32 -38.65
CA PRO B 125 33.87 12.82 -37.69
C PRO B 125 32.50 13.47 -37.84
N VAL B 126 31.84 13.26 -38.98
CA VAL B 126 30.57 13.95 -39.20
C VAL B 126 29.54 13.52 -38.17
N GLY B 127 29.65 12.27 -37.68
CA GLY B 127 28.74 11.80 -36.64
C GLY B 127 28.93 12.53 -35.33
N GLU B 128 30.17 12.74 -34.92
CA GLU B 128 30.44 13.46 -33.68
C GLU B 128 30.06 14.94 -33.80
N ILE B 129 30.26 15.53 -34.97
CA ILE B 129 29.91 16.94 -35.17
C ILE B 129 28.40 17.12 -35.09
N TYR B 130 27.66 16.24 -35.78
CA TYR B 130 26.20 16.31 -35.72
C TYR B 130 25.72 16.07 -34.30
N LYS B 131 26.31 15.08 -33.61
CA LYS B 131 25.90 14.81 -32.23
C LYS B 131 26.14 16.00 -31.33
N ARG B 132 27.26 16.72 -31.54
CA ARG B 132 27.52 17.92 -30.76
C ARG B 132 26.46 18.98 -30.97
N TRP B 133 26.07 19.22 -32.23
CA TRP B 133 24.99 20.18 -32.49
C TRP B 133 23.69 19.73 -31.79
N ILE B 134 23.40 18.44 -31.87
CA ILE B 134 22.17 17.90 -31.29
C ILE B 134 22.17 18.04 -29.78
N ILE B 135 23.31 17.77 -29.13
CA ILE B 135 23.40 17.89 -27.68
C ILE B 135 23.32 19.35 -27.24
N LEU B 136 23.86 20.28 -28.02
CA LEU B 136 23.69 21.69 -27.72
C LEU B 136 22.20 22.05 -27.66
N GLY B 137 21.45 21.59 -28.67
CA GLY B 137 20.01 21.87 -28.68
C GLY B 137 19.26 21.17 -27.56
N LEU B 138 19.63 19.92 -27.27
CA LEU B 138 18.96 19.20 -26.18
C LEU B 138 19.21 19.88 -24.84
N ASN B 139 20.43 20.34 -24.60
CA ASN B 139 20.72 21.05 -23.35
C ASN B 139 19.86 22.29 -23.25
N LYS B 140 19.70 22.99 -24.38
CA LYS B 140 18.79 24.14 -24.41
C LYS B 140 17.37 23.75 -24.01
N ILE B 141 16.90 22.59 -24.49
CA ILE B 141 15.53 22.15 -24.18
C ILE B 141 15.41 21.83 -22.69
N VAL B 142 16.39 21.12 -22.14
CA VAL B 142 16.45 20.83 -20.71
C VAL B 142 16.38 22.12 -19.91
N ARG B 143 17.13 23.13 -20.33
CA ARG B 143 17.10 24.40 -19.63
C ARG B 143 15.70 24.98 -19.67
N MET B 144 15.03 24.86 -20.82
CA MET B 144 13.71 25.46 -20.94
C MET B 144 12.73 24.76 -19.99
N TYR B 145 12.83 23.43 -19.87
CA TYR B 145 11.86 22.65 -19.08
C TYR B 145 12.24 22.54 -17.61
N SER B 146 13.25 23.25 -17.14
CA SER B 146 13.52 23.32 -15.71
C SER B 146 12.43 24.16 -15.05
N PRO B 147 11.63 23.59 -14.14
CA PRO B 147 10.43 24.30 -13.68
C PRO B 147 10.71 25.49 -12.78
N THR B 148 11.84 25.50 -12.08
CA THR B 148 12.14 26.58 -11.14
C THR B 148 13.59 27.02 -11.30
N SER B 149 13.82 28.30 -11.05
CA SER B 149 15.18 28.82 -11.04
C SER B 149 15.85 28.54 -9.70
N ILE B 150 17.19 28.57 -9.71
CA ILE B 150 17.95 28.27 -8.50
C ILE B 150 17.68 29.29 -7.40
N LEU B 151 17.26 30.50 -7.75
CA LEU B 151 16.93 31.48 -6.73
C LEU B 151 15.73 31.06 -5.91
N ASP B 152 14.88 30.18 -6.45
CA ASP B 152 13.66 29.73 -5.79
C ASP B 152 13.83 28.37 -5.12
N ILE B 153 15.02 27.78 -5.16
CA ILE B 153 15.30 26.53 -4.47
C ILE B 153 15.78 26.91 -3.08
N ARG B 154 14.87 26.84 -2.11
CA ARG B 154 15.15 27.17 -0.73
C ARG B 154 14.75 26.04 0.20
N GLN B 155 15.55 25.81 1.23
CA GLN B 155 15.31 24.71 2.15
C GLN B 155 14.02 24.98 2.91
N GLY B 156 13.17 23.97 3.03
CA GLY B 156 11.95 24.12 3.81
C GLY B 156 12.22 24.05 5.30
N PRO B 157 11.24 24.50 6.10
CA PRO B 157 11.46 24.56 7.56
C PRO B 157 11.78 23.21 8.17
N LYS B 158 11.02 22.17 7.81
CA LYS B 158 11.27 20.82 8.29
C LYS B 158 11.93 19.95 7.22
N GLU B 159 12.56 20.57 6.21
CA GLU B 159 13.13 19.76 5.12
C GLU B 159 14.54 19.31 5.48
N PRO B 160 14.80 18.01 5.43
CA PRO B 160 16.16 17.50 5.65
C PRO B 160 17.17 18.17 4.72
N PHE B 161 18.33 18.54 5.28
CA PHE B 161 19.37 19.21 4.51
C PHE B 161 19.70 18.43 3.24
N ARG B 162 19.76 17.09 3.35
CA ARG B 162 20.12 16.28 2.19
C ARG B 162 19.14 16.49 1.05
N ASP B 163 17.83 16.54 1.36
CA ASP B 163 16.82 16.70 0.33
C ASP B 163 16.92 18.07 -0.33
N TYR B 164 17.24 19.09 0.47
CA TYR B 164 17.38 20.44 -0.06
C TYR B 164 18.58 20.53 -1.00
N VAL B 165 19.71 19.94 -0.59
CA VAL B 165 20.88 19.94 -1.47
C VAL B 165 20.62 19.14 -2.75
N ASP B 166 19.90 18.01 -2.63
CA ASP B 166 19.48 17.28 -3.83
C ASP B 166 18.72 18.17 -4.79
N ARG B 167 17.71 18.89 -4.30
CA ARG B 167 16.92 19.75 -5.17
C ARG B 167 17.78 20.87 -5.73
N PHE B 168 18.65 21.43 -4.89
CA PHE B 168 19.46 22.57 -5.28
C PHE B 168 20.36 22.20 -6.44
N TYR B 169 21.09 21.10 -6.33
CA TYR B 169 22.00 20.74 -7.41
C TYR B 169 21.29 20.11 -8.60
N LYS B 170 20.11 19.50 -8.43
CA LYS B 170 19.38 19.06 -9.61
C LYS B 170 18.93 20.26 -10.42
N THR B 171 18.48 21.31 -9.74
CA THR B 171 18.08 22.53 -10.44
C THR B 171 19.29 23.20 -11.07
N LEU B 172 20.40 23.28 -10.31
CA LEU B 172 21.62 23.88 -10.84
C LEU B 172 22.05 23.15 -12.11
N ARG B 173 21.91 21.82 -12.11
CA ARG B 173 22.29 21.02 -13.27
C ARG B 173 21.40 21.32 -14.46
N ALA B 174 20.10 21.46 -14.22
CA ALA B 174 19.19 21.79 -15.32
C ALA B 174 19.45 23.20 -15.87
N GLU B 175 19.81 24.15 -14.99
CA GLU B 175 20.05 25.52 -15.46
C GLU B 175 21.45 25.72 -16.04
N GLN B 176 22.37 24.78 -15.84
CA GLN B 176 23.73 24.88 -16.35
C GLN B 176 24.02 23.76 -17.35
N ALA B 177 23.06 23.48 -18.22
CA ALA B 177 23.23 22.48 -19.27
C ALA B 177 23.97 23.13 -20.43
N SER B 178 25.23 22.74 -20.62
CA SER B 178 26.09 23.39 -21.59
C SER B 178 26.15 22.61 -22.91
N ALA B 185 32.22 28.46 -6.07
CA ALA B 185 31.66 28.41 -4.72
C ALA B 185 30.14 28.26 -4.77
N THR B 186 29.67 27.12 -5.26
CA THR B 186 28.23 26.85 -5.33
C THR B 186 27.62 26.57 -3.99
N GLU B 187 28.37 26.75 -2.90
CA GLU B 187 27.89 26.54 -1.54
C GLU B 187 27.75 27.86 -0.77
N THR B 188 27.56 28.98 -1.48
CA THR B 188 27.18 30.23 -0.82
C THR B 188 25.68 30.48 -0.94
N LEU B 189 25.15 30.33 -2.16
CA LEU B 189 23.71 30.45 -2.34
C LEU B 189 23.03 29.35 -1.55
N LEU B 190 23.68 28.19 -1.50
CA LEU B 190 23.19 27.04 -0.75
C LEU B 190 22.99 27.41 0.71
N VAL B 191 23.94 28.13 1.30
CA VAL B 191 23.79 28.53 2.71
C VAL B 191 22.69 29.57 2.83
N GLN B 192 22.71 30.59 1.96
CA GLN B 192 21.68 31.63 2.02
C GLN B 192 20.27 31.05 1.91
N ASN B 193 20.08 30.03 1.08
CA ASN B 193 18.76 29.49 0.84
C ASN B 193 18.39 28.39 1.83
N ALA B 194 19.33 27.97 2.66
CA ALA B 194 19.04 26.98 3.70
C ALA B 194 18.13 27.60 4.76
N ASN B 195 17.44 26.73 5.50
CA ASN B 195 16.57 27.21 6.55
C ASN B 195 17.40 27.68 7.76
N PRO B 196 16.87 28.61 8.56
CA PRO B 196 17.69 29.23 9.62
C PRO B 196 18.41 28.24 10.53
N ASP B 197 17.69 27.22 11.00
CA ASP B 197 18.26 26.22 11.90
C ASP B 197 19.57 25.66 11.36
N CYS B 198 19.65 25.48 10.04
CA CYS B 198 20.84 24.95 9.40
C CYS B 198 21.79 26.05 8.94
N LYS B 199 21.25 27.21 8.58
CA LYS B 199 22.08 28.32 8.14
C LYS B 199 23.05 28.76 9.22
N THR B 200 22.57 28.87 10.46
CA THR B 200 23.46 29.27 11.56
C THR B 200 24.62 28.29 11.72
N ILE B 201 24.34 26.99 11.72
CA ILE B 201 25.39 25.97 11.82
C ILE B 201 26.39 26.11 10.68
N LEU B 202 25.88 26.25 9.45
CA LEU B 202 26.78 26.36 8.29
C LEU B 202 27.64 27.60 8.40
N LYS B 203 27.05 28.71 8.82
CA LYS B 203 27.82 29.94 8.99
C LYS B 203 28.91 29.73 10.02
N ALA B 204 28.60 29.00 11.09
CA ALA B 204 29.60 28.74 12.13
C ALA B 204 30.69 27.78 11.68
N LEU B 205 30.44 26.95 10.66
CA LEU B 205 31.48 26.03 10.21
C LEU B 205 32.74 26.77 9.77
N GLY B 206 32.59 27.95 9.17
CA GLY B 206 33.72 28.73 8.74
C GLY B 206 33.96 28.66 7.25
N PRO B 207 35.00 29.34 6.79
CA PRO B 207 35.29 29.36 5.35
C PRO B 207 36.05 28.12 4.90
N GLY B 208 35.66 27.60 3.75
CA GLY B 208 36.33 26.47 3.15
C GLY B 208 35.76 25.10 3.50
N ALA B 209 34.54 25.05 4.02
CA ALA B 209 33.94 23.78 4.39
C ALA B 209 33.52 23.00 3.15
N THR B 210 33.83 21.71 3.12
CA THR B 210 33.37 20.88 2.02
C THR B 210 31.88 20.61 2.15
N LEU B 211 31.30 20.02 1.09
CA LEU B 211 29.89 19.68 1.14
C LEU B 211 29.61 18.58 2.15
N GLU B 212 30.45 17.54 2.18
CA GLU B 212 30.30 16.49 3.19
C GLU B 212 30.25 17.07 4.60
N GLU B 213 31.12 18.02 4.90
CA GLU B 213 31.14 18.63 6.23
C GLU B 213 29.84 19.39 6.49
N MET B 214 29.39 20.15 5.49
CA MET B 214 28.14 20.91 5.63
C MET B 214 26.95 19.99 5.88
N MET B 215 26.91 18.87 5.17
CA MET B 215 25.78 17.95 5.28
C MET B 215 25.80 17.20 6.60
N THR B 216 26.98 16.77 7.04
CA THR B 216 27.11 16.18 8.38
C THR B 216 26.70 17.15 9.47
N ALA B 217 27.15 18.41 9.37
CA ALA B 217 26.82 19.40 10.39
C ALA B 217 25.32 19.59 10.56
N CYS B 218 24.56 19.42 9.47
CA CYS B 218 23.12 19.59 9.49
C CYS B 218 22.38 18.26 9.35
N GLN B 219 22.95 17.19 9.90
CA GLN B 219 22.33 15.87 9.82
C GLN B 219 21.40 15.63 10.99
N PRO C 1 33.85 0.09 -23.29
CA PRO C 1 35.06 -0.26 -22.54
C PRO C 1 36.23 -0.61 -23.44
N ILE C 2 37.27 -1.18 -22.84
CA ILE C 2 38.41 -1.74 -23.57
C ILE C 2 38.37 -3.25 -23.36
N VAL C 3 38.20 -4.00 -24.45
CA VAL C 3 37.96 -5.43 -24.39
C VAL C 3 38.91 -6.15 -25.34
N GLN C 4 39.38 -7.33 -24.93
CA GLN C 4 40.23 -8.15 -25.76
C GLN C 4 39.41 -9.06 -26.67
N GLN C 7 41.64 -11.29 -33.25
CA GLN C 7 43.09 -11.11 -33.13
C GLN C 7 43.54 -11.30 -31.69
N GLY C 8 42.62 -11.13 -30.75
CA GLY C 8 42.94 -11.33 -29.35
C GLY C 8 43.64 -10.18 -28.67
N GLN C 9 43.42 -8.95 -29.14
CA GLN C 9 43.99 -7.76 -28.52
C GLN C 9 42.87 -6.81 -28.10
N MET C 10 43.26 -5.77 -27.38
CA MET C 10 42.30 -4.88 -26.74
C MET C 10 41.86 -3.77 -27.68
N VAL C 11 40.54 -3.62 -27.84
CA VAL C 11 39.94 -2.58 -28.66
C VAL C 11 38.89 -1.85 -27.81
N HIS C 12 38.46 -0.69 -28.30
CA HIS C 12 37.42 0.06 -27.62
C HIS C 12 36.08 -0.46 -28.12
N GLN C 13 35.15 -0.68 -27.19
CA GLN C 13 33.77 -1.04 -27.49
C GLN C 13 32.75 -0.08 -26.90
N CYS C 14 31.71 0.20 -27.68
CA CYS C 14 30.61 1.05 -27.22
C CYS C 14 30.00 0.44 -25.96
N ILE C 15 29.63 1.30 -25.01
CA ILE C 15 28.92 0.81 -23.83
C ILE C 15 27.54 0.26 -24.22
N SER C 16 27.17 -0.90 -23.59
CA SER C 16 25.96 -1.58 -24.04
C SER C 16 24.72 -1.01 -23.34
N PRO C 17 23.57 -1.03 -24.02
CA PRO C 17 22.32 -0.63 -23.35
C PRO C 17 22.03 -1.42 -22.08
N ARG C 18 22.36 -2.72 -22.08
CA ARG C 18 22.15 -3.53 -20.88
C ARG C 18 22.96 -3.02 -19.69
N THR C 19 24.24 -2.72 -19.89
CA THR C 19 25.05 -2.22 -18.78
C THR C 19 24.53 -0.88 -18.27
N LEU C 20 24.24 0.04 -19.19
CA LEU C 20 23.71 1.35 -18.83
C LEU C 20 22.42 1.20 -18.01
N ASN C 21 21.52 0.35 -18.50
CA ASN C 21 20.23 0.19 -17.84
C ASN C 21 20.41 -0.50 -16.50
N ALA C 22 21.28 -1.51 -16.42
CA ALA C 22 21.55 -2.20 -15.18
C ALA C 22 21.99 -1.21 -14.11
N TRP C 23 22.92 -0.31 -14.48
CA TRP C 23 23.44 0.67 -13.51
C TRP C 23 22.34 1.64 -13.09
N VAL C 24 21.66 2.25 -14.06
CA VAL C 24 20.57 3.19 -13.74
C VAL C 24 19.52 2.52 -12.85
N LYS C 25 19.19 1.26 -13.13
CA LYS C 25 18.20 0.53 -12.35
C LYS C 25 18.71 0.23 -10.94
N VAL C 26 19.97 -0.16 -10.83
CA VAL C 26 20.52 -0.47 -9.51
C VAL C 26 20.51 0.77 -8.64
N VAL C 27 20.80 1.93 -9.22
CA VAL C 27 20.78 3.16 -8.43
C VAL C 27 19.35 3.54 -8.05
N GLU C 28 18.41 3.41 -8.99
CA GLU C 28 17.01 3.68 -8.68
C GLU C 28 16.46 2.77 -7.58
N GLU C 29 16.83 1.49 -7.61
CA GLU C 29 16.25 0.49 -6.73
C GLU C 29 16.95 0.35 -5.39
N LYS C 30 18.25 0.65 -5.31
CA LYS C 30 19.03 0.35 -4.12
C LYS C 30 19.65 1.58 -3.47
N ALA C 31 19.54 2.76 -4.10
CA ALA C 31 20.12 4.03 -3.63
C ALA C 31 21.62 3.82 -3.37
N PHE C 32 22.13 4.19 -2.19
CA PHE C 32 23.53 3.96 -1.83
C PHE C 32 23.71 2.90 -0.75
N SER C 33 22.91 1.84 -0.79
CA SER C 33 23.20 0.67 0.01
C SER C 33 24.57 0.15 -0.40
N PRO C 34 25.34 -0.45 0.52
CA PRO C 34 26.74 -0.78 0.17
C PRO C 34 26.87 -1.67 -1.05
N GLU C 35 25.91 -2.56 -1.29
CA GLU C 35 26.00 -3.50 -2.40
C GLU C 35 25.83 -2.83 -3.76
N VAL C 36 25.65 -1.50 -3.79
CA VAL C 36 25.68 -0.78 -5.06
C VAL C 36 27.11 -0.63 -5.57
N ILE C 37 28.10 -0.59 -4.67
CA ILE C 37 29.48 -0.38 -5.12
C ILE C 37 30.03 -1.61 -5.84
N PRO C 38 29.86 -2.84 -5.34
CA PRO C 38 30.30 -4.00 -6.14
C PRO C 38 29.68 -4.01 -7.53
N MET C 39 28.36 -3.80 -7.62
CA MET C 39 27.69 -3.84 -8.91
C MET C 39 28.33 -2.86 -9.87
N PHE C 40 28.60 -1.64 -9.39
CA PHE C 40 29.25 -0.62 -10.21
C PHE C 40 30.59 -1.12 -10.72
N SER C 41 31.38 -1.71 -9.81
CA SER C 41 32.71 -2.16 -10.21
C SER C 41 32.58 -3.21 -11.30
N ALA C 42 31.60 -4.10 -11.17
CA ALA C 42 31.43 -5.11 -12.21
C ALA C 42 30.90 -4.48 -13.49
N LEU C 43 29.92 -3.57 -13.38
CA LEU C 43 29.40 -2.93 -14.59
C LEU C 43 30.44 -2.05 -15.26
N SER C 44 31.42 -1.54 -14.51
CA SER C 44 32.47 -0.73 -15.10
C SER C 44 33.73 -1.52 -15.36
N CYS C 45 33.60 -2.84 -15.49
CA CYS C 45 34.72 -3.69 -15.88
C CYS C 45 35.29 -3.24 -17.22
N GLY C 46 36.58 -2.89 -17.24
CA GLY C 46 37.25 -2.49 -18.44
C GLY C 46 36.93 -1.08 -18.91
N ALA C 47 36.24 -0.30 -18.09
CA ALA C 47 35.78 1.02 -18.48
C ALA C 47 36.93 2.00 -18.67
N THR C 48 36.83 2.82 -19.70
CA THR C 48 37.68 4.01 -19.80
C THR C 48 37.13 5.08 -18.87
N PRO C 49 37.91 6.14 -18.59
CA PRO C 49 37.35 7.24 -17.79
C PRO C 49 36.12 7.85 -18.44
N GLN C 50 36.11 7.97 -19.76
CA GLN C 50 34.92 8.42 -20.47
C GLN C 50 33.71 7.57 -20.11
N ASP C 51 33.88 6.24 -20.14
CA ASP C 51 32.80 5.33 -19.78
C ASP C 51 32.34 5.53 -18.34
N LEU C 52 33.30 5.70 -17.42
CA LEU C 52 32.94 5.90 -16.02
C LEU C 52 32.13 7.17 -15.82
N ASN C 53 32.56 8.27 -16.46
CA ASN C 53 31.79 9.51 -16.40
C ASN C 53 30.42 9.34 -17.04
N THR C 54 30.33 8.61 -18.16
CA THR C 54 29.04 8.34 -18.78
C THR C 54 28.10 7.64 -17.80
N MET C 55 28.59 6.59 -17.15
CA MET C 55 27.78 5.82 -16.19
C MET C 55 27.31 6.70 -15.05
N LEU C 56 28.23 7.49 -14.47
CA LEU C 56 27.86 8.40 -13.39
C LEU C 56 26.81 9.41 -13.86
N ASN C 57 26.98 9.98 -15.05
CA ASN C 57 26.08 11.02 -15.53
C ASN C 57 24.68 10.50 -15.82
N THR C 58 24.52 9.20 -16.08
CA THR C 58 23.18 8.70 -16.35
C THR C 58 22.34 8.61 -15.09
N VAL C 59 22.96 8.76 -13.92
CA VAL C 59 22.20 8.82 -12.67
C VAL C 59 21.46 10.15 -12.61
N GLY C 60 20.15 10.11 -12.43
CA GLY C 60 19.39 11.33 -12.46
C GLY C 60 19.17 12.00 -11.13
N GLY C 61 19.04 11.21 -10.07
CA GLY C 61 18.82 11.72 -8.73
C GLY C 61 20.10 11.92 -7.96
N HIS C 62 19.96 12.03 -6.65
CA HIS C 62 21.07 12.01 -5.70
C HIS C 62 22.20 12.98 -6.05
N GLN C 63 21.85 14.18 -6.53
CA GLN C 63 22.87 15.09 -7.02
C GLN C 63 23.76 15.64 -5.91
N ALA C 64 23.27 15.63 -4.66
CA ALA C 64 24.14 15.93 -3.52
C ALA C 64 25.29 14.94 -3.46
N ALA C 65 24.96 13.65 -3.47
CA ALA C 65 25.98 12.61 -3.44
C ALA C 65 26.95 12.78 -4.61
N MET C 66 26.44 13.10 -5.81
CA MET C 66 27.33 13.21 -6.96
C MET C 66 28.25 14.43 -6.85
N GLN C 67 27.80 15.50 -6.21
CA GLN C 67 28.69 16.63 -5.98
C GLN C 67 29.76 16.24 -4.96
N MET C 68 29.33 15.53 -3.91
CA MET C 68 30.27 15.00 -2.91
C MET C 68 31.31 14.12 -3.60
N LEU C 69 30.87 13.31 -4.56
CA LEU C 69 31.76 12.43 -5.31
C LEU C 69 32.78 13.26 -6.09
N LYS C 70 32.32 14.34 -6.73
CA LYS C 70 33.24 15.25 -7.41
C LYS C 70 34.29 15.80 -6.45
N GLU C 71 33.86 16.15 -5.23
CA GLU C 71 34.79 16.64 -4.22
C GLU C 71 35.88 15.61 -3.93
N THR C 72 35.47 14.36 -3.73
CA THR C 72 36.44 13.30 -3.45
C THR C 72 37.37 13.11 -4.64
N ILE C 73 36.82 13.14 -5.85
CA ILE C 73 37.61 12.99 -7.06
C ILE C 73 38.68 14.09 -7.11
N ASN C 74 38.30 15.34 -6.77
CA ASN C 74 39.27 16.43 -6.81
C ASN C 74 40.36 16.24 -5.76
N GLU C 75 40.01 15.64 -4.62
CA GLU C 75 41.01 15.36 -3.60
C GLU C 75 42.00 14.31 -4.07
N GLU C 76 41.50 13.27 -4.74
CA GLU C 76 42.39 12.23 -5.26
C GLU C 76 43.22 12.74 -6.42
N ALA C 77 42.65 13.60 -7.27
CA ALA C 77 43.41 14.15 -8.39
C ALA C 77 44.54 15.03 -7.90
N ALA C 78 44.30 15.77 -6.81
CA ALA C 78 45.38 16.61 -6.27
C ALA C 78 46.48 15.75 -5.66
N GLU C 79 46.12 14.67 -4.97
CA GLU C 79 47.16 13.80 -4.43
C GLU C 79 47.93 13.08 -5.54
N TRP C 80 47.24 12.69 -6.63
CA TRP C 80 47.94 12.13 -7.78
C TRP C 80 48.94 13.14 -8.32
N ASP C 81 48.53 14.41 -8.45
CA ASP C 81 49.44 15.42 -8.98
C ASP C 81 50.63 15.60 -8.04
N ARG C 82 50.41 15.42 -6.73
CA ARG C 82 51.49 15.56 -5.78
C ARG C 82 52.53 14.44 -5.95
N LEU C 83 52.06 13.21 -6.15
CA LEU C 83 52.97 12.07 -6.16
C LEU C 83 53.59 11.78 -7.53
N HIS C 84 52.93 12.17 -8.62
CA HIS C 84 53.42 11.90 -9.98
C HIS C 84 53.38 13.19 -10.80
N PRO C 85 54.26 14.15 -10.50
CA PRO C 85 54.31 15.39 -11.30
C PRO C 85 54.68 15.12 -12.74
N VAL C 86 54.16 15.96 -13.63
CA VAL C 86 54.53 15.95 -15.04
C VAL C 86 54.09 17.27 -15.68
N GLN C 95 53.78 10.90 -29.86
CA GLN C 95 54.27 11.54 -28.65
C GLN C 95 53.21 11.57 -27.56
N MET C 96 53.24 10.56 -26.68
CA MET C 96 52.24 10.42 -25.63
C MET C 96 52.76 10.96 -24.31
N ARG C 97 51.85 11.55 -23.52
CA ARG C 97 52.19 12.28 -22.32
C ARG C 97 51.73 11.51 -21.08
N GLU C 98 52.34 11.86 -19.90
CA GLU C 98 51.85 11.18 -18.72
C GLU C 98 50.56 11.85 -18.25
N PRO C 99 49.58 11.07 -17.81
CA PRO C 99 48.31 11.65 -17.39
C PRO C 99 48.43 12.23 -16.00
N ARG C 100 47.87 13.43 -15.83
CA ARG C 100 47.71 14.07 -14.54
C ARG C 100 46.33 13.76 -13.96
N GLY C 101 46.07 14.30 -12.77
CA GLY C 101 44.81 14.02 -12.09
C GLY C 101 43.60 14.25 -12.99
N SER C 102 43.53 15.42 -13.62
CA SER C 102 42.39 15.72 -14.48
C SER C 102 42.35 14.83 -15.71
N ASP C 103 43.47 14.21 -16.09
CA ASP C 103 43.46 13.26 -17.20
C ASP C 103 42.84 11.93 -16.78
N ILE C 104 43.18 11.44 -15.59
CA ILE C 104 42.61 10.18 -15.11
C ILE C 104 41.12 10.33 -14.83
N ALA C 105 40.69 11.52 -14.41
CA ALA C 105 39.28 11.76 -14.14
C ALA C 105 38.51 12.11 -15.40
N GLY C 106 39.17 12.12 -16.56
CA GLY C 106 38.48 12.23 -17.82
C GLY C 106 37.97 13.61 -18.15
N THR C 107 38.42 14.65 -17.44
CA THR C 107 37.91 15.99 -17.71
C THR C 107 38.79 16.78 -18.66
N THR C 108 40.07 16.42 -18.79
CA THR C 108 40.99 17.09 -19.69
C THR C 108 41.69 16.13 -20.64
N SER C 109 41.28 14.87 -20.68
CA SER C 109 41.86 13.88 -21.58
C SER C 109 40.83 13.40 -22.59
N THR C 110 41.31 13.06 -23.77
CA THR C 110 40.45 12.54 -24.83
C THR C 110 40.32 11.03 -24.70
N LEU C 111 39.35 10.46 -25.42
CA LEU C 111 39.19 9.02 -25.43
C LEU C 111 40.45 8.35 -25.98
N GLN C 112 40.97 8.86 -27.09
CA GLN C 112 42.16 8.28 -27.71
C GLN C 112 43.35 8.30 -26.75
N GLU C 113 43.50 9.38 -25.99
CA GLU C 113 44.57 9.44 -24.99
C GLU C 113 44.39 8.36 -23.92
N GLN C 114 43.13 8.17 -23.48
CA GLN C 114 42.85 7.16 -22.48
C GLN C 114 43.13 5.76 -23.01
N ILE C 115 42.73 5.48 -24.25
CA ILE C 115 43.02 4.20 -24.88
C ILE C 115 44.52 3.99 -25.01
N GLY C 116 45.25 5.04 -25.42
CA GLY C 116 46.69 4.93 -25.54
C GLY C 116 47.36 4.59 -24.24
N TRP C 117 46.98 5.29 -23.17
CA TRP C 117 47.56 5.01 -21.85
C TRP C 117 47.22 3.58 -21.43
N MET C 118 45.94 3.23 -21.57
CA MET C 118 45.42 1.94 -21.12
C MET C 118 45.99 0.76 -21.90
N THR C 119 46.46 0.97 -23.14
CA THR C 119 46.93 -0.12 -23.97
C THR C 119 48.42 -0.04 -24.25
N HIS C 120 49.15 0.82 -23.57
CA HIS C 120 50.58 0.92 -23.72
C HIS C 120 51.25 -0.29 -23.07
N ASN C 121 52.52 -0.50 -23.38
CA ASN C 121 53.30 -1.55 -22.75
C ASN C 121 54.57 -0.95 -22.16
N PRO C 122 54.62 -0.72 -20.83
CA PRO C 122 53.64 -1.17 -19.82
C PRO C 122 52.39 -0.26 -19.76
N PRO C 123 51.27 -0.87 -19.38
CA PRO C 123 50.00 -0.13 -19.31
C PRO C 123 49.99 0.91 -18.20
N ILE C 124 49.38 2.05 -18.49
CA ILE C 124 49.13 3.06 -17.45
C ILE C 124 47.62 3.03 -17.21
N PRO C 125 47.16 2.35 -16.16
CA PRO C 125 45.74 1.99 -15.94
C PRO C 125 44.85 3.13 -15.48
N VAL C 126 44.67 4.14 -16.33
CA VAL C 126 43.91 5.32 -15.91
C VAL C 126 42.47 4.94 -15.57
N GLY C 127 41.93 3.91 -16.22
CA GLY C 127 40.58 3.47 -15.90
C GLY C 127 40.44 2.87 -14.52
N GLU C 128 41.40 2.02 -14.13
CA GLU C 128 41.34 1.43 -12.79
C GLU C 128 41.60 2.47 -11.72
N ILE C 129 42.49 3.43 -11.98
CA ILE C 129 42.79 4.47 -11.00
C ILE C 129 41.57 5.37 -10.81
N TYR C 130 40.94 5.78 -11.91
CA TYR C 130 39.74 6.60 -11.79
C TYR C 130 38.65 5.83 -11.05
N LYS C 131 38.50 4.55 -11.38
CA LYS C 131 37.49 3.74 -10.70
C LYS C 131 37.78 3.68 -9.21
N ARG C 132 39.06 3.59 -8.85
CA ARG C 132 39.46 3.58 -7.45
C ARG C 132 39.05 4.87 -6.74
N TRP C 133 39.29 6.03 -7.37
CA TRP C 133 38.85 7.29 -6.78
C TRP C 133 37.34 7.33 -6.61
N ILE C 134 36.61 6.86 -7.63
CA ILE C 134 35.15 6.90 -7.61
C ILE C 134 34.62 6.01 -6.51
N ILE C 135 35.18 4.81 -6.36
CA ILE C 135 34.73 3.89 -5.31
C ILE C 135 35.09 4.42 -3.93
N LEU C 136 36.22 5.12 -3.80
CA LEU C 136 36.54 5.78 -2.53
C LEU C 136 35.44 6.76 -2.14
N GLY C 137 35.00 7.58 -3.10
CA GLY C 137 33.94 8.53 -2.82
C GLY C 137 32.61 7.83 -2.55
N LEU C 138 32.31 6.76 -3.29
CA LEU C 138 31.07 6.03 -3.06
C LEU C 138 31.05 5.42 -1.66
N ASN C 139 32.19 4.87 -1.21
CA ASN C 139 32.25 4.32 0.14
C ASN C 139 31.95 5.41 1.16
N LYS C 140 32.51 6.61 0.94
CA LYS C 140 32.18 7.74 1.82
C LYS C 140 30.68 8.00 1.86
N ILE C 141 30.03 7.95 0.70
CA ILE C 141 28.59 8.23 0.64
C ILE C 141 27.79 7.15 1.36
N VAL C 142 28.12 5.88 1.11
CA VAL C 142 27.47 4.77 1.81
C VAL C 142 27.60 4.93 3.32
N ARG C 143 28.80 5.25 3.79
CA ARG C 143 28.99 5.40 5.23
C ARG C 143 28.16 6.56 5.77
N MET C 144 28.17 7.67 5.06
CA MET C 144 27.45 8.84 5.53
C MET C 144 25.94 8.62 5.58
N TYR C 145 25.39 7.93 4.59
CA TYR C 145 23.95 7.72 4.43
C TYR C 145 23.46 6.47 5.17
N SER C 146 24.30 5.84 5.97
CA SER C 146 23.84 4.72 6.79
C SER C 146 22.82 5.22 7.81
N PRO C 147 21.59 4.69 7.82
CA PRO C 147 20.53 5.29 8.65
C PRO C 147 20.68 5.02 10.13
N THR C 148 21.52 4.07 10.55
CA THR C 148 21.66 3.72 11.95
C THR C 148 23.11 3.43 12.28
N SER C 149 23.50 3.79 13.51
CA SER C 149 24.80 3.41 14.02
C SER C 149 24.75 2.02 14.62
N ILE C 150 25.90 1.33 14.62
CA ILE C 150 25.94 -0.04 15.11
C ILE C 150 25.54 -0.13 16.58
N LEU C 151 25.77 0.94 17.34
CA LEU C 151 25.49 0.94 18.77
C LEU C 151 23.99 0.86 19.06
N ASP C 152 23.16 1.23 18.10
CA ASP C 152 21.72 1.26 18.26
C ASP C 152 21.03 0.03 17.69
N ILE C 153 21.79 -0.93 17.17
CA ILE C 153 21.25 -2.20 16.68
C ILE C 153 21.22 -3.19 17.84
N ARG C 154 20.07 -3.36 18.49
CA ARG C 154 19.95 -4.33 19.57
C ARG C 154 18.77 -5.25 19.35
N GLN C 155 18.96 -6.52 19.72
CA GLN C 155 17.96 -7.56 19.52
C GLN C 155 16.72 -7.28 20.35
N GLY C 156 15.55 -7.42 19.73
CA GLY C 156 14.30 -7.27 20.43
C GLY C 156 13.96 -8.50 21.25
N PRO C 157 12.88 -8.40 22.03
CA PRO C 157 12.37 -9.53 22.81
C PRO C 157 11.85 -10.64 21.92
N GLU C 159 12.85 -10.59 18.52
CA GLU C 159 13.49 -10.70 17.21
C GLU C 159 14.37 -11.94 17.13
N PRO C 160 14.14 -12.77 16.13
CA PRO C 160 14.99 -13.94 15.91
C PRO C 160 16.46 -13.51 15.83
N PHE C 161 17.31 -14.29 16.49
CA PHE C 161 18.73 -13.96 16.52
C PHE C 161 19.25 -13.75 15.11
N ARG C 162 18.82 -14.59 14.16
CA ARG C 162 19.31 -14.45 12.79
C ARG C 162 18.96 -13.07 12.22
N ASP C 163 17.74 -12.60 12.45
CA ASP C 163 17.32 -11.30 11.92
C ASP C 163 18.11 -10.17 12.58
N TYR C 164 18.41 -10.32 13.87
CA TYR C 164 19.18 -9.30 14.58
C TYR C 164 20.60 -9.26 14.06
N VAL C 165 21.22 -10.42 13.85
CA VAL C 165 22.57 -10.47 13.29
C VAL C 165 22.59 -9.91 11.87
N ASP C 166 21.54 -10.21 11.08
CA ASP C 166 21.38 -9.60 9.77
C ASP C 166 21.44 -8.08 9.87
N ARG C 167 20.65 -7.51 10.79
CA ARG C 167 20.63 -6.06 10.94
C ARG C 167 22.00 -5.56 11.40
N PHE C 168 22.61 -6.30 12.31
CA PHE C 168 23.88 -5.90 12.90
C PHE C 168 24.95 -5.81 11.83
N TYR C 169 25.11 -6.86 11.02
CA TYR C 169 26.16 -6.84 10.01
C TYR C 169 25.80 -6.01 8.78
N LYS C 170 24.52 -5.81 8.47
CA LYS C 170 24.18 -4.89 7.39
C LYS C 170 24.52 -3.46 7.80
N THR C 171 24.25 -3.11 9.06
CA THR C 171 24.59 -1.79 9.54
C THR C 171 26.10 -1.64 9.63
N LEU C 172 26.78 -2.66 10.16
CA LEU C 172 28.24 -2.66 10.26
C LEU C 172 28.86 -2.50 8.87
N ARG C 173 28.28 -3.13 7.85
CA ARG C 173 28.82 -3.03 6.51
C ARG C 173 28.68 -1.61 6.00
N ALA C 174 27.53 -0.98 6.25
CA ALA C 174 27.38 0.41 5.83
C ALA C 174 28.31 1.34 6.61
N GLU C 175 28.44 1.13 7.92
CA GLU C 175 29.20 2.02 8.78
C GLU C 175 30.70 1.92 8.56
N GLN C 176 31.19 0.79 8.05
CA GLN C 176 32.60 0.62 7.75
C GLN C 176 32.72 0.58 6.22
N ALA C 177 32.89 1.75 5.62
CA ALA C 177 33.00 1.87 4.18
C ALA C 177 33.76 3.14 3.81
N ALA C 185 35.19 -4.05 13.53
CA ALA C 185 34.14 -5.05 13.44
C ALA C 185 34.30 -6.11 14.54
N THR C 186 33.54 -5.98 15.62
CA THR C 186 33.64 -6.86 16.78
C THR C 186 32.30 -7.51 17.07
N GLU C 187 32.35 -8.80 17.44
CA GLU C 187 31.18 -9.54 17.87
C GLU C 187 30.89 -9.37 19.36
N THR C 188 31.82 -8.79 20.12
CA THR C 188 31.55 -8.44 21.51
C THR C 188 30.30 -7.57 21.62
N LEU C 189 30.21 -6.55 20.75
CA LEU C 189 29.02 -5.70 20.73
C LEU C 189 27.79 -6.53 20.35
N LEU C 190 27.98 -7.49 19.44
CA LEU C 190 26.88 -8.37 19.04
C LEU C 190 26.29 -9.08 20.25
N VAL C 191 27.15 -9.59 21.13
CA VAL C 191 26.66 -10.27 22.32
C VAL C 191 26.02 -9.25 23.28
N GLN C 192 26.71 -8.13 23.53
CA GLN C 192 26.20 -7.12 24.44
C GLN C 192 24.80 -6.65 24.03
N ASN C 193 24.56 -6.50 22.73
CA ASN C 193 23.29 -5.96 22.26
C ASN C 193 22.22 -7.04 22.04
N ALA C 194 22.58 -8.31 22.17
CA ALA C 194 21.60 -9.37 22.07
C ALA C 194 20.67 -9.34 23.29
N ASN C 195 19.49 -9.94 23.14
CA ASN C 195 18.55 -9.99 24.24
C ASN C 195 19.01 -11.00 25.30
N PRO C 196 18.56 -10.84 26.54
CA PRO C 196 19.10 -11.69 27.62
C PRO C 196 18.93 -13.18 27.39
N ASP C 197 17.82 -13.59 26.78
CA ASP C 197 17.58 -15.01 26.49
C ASP C 197 18.76 -15.61 25.72
N CYS C 198 19.19 -14.93 24.65
CA CYS C 198 20.37 -15.39 23.93
C CYS C 198 21.67 -14.96 24.59
N LYS C 199 21.65 -13.91 25.41
CA LYS C 199 22.90 -13.47 26.03
C LYS C 199 23.42 -14.53 27.00
N THR C 200 22.54 -15.11 27.82
CA THR C 200 22.96 -16.18 28.74
C THR C 200 23.58 -17.34 27.98
N ILE C 201 22.91 -17.78 26.91
CA ILE C 201 23.46 -18.85 26.08
C ILE C 201 24.81 -18.46 25.52
N LEU C 202 24.94 -17.26 24.97
CA LEU C 202 26.22 -16.89 24.39
C LEU C 202 27.32 -16.84 25.45
N LYS C 203 27.04 -16.27 26.63
CA LYS C 203 28.05 -16.28 27.68
C LYS C 203 28.42 -17.69 28.08
N ALA C 204 27.44 -18.58 28.21
CA ALA C 204 27.73 -19.96 28.60
C ALA C 204 28.41 -20.75 27.48
N LEU C 205 28.23 -20.31 26.24
CA LEU C 205 28.83 -20.98 25.08
C LEU C 205 30.34 -21.02 25.22
N GLY C 206 30.91 -20.04 25.93
CA GLY C 206 32.32 -19.85 25.99
C GLY C 206 32.75 -18.72 25.08
N PRO C 207 33.61 -17.84 25.57
CA PRO C 207 34.28 -16.90 24.68
C PRO C 207 35.03 -17.65 23.59
N GLY C 208 35.08 -17.05 22.40
CA GLY C 208 35.64 -17.71 21.25
C GLY C 208 34.66 -18.52 20.42
N ALA C 209 33.37 -18.37 20.70
CA ALA C 209 32.34 -19.06 19.92
C ALA C 209 32.22 -18.45 18.53
N THR C 210 32.14 -19.30 17.51
CA THR C 210 31.92 -18.78 16.17
C THR C 210 30.49 -18.29 16.03
N LEU C 211 30.21 -17.58 14.92
CA LEU C 211 28.87 -17.09 14.67
C LEU C 211 27.87 -18.22 14.42
N GLU C 212 28.27 -19.22 13.62
CA GLU C 212 27.41 -20.37 13.41
C GLU C 212 27.00 -20.98 14.73
N GLU C 213 27.95 -21.13 15.66
CA GLU C 213 27.65 -21.72 16.96
C GLU C 213 26.67 -20.86 17.76
N MET C 214 26.75 -19.53 17.60
CA MET C 214 25.83 -18.64 18.32
C MET C 214 24.40 -18.74 17.78
N MET C 215 24.24 -18.65 16.45
CA MET C 215 22.90 -18.72 15.88
C MET C 215 22.32 -20.13 15.97
N THR C 216 23.15 -21.16 15.73
CA THR C 216 22.72 -22.54 15.92
C THR C 216 22.29 -22.78 17.35
N ALA C 217 23.04 -22.26 18.33
CA ALA C 217 22.70 -22.46 19.73
C ALA C 217 21.30 -21.96 20.06
N CYS C 218 21.06 -20.65 19.98
CA CYS C 218 19.74 -20.12 20.36
C CYS C 218 18.95 -19.75 19.11
N GLN C 219 18.31 -20.76 18.52
CA GLN C 219 17.42 -20.55 17.38
C GLN C 219 16.02 -20.17 17.83
N PRO D 1 34.69 -14.09 -15.99
CA PRO D 1 35.25 -15.45 -15.93
C PRO D 1 36.32 -15.69 -16.98
N ILE D 2 36.81 -16.92 -17.04
CA ILE D 2 37.73 -17.37 -18.07
C ILE D 2 36.95 -18.28 -19.02
N VAL D 3 37.12 -18.06 -20.32
CA VAL D 3 36.35 -18.79 -21.33
C VAL D 3 37.15 -18.84 -22.62
N GLN D 4 37.00 -19.93 -23.35
CA GLN D 4 37.64 -20.07 -24.66
C GLN D 4 36.89 -19.28 -25.71
N ASN D 5 37.61 -18.88 -26.75
CA ASN D 5 37.02 -18.11 -27.84
C ASN D 5 37.12 -18.88 -29.16
N GLY D 8 41.19 -18.60 -29.84
CA GLY D 8 41.85 -19.88 -29.64
C GLY D 8 42.66 -19.96 -28.36
N GLN D 9 42.46 -18.99 -27.47
CA GLN D 9 43.20 -18.94 -26.21
C GLN D 9 42.26 -18.50 -25.09
N MET D 10 42.40 -19.15 -23.94
CA MET D 10 41.63 -18.78 -22.76
C MET D 10 41.88 -17.32 -22.38
N VAL D 11 40.82 -16.52 -22.40
CA VAL D 11 40.90 -15.10 -22.12
C VAL D 11 39.99 -14.79 -20.93
N HIS D 12 40.31 -13.71 -20.23
CA HIS D 12 39.38 -13.19 -19.23
C HIS D 12 38.32 -12.37 -19.95
N GLN D 13 37.07 -12.57 -19.57
CA GLN D 13 35.96 -11.75 -20.04
C GLN D 13 35.24 -11.14 -18.85
N CYS D 14 34.85 -9.88 -19.00
CA CYS D 14 34.10 -9.20 -17.95
C CYS D 14 32.83 -9.99 -17.66
N ILE D 15 32.46 -10.08 -16.38
CA ILE D 15 31.19 -10.69 -16.02
C ILE D 15 30.04 -9.87 -16.58
N SER D 16 29.03 -10.58 -17.11
CA SER D 16 27.94 -9.94 -17.83
C SER D 16 26.85 -9.46 -16.87
N PRO D 17 26.17 -8.38 -17.24
CA PRO D 17 25.01 -7.93 -16.45
C PRO D 17 23.95 -9.00 -16.29
N ARG D 18 23.74 -9.84 -17.31
CA ARG D 18 22.76 -10.92 -17.20
C ARG D 18 23.11 -11.89 -16.08
N THR D 19 24.37 -12.32 -15.99
CA THR D 19 24.77 -13.25 -14.93
C THR D 19 24.63 -12.61 -13.55
N LEU D 20 25.09 -11.37 -13.41
CA LEU D 20 24.99 -10.64 -12.16
C LEU D 20 23.54 -10.55 -11.71
N ASN D 21 22.66 -10.18 -12.64
CA ASN D 21 21.26 -10.01 -12.30
C ASN D 21 20.63 -11.34 -11.96
N ALA D 22 20.95 -12.40 -12.72
CA ALA D 22 20.40 -13.72 -12.41
C ALA D 22 20.72 -14.12 -10.98
N TRP D 23 21.98 -13.95 -10.57
CA TRP D 23 22.37 -14.34 -9.22
C TRP D 23 21.68 -13.49 -8.15
N VAL D 24 21.76 -12.17 -8.28
CA VAL D 24 21.11 -11.30 -7.29
C VAL D 24 19.62 -11.61 -7.18
N LYS D 25 18.96 -11.84 -8.32
CA LYS D 25 17.54 -12.13 -8.29
C LYS D 25 17.23 -13.49 -7.68
N VAL D 26 18.06 -14.51 -7.93
CA VAL D 26 17.73 -15.80 -7.32
C VAL D 26 17.94 -15.74 -5.82
N VAL D 27 18.91 -14.96 -5.34
CA VAL D 27 19.06 -14.84 -3.90
C VAL D 27 17.88 -14.10 -3.31
N GLU D 28 17.44 -13.04 -3.99
CA GLU D 28 16.25 -12.30 -3.53
C GLU D 28 14.99 -13.15 -3.50
N GLU D 29 14.79 -14.01 -4.50
CA GLU D 29 13.53 -14.73 -4.67
C GLU D 29 13.47 -16.06 -3.93
N LYS D 30 14.60 -16.74 -3.73
CA LYS D 30 14.62 -18.10 -3.19
C LYS D 30 15.41 -18.25 -1.90
N ALA D 31 16.09 -17.21 -1.45
CA ALA D 31 16.96 -17.16 -0.26
C ALA D 31 18.01 -18.27 -0.35
N PHE D 32 18.19 -19.09 0.69
CA PHE D 32 19.16 -20.20 0.61
C PHE D 32 18.55 -21.60 0.60
N SER D 33 17.43 -21.78 -0.09
CA SER D 33 16.92 -23.10 -0.41
C SER D 33 17.97 -23.87 -1.22
N PRO D 34 18.02 -25.21 -1.09
CA PRO D 34 19.15 -25.94 -1.71
C PRO D 34 19.30 -25.69 -3.20
N GLU D 35 18.21 -25.43 -3.92
CA GLU D 35 18.27 -25.24 -5.36
C GLU D 35 18.93 -23.92 -5.77
N VAL D 36 19.32 -23.07 -4.82
CA VAL D 36 20.07 -21.86 -5.17
C VAL D 36 21.54 -22.19 -5.43
N ILE D 37 22.06 -23.23 -4.80
CA ILE D 37 23.50 -23.51 -4.84
C ILE D 37 23.91 -24.01 -6.23
N PRO D 38 23.16 -24.92 -6.87
CA PRO D 38 23.48 -25.24 -8.27
C PRO D 38 23.49 -24.02 -9.17
N MET D 39 22.47 -23.16 -9.06
CA MET D 39 22.45 -21.95 -9.88
C MET D 39 23.71 -21.12 -9.71
N PHE D 40 24.15 -20.94 -8.46
CA PHE D 40 25.39 -20.20 -8.24
C PHE D 40 26.52 -20.87 -8.99
N SER D 41 26.62 -22.20 -8.86
CA SER D 41 27.69 -22.93 -9.52
C SER D 41 27.59 -22.74 -11.02
N ALA D 42 26.36 -22.79 -11.54
CA ALA D 42 26.20 -22.58 -12.97
C ALA D 42 26.49 -21.13 -13.33
N LEU D 43 25.98 -20.19 -12.52
CA LEU D 43 26.25 -18.78 -12.81
C LEU D 43 27.73 -18.46 -12.61
N SER D 44 28.42 -19.23 -11.77
CA SER D 44 29.85 -19.02 -11.55
C SER D 44 30.70 -19.97 -12.38
N CYS D 45 30.15 -20.49 -13.47
CA CYS D 45 30.91 -21.30 -14.40
C CYS D 45 32.12 -20.52 -14.89
N GLY D 46 33.31 -21.06 -14.67
CA GLY D 46 34.52 -20.42 -15.15
C GLY D 46 34.94 -19.21 -14.34
N ALA D 47 34.33 -18.98 -13.19
CA ALA D 47 34.58 -17.78 -12.40
C ALA D 47 35.99 -17.77 -11.85
N THR D 48 36.62 -16.60 -11.88
CA THR D 48 37.82 -16.36 -11.09
C THR D 48 37.41 -16.10 -9.65
N PRO D 49 38.36 -16.13 -8.71
CA PRO D 49 38.00 -15.74 -7.34
C PRO D 49 37.46 -14.33 -7.24
N GLN D 50 38.02 -13.41 -8.02
CA GLN D 50 37.48 -12.06 -8.09
C GLN D 50 36.00 -12.07 -8.48
N ASP D 51 35.67 -12.84 -9.52
CA ASP D 51 34.28 -12.93 -9.97
C ASP D 51 33.37 -13.51 -8.88
N LEU D 52 33.84 -14.55 -8.19
CA LEU D 52 33.04 -15.16 -7.13
C LEU D 52 32.80 -14.17 -6.01
N ASN D 53 33.84 -13.44 -5.61
CA ASN D 53 33.69 -12.40 -4.60
C ASN D 53 32.73 -11.31 -5.08
N THR D 54 32.82 -10.94 -6.37
CA THR D 54 31.89 -9.96 -6.91
C THR D 54 30.44 -10.41 -6.73
N MET D 55 30.16 -11.66 -7.13
CA MET D 55 28.81 -12.21 -7.02
C MET D 55 28.34 -12.24 -5.57
N LEU D 56 29.20 -12.73 -4.67
CA LEU D 56 28.85 -12.77 -3.25
C LEU D 56 28.59 -11.36 -2.72
N ASN D 57 29.44 -10.40 -3.07
CA ASN D 57 29.33 -9.04 -2.53
C ASN D 57 28.09 -8.32 -3.06
N THR D 58 27.55 -8.73 -4.21
CA THR D 58 26.37 -8.05 -4.71
C THR D 58 25.11 -8.42 -3.94
N VAL D 59 25.17 -9.46 -3.09
CA VAL D 59 24.03 -9.77 -2.23
C VAL D 59 23.96 -8.70 -1.17
N GLY D 60 22.79 -8.07 -1.04
CA GLY D 60 22.66 -6.97 -0.11
C GLY D 60 22.17 -7.41 1.24
N GLY D 61 21.33 -8.45 1.27
CA GLY D 61 20.80 -8.96 2.50
C GLY D 61 21.64 -10.07 3.06
N HIS D 62 21.04 -10.83 3.98
CA HIS D 62 21.61 -12.09 4.48
C HIS D 62 23.05 -11.93 4.95
N GLN D 63 23.36 -10.80 5.59
CA GLN D 63 24.76 -10.53 5.94
C GLN D 63 25.27 -11.45 7.05
N ALA D 64 24.37 -11.99 7.87
CA ALA D 64 24.74 -13.04 8.81
C ALA D 64 25.30 -14.24 8.06
N ALA D 65 24.54 -14.70 7.06
CA ALA D 65 24.98 -15.82 6.24
C ALA D 65 26.33 -15.50 5.60
N MET D 66 26.52 -14.27 5.11
CA MET D 66 27.78 -13.96 4.44
C MET D 66 28.95 -13.95 5.42
N GLN D 67 28.73 -13.59 6.68
CA GLN D 67 29.81 -13.71 7.65
C GLN D 67 30.09 -15.18 7.95
N MET D 68 29.03 -15.98 8.12
CA MET D 68 29.22 -17.42 8.31
C MET D 68 30.02 -18.02 7.16
N LEU D 69 29.71 -17.59 5.94
CA LEU D 69 30.40 -18.05 4.75
C LEU D 69 31.87 -17.68 4.82
N LYS D 70 32.14 -16.45 5.25
CA LYS D 70 33.50 -15.97 5.46
C LYS D 70 34.25 -16.86 6.44
N GLU D 71 33.57 -17.27 7.51
CA GLU D 71 34.14 -18.16 8.51
C GLU D 71 34.58 -19.48 7.88
N THR D 72 33.68 -20.08 7.09
CA THR D 72 34.01 -21.35 6.44
C THR D 72 35.17 -21.17 5.47
N ILE D 73 35.15 -20.09 4.69
CA ILE D 73 36.23 -19.83 3.73
C ILE D 73 37.58 -19.72 4.44
N ASN D 74 37.64 -19.01 5.56
CA ASN D 74 38.91 -18.88 6.27
C ASN D 74 39.36 -20.21 6.88
N GLU D 75 38.41 -21.05 7.28
CA GLU D 75 38.77 -22.36 7.81
C GLU D 75 39.39 -23.22 6.71
N GLU D 76 38.80 -23.16 5.52
CA GLU D 76 39.33 -23.93 4.41
C GLU D 76 40.67 -23.38 3.96
N ALA D 77 40.84 -22.05 3.98
CA ALA D 77 42.12 -21.46 3.58
C ALA D 77 43.25 -21.84 4.55
N ALA D 78 42.95 -21.92 5.84
CA ALA D 78 43.98 -22.31 6.80
C ALA D 78 44.36 -23.78 6.61
N GLU D 79 43.36 -24.63 6.34
CA GLU D 79 43.66 -26.03 6.08
C GLU D 79 44.44 -26.18 4.78
N TRP D 80 44.13 -25.35 3.78
CA TRP D 80 44.92 -25.31 2.55
C TRP D 80 46.37 -24.97 2.85
N ASP D 81 46.62 -23.96 3.69
CA ASP D 81 48.00 -23.62 3.97
C ASP D 81 48.70 -24.78 4.66
N ARG D 82 47.95 -25.57 5.44
CA ARG D 82 48.56 -26.73 6.09
C ARG D 82 48.93 -27.79 5.04
N LEU D 83 47.94 -28.21 4.24
CA LEU D 83 48.13 -29.36 3.34
C LEU D 83 49.08 -29.06 2.19
N HIS D 84 49.15 -27.80 1.75
CA HIS D 84 50.08 -27.34 0.73
C HIS D 84 50.92 -26.22 1.32
N PRO D 85 51.82 -26.55 2.25
CA PRO D 85 52.69 -25.52 2.83
C PRO D 85 53.58 -24.86 1.80
N VAL D 86 53.65 -23.53 1.88
CA VAL D 86 54.42 -22.73 0.93
C VAL D 86 55.70 -22.24 1.60
N GLY D 94 59.44 -12.72 -11.79
CA GLY D 94 58.71 -13.04 -13.00
C GLY D 94 58.01 -14.38 -12.93
N GLN D 95 58.62 -15.33 -12.22
CA GLN D 95 58.04 -16.64 -12.08
C GLN D 95 56.78 -16.58 -11.20
N MET D 96 55.92 -17.58 -11.38
CA MET D 96 54.67 -17.64 -10.62
C MET D 96 54.92 -18.21 -9.23
N ARG D 97 54.40 -17.53 -8.23
CA ARG D 97 54.44 -17.97 -6.84
C ARG D 97 53.39 -19.07 -6.61
N GLU D 98 53.59 -19.82 -5.52
CA GLU D 98 52.65 -20.87 -5.17
C GLU D 98 51.45 -20.23 -4.45
N PRO D 99 50.23 -20.67 -4.74
CA PRO D 99 49.08 -20.02 -4.10
C PRO D 99 48.85 -20.55 -2.69
N ARG D 100 48.63 -19.62 -1.76
CA ARG D 100 48.20 -19.94 -0.41
C ARG D 100 46.68 -19.82 -0.29
N GLY D 101 46.18 -20.13 0.90
CA GLY D 101 44.74 -20.10 1.15
C GLY D 101 44.09 -18.78 0.77
N SER D 102 44.66 -17.67 1.27
CA SER D 102 44.09 -16.34 1.02
C SER D 102 44.24 -15.92 -0.44
N ASP D 103 45.13 -16.56 -1.20
CA ASP D 103 45.23 -16.28 -2.62
C ASP D 103 44.08 -16.90 -3.39
N ILE D 104 43.71 -18.13 -3.03
CA ILE D 104 42.60 -18.80 -3.69
C ILE D 104 41.30 -18.07 -3.35
N ALA D 105 41.22 -17.49 -2.15
CA ALA D 105 40.06 -16.74 -1.70
C ALA D 105 40.08 -15.30 -2.21
N GLY D 106 41.10 -14.92 -2.98
CA GLY D 106 41.11 -13.66 -3.67
C GLY D 106 41.38 -12.44 -2.81
N THR D 107 41.87 -12.61 -1.58
CA THR D 107 42.12 -11.47 -0.72
C THR D 107 43.55 -10.94 -0.79
N THR D 108 44.49 -11.78 -1.22
CA THR D 108 45.89 -11.37 -1.32
C THR D 108 46.47 -11.63 -2.71
N SER D 109 45.64 -12.00 -3.68
CA SER D 109 46.08 -12.22 -5.04
C SER D 109 45.43 -11.22 -5.98
N THR D 110 46.15 -10.87 -7.03
CA THR D 110 45.65 -9.96 -8.04
C THR D 110 44.90 -10.74 -9.11
N LEU D 111 44.15 -10.00 -9.95
CA LEU D 111 43.45 -10.64 -11.05
C LEU D 111 44.43 -11.34 -11.99
N GLN D 112 45.53 -10.66 -12.34
CA GLN D 112 46.52 -11.23 -13.25
C GLN D 112 47.09 -12.52 -12.68
N GLU D 113 47.33 -12.56 -11.37
CA GLU D 113 47.80 -13.78 -10.71
C GLU D 113 46.78 -14.91 -10.82
N GLN D 114 45.49 -14.59 -10.64
CA GLN D 114 44.44 -15.59 -10.75
C GLN D 114 44.39 -16.16 -12.15
N ILE D 115 44.49 -15.29 -13.17
CA ILE D 115 44.52 -15.75 -14.55
C ILE D 115 45.74 -16.64 -14.78
N GLY D 116 46.90 -16.25 -14.25
CA GLY D 116 48.08 -17.08 -14.40
C GLY D 116 47.92 -18.47 -13.83
N TRP D 117 47.40 -18.57 -12.61
CA TRP D 117 47.18 -19.89 -12.02
C TRP D 117 46.16 -20.69 -12.83
N MET D 118 45.02 -20.08 -13.13
CA MET D 118 43.94 -20.77 -13.83
C MET D 118 44.31 -21.18 -15.25
N THR D 119 45.28 -20.51 -15.86
CA THR D 119 45.66 -20.74 -17.25
C THR D 119 47.09 -21.29 -17.38
N HIS D 120 47.69 -21.72 -16.27
CA HIS D 120 49.02 -22.29 -16.30
C HIS D 120 48.94 -23.70 -16.92
N ASN D 121 50.10 -24.23 -17.29
CA ASN D 121 50.18 -25.60 -17.81
C ASN D 121 51.19 -26.38 -16.98
N PRO D 122 50.73 -27.25 -16.07
CA PRO D 122 49.32 -27.62 -15.79
C PRO D 122 48.57 -26.55 -15.01
N PRO D 123 47.26 -26.45 -15.23
CA PRO D 123 46.45 -25.43 -14.54
C PRO D 123 46.32 -25.66 -13.04
N ILE D 124 46.37 -24.55 -12.29
CA ILE D 124 46.07 -24.57 -10.86
C ILE D 124 44.73 -23.87 -10.66
N PRO D 125 43.64 -24.63 -10.51
CA PRO D 125 42.23 -24.15 -10.59
C PRO D 125 41.73 -23.39 -9.36
N VAL D 126 42.31 -22.20 -9.10
CA VAL D 126 41.96 -21.47 -7.88
C VAL D 126 40.48 -21.08 -7.88
N GLY D 127 39.89 -20.86 -9.04
CA GLY D 127 38.47 -20.54 -9.11
C GLY D 127 37.58 -21.69 -8.69
N GLU D 128 37.89 -22.90 -9.15
CA GLU D 128 37.11 -24.07 -8.77
C GLU D 128 37.29 -24.40 -7.30
N ILE D 129 38.50 -24.21 -6.77
CA ILE D 129 38.76 -24.51 -5.36
C ILE D 129 37.99 -23.55 -4.48
N TYR D 130 38.04 -22.26 -4.81
CA TYR D 130 37.29 -21.28 -4.04
C TYR D 130 35.79 -21.56 -4.13
N LYS D 131 35.29 -21.91 -5.32
CA LYS D 131 33.88 -22.21 -5.48
C LYS D 131 33.48 -23.40 -4.61
N ARG D 132 34.36 -24.40 -4.51
CA ARG D 132 34.09 -25.56 -3.67
C ARG D 132 33.97 -25.17 -2.21
N TRP D 133 34.89 -24.32 -1.73
CA TRP D 133 34.79 -23.84 -0.34
C TRP D 133 33.49 -23.07 -0.11
N ILE D 134 33.12 -22.24 -1.08
CA ILE D 134 31.92 -21.43 -0.96
C ILE D 134 30.67 -22.30 -0.92
N ILE D 135 30.62 -23.33 -1.76
CA ILE D 135 29.45 -24.22 -1.76
C ILE D 135 29.38 -25.04 -0.49
N LEU D 136 30.52 -25.45 0.06
CA LEU D 136 30.53 -26.13 1.35
C LEU D 136 29.89 -25.25 2.44
N GLY D 137 30.30 -23.98 2.48
CA GLY D 137 29.73 -23.06 3.46
C GLY D 137 28.26 -22.77 3.20
N LEU D 138 27.89 -22.64 1.94
CA LEU D 138 26.49 -22.41 1.58
C LEU D 138 25.65 -23.58 2.03
N ASN D 139 26.17 -24.80 1.86
CA ASN D 139 25.44 -25.99 2.29
C ASN D 139 25.19 -25.92 3.80
N LYS D 140 26.20 -25.47 4.56
CA LYS D 140 25.98 -25.27 6.00
C LYS D 140 24.83 -24.31 6.26
N ILE D 141 24.77 -23.23 5.48
CA ILE D 141 23.70 -22.25 5.67
C ILE D 141 22.35 -22.84 5.29
N VAL D 142 22.30 -23.59 4.19
CA VAL D 142 21.08 -24.27 3.78
C VAL D 142 20.57 -25.16 4.92
N ARG D 143 21.49 -25.91 5.54
CA ARG D 143 21.05 -26.78 6.64
C ARG D 143 20.49 -25.94 7.79
N MET D 144 21.14 -24.82 8.10
CA MET D 144 20.68 -24.01 9.23
C MET D 144 19.30 -23.41 8.96
N TYR D 145 19.05 -22.94 7.74
CA TYR D 145 17.79 -22.26 7.43
C TYR D 145 16.68 -23.23 7.03
N SER D 146 16.89 -24.53 7.18
CA SER D 146 15.80 -25.48 7.01
C SER D 146 14.79 -25.27 8.14
N PRO D 147 13.52 -25.00 7.83
CA PRO D 147 12.58 -24.64 8.90
C PRO D 147 12.16 -25.81 9.78
N THR D 148 12.13 -27.03 9.24
CA THR D 148 11.65 -28.18 9.99
C THR D 148 12.57 -29.37 9.75
N SER D 149 12.56 -30.29 10.70
CA SER D 149 13.34 -31.52 10.60
C SER D 149 12.51 -32.62 9.95
N ILE D 150 13.22 -33.61 9.40
CA ILE D 150 12.55 -34.73 8.75
C ILE D 150 11.64 -35.47 9.73
N LEU D 151 11.97 -35.44 11.03
CA LEU D 151 11.14 -36.11 12.00
C LEU D 151 9.79 -35.43 12.19
N ASP D 152 9.68 -34.15 11.84
CA ASP D 152 8.47 -33.37 12.00
C ASP D 152 7.64 -33.24 10.74
N ILE D 153 8.04 -33.84 9.62
CA ILE D 153 7.24 -33.81 8.40
C ILE D 153 6.28 -34.99 8.37
N ARG D 154 5.02 -34.75 8.74
CA ARG D 154 4.01 -35.80 8.71
C ARG D 154 2.78 -35.34 7.94
N GLN D 155 2.21 -36.22 7.12
CA GLN D 155 1.05 -35.88 6.30
C GLN D 155 -0.19 -35.65 7.18
N GLY D 156 -0.92 -34.58 6.90
CA GLY D 156 -2.17 -34.35 7.62
C GLY D 156 -3.27 -35.26 7.11
N PRO D 157 -4.40 -35.25 7.83
CA PRO D 157 -5.46 -36.24 7.56
C PRO D 157 -6.12 -36.09 6.19
N LYS D 158 -5.92 -34.99 5.49
CA LYS D 158 -6.49 -34.82 4.15
C LYS D 158 -5.45 -34.35 3.14
N GLU D 159 -4.18 -34.45 3.48
CA GLU D 159 -3.13 -34.02 2.55
C GLU D 159 -2.82 -35.12 1.54
N PRO D 160 -2.89 -34.83 0.24
CA PRO D 160 -2.50 -35.82 -0.75
C PRO D 160 -1.09 -36.35 -0.49
N PHE D 161 -0.93 -37.67 -0.63
CA PHE D 161 0.36 -38.30 -0.37
C PHE D 161 1.49 -37.67 -1.17
N ARG D 162 1.22 -37.33 -2.43
CA ARG D 162 2.25 -36.75 -3.30
C ARG D 162 2.79 -35.45 -2.72
N ASP D 163 1.90 -34.59 -2.19
CA ASP D 163 2.32 -33.31 -1.63
C ASP D 163 3.15 -33.54 -0.37
N TYR D 164 2.79 -34.57 0.39
CA TYR D 164 3.50 -34.91 1.62
C TYR D 164 4.92 -35.38 1.29
N VAL D 165 5.05 -36.22 0.26
CA VAL D 165 6.36 -36.69 -0.16
C VAL D 165 7.19 -35.51 -0.67
N ASP D 166 6.55 -34.58 -1.39
CA ASP D 166 7.24 -33.35 -1.78
C ASP D 166 7.85 -32.65 -0.57
N ARG D 167 7.06 -32.46 0.49
CA ARG D 167 7.59 -31.79 1.67
C ARG D 167 8.70 -32.61 2.32
N PHE D 168 8.51 -33.93 2.36
CA PHE D 168 9.46 -34.82 3.03
C PHE D 168 10.83 -34.72 2.36
N TYR D 169 10.88 -34.85 1.03
CA TYR D 169 12.15 -34.83 0.33
C TYR D 169 12.71 -33.43 0.17
N LYS D 170 11.87 -32.39 0.21
CA LYS D 170 12.40 -31.03 0.23
C LYS D 170 13.17 -30.79 1.53
N THR D 171 12.61 -31.30 2.64
CA THR D 171 13.29 -31.18 3.92
C THR D 171 14.55 -32.04 3.91
N LEU D 172 14.47 -33.26 3.38
CA LEU D 172 15.64 -34.12 3.29
C LEU D 172 16.75 -33.46 2.50
N ARG D 173 16.41 -32.77 1.42
CA ARG D 173 17.43 -32.12 0.61
C ARG D 173 18.11 -31.00 1.39
N ALA D 174 17.32 -30.21 2.12
CA ALA D 174 17.94 -29.14 2.91
C ALA D 174 18.80 -29.71 4.03
N GLU D 175 18.27 -30.68 4.79
CA GLU D 175 18.98 -31.18 5.97
C GLU D 175 20.21 -31.99 5.59
N GLN D 176 20.16 -32.69 4.46
CA GLN D 176 21.28 -33.52 4.02
C GLN D 176 22.19 -32.80 3.04
N ALA D 177 22.28 -31.47 3.16
CA ALA D 177 23.26 -30.68 2.41
C ALA D 177 24.59 -30.68 3.15
N SER D 178 25.14 -31.88 3.34
CA SER D 178 26.35 -32.06 4.13
C SER D 178 27.11 -33.27 3.61
N GLN D 179 28.42 -33.24 3.77
CA GLN D 179 29.28 -34.32 3.33
C GLN D 179 29.18 -35.52 4.27
N ALA D 185 16.51 -46.27 3.70
CA ALA D 185 16.32 -45.59 4.97
C ALA D 185 15.41 -44.39 4.81
N THR D 186 15.25 -43.94 3.56
CA THR D 186 14.37 -42.81 3.29
C THR D 186 12.91 -43.23 3.23
N GLU D 187 12.64 -44.49 2.87
CA GLU D 187 11.27 -44.93 2.72
C GLU D 187 10.63 -45.37 4.04
N THR D 188 11.43 -45.90 4.97
CA THR D 188 10.84 -46.41 6.22
C THR D 188 10.28 -45.26 7.05
N LEU D 189 11.05 -44.19 7.22
CA LEU D 189 10.53 -43.04 7.95
C LEU D 189 9.35 -42.43 7.20
N LEU D 190 9.43 -42.46 5.85
CA LEU D 190 8.34 -41.95 5.01
C LEU D 190 7.04 -42.67 5.33
N VAL D 191 7.10 -43.99 5.47
CA VAL D 191 5.90 -44.75 5.81
C VAL D 191 5.48 -44.45 7.24
N GLN D 192 6.45 -44.47 8.18
CA GLN D 192 6.14 -44.21 9.58
C GLN D 192 5.44 -42.87 9.77
N ASN D 193 5.83 -41.83 9.03
CA ASN D 193 5.22 -40.51 9.25
C ASN D 193 3.98 -40.29 8.41
N ALA D 194 3.65 -41.21 7.53
CA ALA D 194 2.43 -41.11 6.75
C ALA D 194 1.22 -41.29 7.67
N ASN D 195 0.06 -40.82 7.20
CA ASN D 195 -1.15 -40.96 7.98
C ASN D 195 -1.63 -42.42 7.90
N PRO D 196 -2.39 -42.87 8.91
CA PRO D 196 -2.78 -44.30 8.94
C PRO D 196 -3.45 -44.78 7.66
N ASP D 197 -4.25 -43.91 7.03
CA ASP D 197 -4.97 -44.28 5.80
C ASP D 197 -4.01 -44.78 4.73
N CYS D 198 -2.96 -43.99 4.45
CA CYS D 198 -1.95 -44.42 3.48
C CYS D 198 -0.94 -45.39 4.09
N LYS D 199 -0.69 -45.24 5.40
CA LYS D 199 0.31 -46.06 6.09
C LYS D 199 -0.01 -47.55 6.00
N THR D 200 -1.27 -47.90 6.23
CA THR D 200 -1.73 -49.28 6.15
C THR D 200 -1.52 -49.87 4.75
N ILE D 201 -1.91 -49.12 3.72
CA ILE D 201 -1.73 -49.56 2.35
C ILE D 201 -0.26 -49.84 2.08
N LEU D 202 0.61 -48.90 2.45
CA LEU D 202 2.03 -49.10 2.17
C LEU D 202 2.58 -50.29 2.94
N LYS D 203 2.17 -50.45 4.21
CA LYS D 203 2.63 -51.59 5.00
C LYS D 203 2.22 -52.91 4.34
N ALA D 204 0.99 -52.96 3.82
CA ALA D 204 0.50 -54.16 3.15
C ALA D 204 1.17 -54.40 1.80
N LEU D 205 1.73 -53.36 1.20
CA LEU D 205 2.39 -53.51 -0.10
C LEU D 205 3.51 -54.54 -0.05
N GLY D 206 4.48 -54.35 0.83
CA GLY D 206 5.57 -55.27 0.97
C GLY D 206 6.91 -54.58 0.94
N PRO D 207 7.95 -55.25 1.45
CA PRO D 207 9.31 -54.72 1.32
C PRO D 207 9.69 -54.51 -0.14
N GLY D 208 10.45 -53.45 -0.39
CA GLY D 208 10.96 -53.20 -1.73
C GLY D 208 10.01 -52.50 -2.67
N ALA D 209 9.09 -51.70 -2.16
CA ALA D 209 8.19 -50.92 -3.01
C ALA D 209 8.92 -49.70 -3.55
N THR D 210 8.77 -49.45 -4.85
CA THR D 210 9.37 -48.25 -5.41
C THR D 210 8.57 -47.02 -4.96
N LEU D 211 9.12 -45.83 -5.20
CA LEU D 211 8.36 -44.64 -4.84
C LEU D 211 7.11 -44.49 -5.69
N GLU D 212 7.25 -44.69 -7.01
CA GLU D 212 6.09 -44.64 -7.89
C GLU D 212 4.99 -45.57 -7.40
N GLU D 213 5.37 -46.79 -6.98
CA GLU D 213 4.40 -47.76 -6.50
C GLU D 213 3.73 -47.26 -5.22
N MET D 214 4.52 -46.69 -4.30
CA MET D 214 3.95 -46.15 -3.07
C MET D 214 2.96 -45.02 -3.34
N MET D 215 3.32 -44.12 -4.26
CA MET D 215 2.50 -42.96 -4.55
C MET D 215 1.23 -43.36 -5.27
N THR D 216 1.33 -44.30 -6.20
CA THR D 216 0.15 -44.85 -6.84
C THR D 216 -0.77 -45.52 -5.82
N ALA D 217 -0.18 -46.29 -4.89
CA ALA D 217 -0.98 -46.97 -3.88
C ALA D 217 -1.78 -45.99 -3.04
N CYS D 218 -1.23 -44.79 -2.80
CA CYS D 218 -1.88 -43.77 -1.99
C CYS D 218 -2.54 -42.67 -2.82
N GLN D 219 -2.87 -42.97 -4.07
CA GLN D 219 -3.51 -41.98 -4.93
C GLN D 219 -4.92 -42.44 -5.32
N PRO E 1 27.43 -26.30 -22.56
CA PRO E 1 27.32 -27.50 -23.40
C PRO E 1 28.49 -27.66 -24.37
N ILE E 2 28.41 -28.67 -25.22
CA ILE E 2 29.40 -28.93 -26.26
C ILE E 2 28.76 -28.53 -27.58
N VAL E 3 29.26 -27.45 -28.19
CA VAL E 3 28.82 -26.99 -29.50
C VAL E 3 30.04 -26.57 -30.31
N GLN E 4 29.83 -26.40 -31.60
CA GLN E 4 30.88 -25.96 -32.52
C GLN E 4 30.86 -24.45 -32.64
N ASN E 5 32.03 -23.87 -32.88
CA ASN E 5 32.17 -22.42 -32.97
C ASN E 5 32.17 -21.94 -34.43
N MET E 10 34.40 -27.28 -31.36
CA MET E 10 33.86 -28.22 -30.38
C MET E 10 34.55 -28.05 -29.02
N VAL E 11 34.07 -27.08 -28.25
CA VAL E 11 34.61 -26.78 -26.93
C VAL E 11 33.47 -26.89 -25.91
N HIS E 12 33.84 -26.93 -24.63
CA HIS E 12 32.83 -26.82 -23.59
C HIS E 12 32.51 -25.33 -23.45
N GLN E 13 31.23 -25.02 -23.35
CA GLN E 13 30.78 -23.66 -23.07
C GLN E 13 29.91 -23.62 -21.82
N CYS E 14 30.10 -22.58 -21.03
CA CYS E 14 29.29 -22.37 -19.84
C CYS E 14 27.81 -22.30 -20.21
N ILE E 15 26.96 -22.90 -19.36
CA ILE E 15 25.52 -22.78 -19.54
C ILE E 15 25.07 -21.34 -19.40
N SER E 16 24.15 -20.92 -20.29
CA SER E 16 23.77 -19.52 -20.35
C SER E 16 22.67 -19.25 -19.32
N PRO E 17 22.64 -18.02 -18.80
CA PRO E 17 21.53 -17.63 -17.90
C PRO E 17 20.15 -17.82 -18.52
N ARG E 18 20.01 -17.59 -19.83
CA ARG E 18 18.72 -17.80 -20.49
C ARG E 18 18.25 -19.24 -20.38
N THR E 19 19.14 -20.21 -20.63
CA THR E 19 18.73 -21.61 -20.54
C THR E 19 18.32 -21.98 -19.12
N LEU E 20 19.12 -21.60 -18.13
CA LEU E 20 18.80 -21.89 -16.73
C LEU E 20 17.45 -21.32 -16.34
N ASN E 21 17.23 -20.04 -16.68
CA ASN E 21 15.99 -19.39 -16.30
C ASN E 21 14.81 -19.98 -17.07
N ALA E 22 15.00 -20.23 -18.37
CA ALA E 22 13.95 -20.83 -19.19
C ALA E 22 13.47 -22.14 -18.57
N TRP E 23 14.41 -23.00 -18.15
CA TRP E 23 14.03 -24.27 -17.57
C TRP E 23 13.29 -24.09 -16.27
N VAL E 24 13.87 -23.31 -15.35
CA VAL E 24 13.21 -23.07 -14.07
C VAL E 24 11.79 -22.50 -14.28
N LYS E 25 11.64 -21.59 -15.23
CA LYS E 25 10.33 -21.00 -15.50
C LYS E 25 9.36 -21.99 -16.11
N VAL E 26 9.80 -22.80 -17.08
CA VAL E 26 8.84 -23.72 -17.69
C VAL E 26 8.38 -24.74 -16.66
N VAL E 27 9.24 -25.11 -15.72
CA VAL E 27 8.82 -26.05 -14.70
C VAL E 27 7.90 -25.39 -13.69
N GLU E 28 8.23 -24.16 -13.27
CA GLU E 28 7.36 -23.41 -12.36
C GLU E 28 5.98 -23.15 -12.94
N GLU E 29 5.90 -22.85 -14.24
CA GLU E 29 4.66 -22.42 -14.87
C GLU E 29 3.82 -23.59 -15.39
N LYS E 30 4.45 -24.70 -15.77
CA LYS E 30 3.76 -25.79 -16.45
C LYS E 30 3.83 -27.12 -15.70
N ALA E 31 4.59 -27.20 -14.60
CA ALA E 31 4.82 -28.43 -13.83
C ALA E 31 5.29 -29.52 -14.77
N PHE E 32 4.67 -30.71 -14.79
CA PHE E 32 5.05 -31.77 -15.72
C PHE E 32 3.99 -32.03 -16.78
N SER E 33 3.36 -30.97 -17.29
CA SER E 33 2.56 -31.11 -18.49
C SER E 33 3.44 -31.63 -19.62
N PRO E 34 2.89 -32.41 -20.56
CA PRO E 34 3.75 -33.08 -21.55
C PRO E 34 4.63 -32.14 -22.36
N GLU E 35 4.18 -30.92 -22.62
CA GLU E 35 4.96 -30.01 -23.45
C GLU E 35 6.20 -29.49 -22.75
N VAL E 36 6.41 -29.88 -21.49
CA VAL E 36 7.67 -29.56 -20.82
C VAL E 36 8.79 -30.47 -21.32
N ILE E 37 8.45 -31.68 -21.75
CA ILE E 37 9.48 -32.67 -22.10
C ILE E 37 10.23 -32.23 -23.35
N PRO E 38 9.57 -31.82 -24.44
CA PRO E 38 10.35 -31.27 -25.56
C PRO E 38 11.17 -30.06 -25.16
N MET E 39 10.61 -29.15 -24.36
CA MET E 39 11.33 -27.95 -23.97
C MET E 39 12.66 -28.31 -23.30
N PHE E 40 12.63 -29.28 -22.38
CA PHE E 40 13.84 -29.73 -21.73
C PHE E 40 14.85 -30.22 -22.76
N SER E 41 14.38 -31.04 -23.70
CA SER E 41 15.28 -31.60 -24.70
C SER E 41 15.88 -30.48 -25.53
N ALA E 42 15.07 -29.48 -25.87
CA ALA E 42 15.60 -28.37 -26.65
C ALA E 42 16.54 -27.52 -25.80
N LEU E 43 16.17 -27.25 -24.54
CA LEU E 43 17.04 -26.47 -23.68
C LEU E 43 18.35 -27.17 -23.35
N SER E 44 18.37 -28.51 -23.40
CA SER E 44 19.58 -29.28 -23.13
C SER E 44 20.29 -29.71 -24.41
N CYS E 45 20.08 -29.00 -25.51
CA CYS E 45 20.83 -29.27 -26.74
C CYS E 45 22.33 -29.18 -26.47
N GLY E 46 23.04 -30.27 -26.75
CA GLY E 46 24.47 -30.32 -26.60
C GLY E 46 24.96 -30.45 -25.18
N ALA E 47 24.06 -30.71 -24.23
CA ALA E 47 24.41 -30.74 -22.82
C ALA E 47 25.34 -31.91 -22.52
N THR E 48 26.33 -31.67 -21.66
CA THR E 48 27.07 -32.75 -21.04
C THR E 48 26.23 -33.32 -19.90
N PRO E 49 26.61 -34.50 -19.37
CA PRO E 49 25.88 -35.01 -18.19
C PRO E 49 25.93 -34.06 -17.01
N GLN E 50 27.07 -33.40 -16.79
CA GLN E 50 27.16 -32.37 -15.76
C GLN E 50 26.09 -31.31 -15.97
N ASP E 51 25.95 -30.83 -17.21
CA ASP E 51 24.95 -29.82 -17.55
C ASP E 51 23.53 -30.33 -17.27
N LEU E 52 23.26 -31.59 -17.63
CA LEU E 52 21.94 -32.16 -17.41
C LEU E 52 21.62 -32.20 -15.92
N ASN E 53 22.61 -32.63 -15.11
CA ASN E 53 22.45 -32.62 -13.67
C ASN E 53 22.22 -31.20 -13.16
N THR E 54 22.93 -30.23 -13.73
CA THR E 54 22.72 -28.84 -13.36
C THR E 54 21.26 -28.43 -13.55
N MET E 55 20.71 -28.75 -14.73
CA MET E 55 19.32 -28.40 -15.03
C MET E 55 18.38 -29.07 -14.04
N LEU E 56 18.57 -30.37 -13.80
CA LEU E 56 17.74 -31.09 -12.84
C LEU E 56 17.84 -30.47 -11.45
N ASN E 57 19.06 -30.17 -11.01
CA ASN E 57 19.28 -29.68 -9.64
C ASN E 57 18.73 -28.28 -9.42
N THR E 58 18.58 -27.47 -10.48
CA THR E 58 18.04 -26.14 -10.26
C THR E 58 16.55 -26.12 -9.99
N VAL E 59 15.86 -27.25 -10.21
CA VAL E 59 14.44 -27.34 -9.84
C VAL E 59 14.32 -27.40 -8.32
N GLY E 60 13.52 -26.50 -7.76
CA GLY E 60 13.43 -26.43 -6.32
C GLY E 60 12.31 -27.25 -5.74
N GLY E 61 11.20 -27.37 -6.47
CA GLY E 61 10.05 -28.12 -6.03
C GLY E 61 10.08 -29.55 -6.51
N HIS E 62 8.91 -30.20 -6.45
CA HIS E 62 8.66 -31.50 -7.05
C HIS E 62 9.70 -32.55 -6.68
N GLN E 63 10.14 -32.54 -5.42
CA GLN E 63 11.24 -33.43 -5.05
C GLN E 63 10.82 -34.90 -5.04
N ALA E 64 9.53 -35.17 -4.88
CA ALA E 64 9.03 -36.53 -5.07
C ALA E 64 9.32 -36.98 -6.50
N ALA E 65 8.92 -36.16 -7.46
CA ALA E 65 9.18 -36.46 -8.86
C ALA E 65 10.67 -36.64 -9.11
N MET E 66 11.51 -35.78 -8.50
CA MET E 66 12.94 -35.90 -8.78
C MET E 66 13.53 -37.18 -8.21
N GLN E 67 13.01 -37.67 -7.08
CA GLN E 67 13.46 -38.98 -6.61
C GLN E 67 12.97 -40.09 -7.51
N MET E 68 11.71 -40.02 -7.93
CA MET E 68 11.18 -41.00 -8.87
C MET E 68 12.05 -41.05 -10.14
N LEU E 69 12.45 -39.87 -10.61
CA LEU E 69 13.31 -39.75 -11.78
C LEU E 69 14.64 -40.43 -11.51
N LYS E 70 15.19 -40.21 -10.31
CA LYS E 70 16.42 -40.84 -9.88
C LYS E 70 16.29 -42.36 -9.93
N GLU E 71 15.13 -42.87 -9.50
CA GLU E 71 14.83 -44.30 -9.54
C GLU E 71 14.91 -44.84 -10.97
N THR E 72 14.28 -44.12 -11.90
CA THR E 72 14.30 -44.54 -13.30
C THR E 72 15.74 -44.52 -13.83
N ILE E 73 16.48 -43.47 -13.48
CA ILE E 73 17.87 -43.36 -13.92
C ILE E 73 18.68 -44.55 -13.42
N ASN E 74 18.48 -44.97 -12.17
CA ASN E 74 19.25 -46.10 -11.66
C ASN E 74 18.87 -47.39 -12.37
N GLU E 75 17.60 -47.53 -12.77
CA GLU E 75 17.21 -48.72 -13.52
C GLU E 75 17.85 -48.73 -14.90
N GLU E 76 17.92 -47.57 -15.55
CA GLU E 76 18.55 -47.50 -16.86
C GLU E 76 20.07 -47.69 -16.76
N ALA E 77 20.69 -47.16 -15.70
CA ALA E 77 22.13 -47.34 -15.52
C ALA E 77 22.47 -48.81 -15.29
N ALA E 78 21.60 -49.51 -14.56
CA ALA E 78 21.83 -50.94 -14.33
C ALA E 78 21.65 -51.73 -15.60
N GLU E 79 20.65 -51.36 -16.43
CA GLU E 79 20.47 -52.06 -17.68
C GLU E 79 21.63 -51.78 -18.64
N TRP E 80 22.16 -50.55 -18.64
CA TRP E 80 23.37 -50.26 -19.39
C TRP E 80 24.53 -51.12 -18.93
N ASP E 81 24.74 -51.24 -17.62
CA ASP E 81 25.87 -52.06 -17.18
C ASP E 81 25.68 -53.51 -17.57
N ARG E 82 24.44 -54.01 -17.60
CA ARG E 82 24.26 -55.40 -18.00
C ARG E 82 24.51 -55.59 -19.50
N LEU E 83 24.06 -54.63 -20.32
CA LEU E 83 24.22 -54.78 -21.76
C LEU E 83 25.65 -54.49 -22.23
N HIS E 84 26.28 -53.45 -21.69
CA HIS E 84 27.55 -52.93 -22.21
C HIS E 84 28.61 -52.86 -21.12
N PRO E 85 29.10 -54.02 -20.64
CA PRO E 85 30.15 -54.00 -19.62
C PRO E 85 31.43 -53.36 -20.16
N VAL E 86 32.33 -53.06 -19.23
CA VAL E 86 33.63 -52.49 -19.61
C VAL E 86 34.67 -53.60 -19.67
N GLN E 95 45.42 -42.84 -21.47
CA GLN E 95 44.50 -43.56 -22.34
C GLN E 95 43.05 -43.34 -21.91
N MET E 96 42.12 -43.91 -22.68
CA MET E 96 40.70 -43.62 -22.56
C MET E 96 39.93 -44.88 -22.18
N ARG E 97 38.89 -44.71 -21.38
CA ARG E 97 38.12 -45.83 -20.83
C ARG E 97 36.68 -45.77 -21.34
N GLU E 98 36.00 -46.93 -21.25
CA GLU E 98 34.61 -47.01 -21.65
C GLU E 98 33.71 -46.52 -20.51
N PRO E 99 32.66 -45.76 -20.83
CA PRO E 99 31.79 -45.21 -19.77
C PRO E 99 30.78 -46.24 -19.30
N ARG E 100 30.62 -46.34 -17.97
CA ARG E 100 29.56 -47.12 -17.36
C ARG E 100 28.35 -46.25 -17.04
N GLY E 101 27.32 -46.89 -16.50
CA GLY E 101 26.07 -46.20 -16.18
C GLY E 101 26.28 -44.98 -15.32
N SER E 102 27.00 -45.12 -14.20
CA SER E 102 27.19 -43.99 -13.30
C SER E 102 28.07 -42.91 -13.92
N ASP E 103 28.84 -43.24 -14.96
CA ASP E 103 29.61 -42.23 -15.69
C ASP E 103 28.70 -41.42 -16.61
N ILE E 104 27.77 -42.09 -17.29
CA ILE E 104 26.83 -41.41 -18.16
C ILE E 104 25.91 -40.51 -17.36
N ALA E 105 25.57 -40.92 -16.14
CA ALA E 105 24.72 -40.15 -15.25
C ALA E 105 25.49 -39.07 -14.50
N GLY E 106 26.80 -38.97 -14.73
CA GLY E 106 27.56 -37.85 -14.20
C GLY E 106 27.88 -37.92 -12.73
N THR E 107 27.74 -39.07 -12.09
CA THR E 107 28.01 -39.15 -10.66
C THR E 107 29.42 -39.61 -10.34
N THR E 108 30.09 -40.32 -11.27
CA THR E 108 31.45 -40.78 -11.04
C THR E 108 32.39 -40.38 -12.16
N SER E 109 31.94 -39.53 -13.09
CA SER E 109 32.77 -39.04 -14.18
C SER E 109 33.00 -37.54 -14.08
N THR E 110 34.16 -37.11 -14.56
CA THR E 110 34.51 -35.69 -14.58
C THR E 110 34.02 -35.05 -15.87
N LEU E 111 34.03 -33.71 -15.88
CA LEU E 111 33.66 -32.97 -17.08
C LEU E 111 34.58 -33.30 -18.25
N GLN E 112 35.89 -33.32 -18.02
CA GLN E 112 36.86 -33.60 -19.08
C GLN E 112 36.63 -34.98 -19.69
N GLU E 113 36.30 -35.96 -18.85
CA GLU E 113 35.99 -37.31 -19.34
C GLU E 113 34.75 -37.30 -20.25
N GLN E 114 33.73 -36.54 -19.85
CA GLN E 114 32.51 -36.43 -20.63
C GLN E 114 32.79 -35.78 -21.98
N ILE E 115 33.59 -34.72 -21.98
CA ILE E 115 33.99 -34.07 -23.22
C ILE E 115 34.74 -35.05 -24.13
N GLY E 116 35.64 -35.85 -23.54
CA GLY E 116 36.35 -36.83 -24.34
C GLY E 116 35.42 -37.80 -25.03
N TRP E 117 34.46 -38.35 -24.27
CA TRP E 117 33.52 -39.29 -24.88
C TRP E 117 32.67 -38.61 -25.96
N MET E 118 32.09 -37.45 -25.65
CA MET E 118 31.20 -36.79 -26.59
C MET E 118 31.89 -36.32 -27.86
N THR E 119 33.21 -36.10 -27.84
CA THR E 119 33.93 -35.54 -28.99
C THR E 119 34.94 -36.51 -29.58
N HIS E 120 34.89 -37.78 -29.18
CA HIS E 120 35.76 -38.80 -29.74
C HIS E 120 35.33 -39.15 -31.16
N ASN E 121 36.22 -39.82 -31.89
CA ASN E 121 35.92 -40.32 -33.23
C ASN E 121 36.22 -41.81 -33.23
N PRO E 122 35.19 -42.67 -33.16
CA PRO E 122 33.76 -42.36 -33.17
C PRO E 122 33.25 -41.81 -31.83
N PRO E 123 32.23 -40.96 -31.88
CA PRO E 123 31.69 -40.37 -30.65
C PRO E 123 30.98 -41.37 -29.77
N ILE E 124 31.16 -41.20 -28.46
CA ILE E 124 30.39 -41.97 -27.47
C ILE E 124 29.42 -41.00 -26.82
N PRO E 125 28.16 -40.98 -27.26
CA PRO E 125 27.19 -39.92 -26.92
C PRO E 125 26.63 -40.00 -25.50
N VAL E 126 27.49 -39.81 -24.50
CA VAL E 126 27.03 -39.98 -23.12
C VAL E 126 25.95 -38.95 -22.79
N GLY E 127 26.01 -37.78 -23.44
CA GLY E 127 24.98 -36.78 -23.22
C GLY E 127 23.62 -37.19 -23.76
N GLU E 128 23.59 -37.77 -24.97
CA GLU E 128 22.32 -38.22 -25.54
C GLU E 128 21.77 -39.42 -24.78
N ILE E 129 22.64 -40.31 -24.32
CA ILE E 129 22.18 -41.48 -23.59
C ILE E 129 21.59 -41.05 -22.24
N TYR E 130 22.29 -40.16 -21.53
CA TYR E 130 21.78 -39.68 -20.25
C TYR E 130 20.47 -38.94 -20.46
N LYS E 131 20.41 -38.10 -21.51
CA LYS E 131 19.18 -37.37 -21.79
C LYS E 131 18.03 -38.33 -22.05
N ARG E 132 18.30 -39.44 -22.73
CA ARG E 132 17.28 -40.45 -22.99
C ARG E 132 16.74 -41.02 -21.69
N TRP E 133 17.64 -41.36 -20.75
CA TRP E 133 17.18 -41.86 -19.46
C TRP E 133 16.33 -40.83 -18.72
N ILE E 134 16.76 -39.57 -18.75
CA ILE E 134 16.05 -38.52 -18.04
C ILE E 134 14.65 -38.32 -18.63
N ILE E 135 14.55 -38.33 -19.96
CA ILE E 135 13.25 -38.15 -20.60
C ILE E 135 12.35 -39.37 -20.37
N LEU E 136 12.91 -40.57 -20.30
CA LEU E 136 12.12 -41.76 -19.95
C LEU E 136 11.48 -41.61 -18.56
N GLY E 137 12.27 -41.16 -17.59
CA GLY E 137 11.72 -40.95 -16.26
C GLY E 137 10.70 -39.84 -16.25
N LEU E 138 10.96 -38.78 -16.99
CA LEU E 138 10.02 -37.68 -17.08
C LEU E 138 8.70 -38.15 -17.68
N ASN E 139 8.75 -39.01 -18.70
CA ASN E 139 7.51 -39.52 -19.28
C ASN E 139 6.68 -40.28 -18.27
N LYS E 140 7.33 -41.10 -17.44
CA LYS E 140 6.60 -41.76 -16.35
C LYS E 140 5.94 -40.75 -15.41
N ILE E 141 6.65 -39.68 -15.06
CA ILE E 141 6.08 -38.69 -14.14
C ILE E 141 4.91 -37.96 -14.79
N VAL E 142 5.07 -37.55 -16.04
CA VAL E 142 3.98 -36.93 -16.80
C VAL E 142 2.76 -37.83 -16.83
N ARG E 143 2.96 -39.12 -17.07
CA ARG E 143 1.82 -40.04 -17.10
C ARG E 143 1.13 -40.09 -15.75
N MET E 144 1.90 -40.13 -14.68
CA MET E 144 1.29 -40.24 -13.35
C MET E 144 0.49 -39.00 -12.99
N TYR E 145 1.00 -37.81 -13.33
CA TYR E 145 0.34 -36.59 -12.89
C TYR E 145 -0.76 -36.14 -13.85
N SER E 146 -1.12 -36.97 -14.81
CA SER E 146 -2.32 -36.75 -15.61
C SER E 146 -3.54 -36.93 -14.72
N PRO E 147 -4.42 -35.94 -14.59
CA PRO E 147 -5.48 -36.02 -13.56
C PRO E 147 -6.62 -36.96 -13.89
N THR E 148 -6.85 -37.30 -15.16
CA THR E 148 -8.02 -38.09 -15.52
C THR E 148 -7.68 -39.10 -16.61
N SER E 149 -8.40 -40.22 -16.60
CA SER E 149 -8.22 -41.26 -17.59
C SER E 149 -8.94 -40.91 -18.89
N ILE E 150 -8.41 -41.44 -20.00
CA ILE E 150 -9.00 -41.18 -21.31
C ILE E 150 -10.42 -41.73 -21.37
N LEU E 151 -10.70 -42.81 -20.63
CA LEU E 151 -12.07 -43.32 -20.52
C LEU E 151 -13.00 -42.32 -19.84
N ASP E 152 -12.45 -41.39 -19.07
CA ASP E 152 -13.24 -40.41 -18.32
C ASP E 152 -13.36 -39.07 -19.02
N ILE E 153 -12.80 -38.93 -20.21
CA ILE E 153 -12.94 -37.72 -21.02
C ILE E 153 -14.20 -37.92 -21.87
N ARG E 154 -15.30 -37.33 -21.44
CA ARG E 154 -16.54 -37.44 -22.19
C ARG E 154 -17.12 -36.06 -22.47
N GLN E 155 -17.67 -35.90 -23.66
CA GLN E 155 -18.20 -34.62 -24.09
C GLN E 155 -19.40 -34.24 -23.24
N GLY E 156 -19.44 -33.00 -22.78
CA GLY E 156 -20.58 -32.52 -22.03
C GLY E 156 -21.75 -32.21 -22.93
N PRO E 157 -22.96 -32.12 -22.34
CA PRO E 157 -24.15 -31.87 -23.16
C PRO E 157 -24.11 -30.53 -23.87
N LYS E 158 -23.56 -29.50 -23.24
CA LYS E 158 -23.41 -28.19 -23.85
C LYS E 158 -21.96 -27.86 -24.15
N GLU E 159 -21.08 -28.85 -24.19
CA GLU E 159 -19.66 -28.62 -24.41
C GLU E 159 -19.36 -28.57 -25.90
N PRO E 160 -18.75 -27.49 -26.41
CA PRO E 160 -18.34 -27.46 -27.82
C PRO E 160 -17.44 -28.65 -28.17
N PHE E 161 -17.72 -29.25 -29.33
CA PHE E 161 -16.95 -30.42 -29.76
C PHE E 161 -15.44 -30.12 -29.78
N ARG E 162 -15.05 -28.92 -30.23
CA ARG E 162 -13.64 -28.58 -30.31
C ARG E 162 -12.97 -28.68 -28.95
N ASP E 163 -13.63 -28.17 -27.91
CA ASP E 163 -13.06 -28.17 -26.57
C ASP E 163 -12.91 -29.60 -26.05
N TYR E 164 -13.88 -30.44 -26.39
CA TYR E 164 -13.84 -31.84 -25.96
C TYR E 164 -12.68 -32.56 -26.64
N VAL E 165 -12.50 -32.34 -27.94
CA VAL E 165 -11.38 -32.96 -28.65
C VAL E 165 -10.05 -32.45 -28.11
N ASP E 166 -9.97 -31.15 -27.79
CA ASP E 166 -8.79 -30.61 -27.13
C ASP E 166 -8.45 -31.41 -25.87
N ARG E 167 -9.44 -31.59 -25.00
CA ARG E 167 -9.19 -32.32 -23.76
C ARG E 167 -8.82 -33.77 -24.06
N PHE E 168 -9.51 -34.37 -25.04
CA PHE E 168 -9.31 -35.78 -25.36
C PHE E 168 -7.87 -36.03 -25.77
N TYR E 169 -7.35 -35.24 -26.71
CA TYR E 169 -5.99 -35.48 -27.17
C TYR E 169 -4.94 -34.96 -26.19
N LYS E 170 -5.26 -33.97 -25.35
CA LYS E 170 -4.33 -33.60 -24.30
C LYS E 170 -4.16 -34.73 -23.29
N THR E 171 -5.28 -35.38 -22.93
CA THR E 171 -5.21 -36.50 -22.01
C THR E 171 -4.50 -37.68 -22.67
N LEU E 172 -4.83 -37.96 -23.93
CA LEU E 172 -4.17 -39.06 -24.63
C LEU E 172 -2.67 -38.82 -24.65
N ARG E 173 -2.24 -37.57 -24.83
CA ARG E 173 -0.82 -37.26 -24.87
C ARG E 173 -0.19 -37.51 -23.51
N ALA E 174 -0.87 -37.11 -22.43
CA ALA E 174 -0.33 -37.37 -21.10
C ALA E 174 -0.31 -38.85 -20.79
N GLU E 175 -1.20 -39.64 -21.38
CA GLU E 175 -1.29 -41.07 -21.11
C GLU E 175 -0.42 -41.92 -22.03
N GLN E 176 0.07 -41.36 -23.13
CA GLN E 176 0.94 -42.08 -24.06
C GLN E 176 2.41 -41.75 -23.85
N ALA E 177 2.81 -41.47 -22.61
CA ALA E 177 4.19 -41.17 -22.29
C ALA E 177 4.85 -42.34 -21.56
N THR E 186 -7.94 -44.32 -31.60
CA THR E 186 -8.07 -42.87 -31.63
C THR E 186 -9.48 -42.45 -32.07
N GLU E 187 -10.04 -43.19 -33.02
CA GLU E 187 -11.34 -42.83 -33.58
C GLU E 187 -12.51 -43.40 -32.80
N THR E 188 -12.42 -44.67 -32.36
CA THR E 188 -13.60 -45.31 -31.79
C THR E 188 -13.92 -44.74 -30.41
N LEU E 189 -12.91 -44.63 -29.54
CA LEU E 189 -13.16 -44.05 -28.23
C LEU E 189 -13.60 -42.58 -28.33
N LEU E 190 -13.03 -41.83 -29.28
CA LEU E 190 -13.42 -40.44 -29.48
C LEU E 190 -14.91 -40.30 -29.80
N VAL E 191 -15.41 -41.15 -30.69
CA VAL E 191 -16.83 -41.11 -31.05
C VAL E 191 -17.68 -41.61 -29.88
N GLN E 192 -17.27 -42.74 -29.30
CA GLN E 192 -18.01 -43.34 -28.19
C GLN E 192 -18.20 -42.36 -27.04
N ASN E 193 -17.19 -41.54 -26.75
CA ASN E 193 -17.26 -40.65 -25.60
C ASN E 193 -17.90 -39.29 -25.92
N ALA E 194 -18.20 -39.01 -27.18
CA ALA E 194 -18.89 -37.78 -27.55
C ALA E 194 -20.34 -37.82 -27.06
N ASN E 195 -20.95 -36.64 -26.94
CA ASN E 195 -22.34 -36.53 -26.53
C ASN E 195 -23.25 -36.95 -27.67
N PRO E 196 -24.53 -37.24 -27.40
CA PRO E 196 -25.33 -37.96 -28.40
C PRO E 196 -25.71 -37.14 -29.62
N ASP E 197 -25.93 -35.83 -29.46
CA ASP E 197 -26.14 -34.98 -30.63
C ASP E 197 -24.94 -35.03 -31.56
N CYS E 198 -23.73 -34.96 -31.01
CA CYS E 198 -22.53 -35.09 -31.82
C CYS E 198 -22.21 -36.54 -32.15
N LYS E 199 -22.51 -37.47 -31.24
CA LYS E 199 -22.24 -38.89 -31.51
C LYS E 199 -23.02 -39.38 -32.74
N THR E 200 -24.30 -39.01 -32.83
CA THR E 200 -25.12 -39.39 -33.97
C THR E 200 -24.54 -38.87 -35.27
N ILE E 201 -24.16 -37.59 -35.29
CA ILE E 201 -23.53 -37.00 -36.48
C ILE E 201 -22.27 -37.76 -36.84
N LEU E 202 -21.40 -38.01 -35.86
CA LEU E 202 -20.14 -38.68 -36.14
C LEU E 202 -20.38 -40.09 -36.66
N LYS E 203 -21.32 -40.82 -36.04
CA LYS E 203 -21.66 -42.16 -36.50
C LYS E 203 -22.16 -42.13 -37.94
N ALA E 204 -22.97 -41.12 -38.28
CA ALA E 204 -23.47 -41.04 -39.64
C ALA E 204 -22.38 -40.67 -40.62
N LEU E 205 -21.29 -40.04 -40.14
CA LEU E 205 -20.19 -39.69 -41.03
C LEU E 205 -19.62 -40.92 -41.72
N GLY E 206 -19.58 -42.04 -41.01
CA GLY E 206 -19.03 -43.27 -41.54
C GLY E 206 -17.58 -43.45 -41.15
N PRO E 207 -17.03 -44.64 -41.40
CA PRO E 207 -15.61 -44.87 -41.12
C PRO E 207 -14.73 -44.09 -42.07
N GLY E 208 -13.48 -43.92 -41.66
CA GLY E 208 -12.52 -43.20 -42.46
C GLY E 208 -12.66 -41.70 -42.48
N ALA E 209 -13.57 -41.14 -41.70
CA ALA E 209 -13.72 -39.69 -41.64
C ALA E 209 -12.52 -39.08 -40.93
N THR E 210 -11.95 -38.01 -41.51
CA THR E 210 -10.85 -37.32 -40.84
C THR E 210 -11.37 -36.51 -39.66
N LEU E 211 -10.42 -36.00 -38.88
CA LEU E 211 -10.75 -35.15 -37.73
C LEU E 211 -11.35 -33.83 -38.18
N GLU E 212 -10.77 -33.24 -39.23
CA GLU E 212 -11.31 -32.01 -39.81
C GLU E 212 -12.79 -32.15 -40.14
N GLU E 213 -13.18 -33.30 -40.71
CA GLU E 213 -14.57 -33.55 -41.06
C GLU E 213 -15.44 -33.60 -39.81
N MET E 214 -15.00 -34.39 -38.83
CA MET E 214 -15.74 -34.54 -37.58
C MET E 214 -15.95 -33.19 -36.90
N MET E 215 -14.98 -32.30 -37.02
CA MET E 215 -15.07 -31.02 -36.30
C MET E 215 -15.89 -29.99 -37.04
N THR E 216 -15.76 -29.90 -38.35
CA THR E 216 -16.65 -29.02 -39.10
C THR E 216 -18.11 -29.44 -38.94
N ALA E 217 -18.37 -30.75 -39.02
CA ALA E 217 -19.75 -31.24 -38.89
C ALA E 217 -20.38 -30.84 -37.56
N CYS E 218 -19.62 -30.92 -36.47
CA CYS E 218 -20.15 -30.71 -35.13
C CYS E 218 -19.88 -29.30 -34.60
N GLN E 219 -19.90 -28.29 -35.47
CA GLN E 219 -19.63 -26.92 -35.04
C GLN E 219 -20.91 -26.09 -34.99
N PRO F 1 18.96 -24.94 -36.06
CA PRO F 1 18.93 -24.62 -37.48
C PRO F 1 20.30 -24.67 -38.14
N ILE F 2 20.34 -24.57 -39.46
CA ILE F 2 21.57 -24.43 -40.21
C ILE F 2 21.77 -22.95 -40.49
N VAL F 3 22.96 -22.44 -40.22
CA VAL F 3 23.24 -21.01 -40.32
C VAL F 3 24.56 -20.77 -41.05
N GLN F 4 24.68 -19.56 -41.57
CA GLN F 4 25.87 -19.08 -42.27
C GLN F 4 26.97 -18.72 -41.27
N MET F 10 27.73 -23.21 -43.63
CA MET F 10 26.59 -23.97 -43.13
C MET F 10 26.98 -24.79 -41.90
N VAL F 11 26.44 -24.40 -40.75
CA VAL F 11 26.68 -25.13 -39.51
C VAL F 11 25.37 -25.39 -38.80
N HIS F 12 25.37 -26.38 -37.91
CA HIS F 12 24.23 -26.66 -37.06
C HIS F 12 24.27 -25.72 -35.84
N GLN F 13 23.13 -25.12 -35.50
CA GLN F 13 22.99 -24.34 -34.28
C GLN F 13 21.84 -24.83 -33.42
N CYS F 14 22.07 -24.85 -32.11
CA CYS F 14 21.02 -25.18 -31.15
C CYS F 14 19.87 -24.21 -31.30
N ILE F 15 18.63 -24.70 -31.16
CA ILE F 15 17.49 -23.79 -31.16
C ILE F 15 17.61 -22.85 -29.96
N SER F 16 17.31 -21.57 -30.19
CA SER F 16 17.58 -20.63 -29.12
C SER F 16 16.41 -20.57 -28.14
N PRO F 17 16.69 -20.31 -26.87
CA PRO F 17 15.61 -20.11 -25.90
C PRO F 17 14.66 -18.99 -26.31
N ARG F 18 15.20 -17.94 -26.93
CA ARG F 18 14.35 -16.84 -27.39
C ARG F 18 13.35 -17.32 -28.44
N THR F 19 13.79 -18.10 -29.42
CA THR F 19 12.87 -18.59 -30.45
C THR F 19 11.82 -19.51 -29.84
N LEU F 20 12.25 -20.44 -28.98
CA LEU F 20 11.32 -21.36 -28.32
C LEU F 20 10.26 -20.59 -27.55
N ASN F 21 10.69 -19.60 -26.77
CA ASN F 21 9.76 -18.83 -25.96
C ASN F 21 8.86 -17.99 -26.84
N ALA F 22 9.43 -17.37 -27.87
CA ALA F 22 8.65 -16.55 -28.80
C ALA F 22 7.50 -17.37 -29.39
N TRP F 23 7.81 -18.59 -29.83
CA TRP F 23 6.79 -19.43 -30.46
C TRP F 23 5.72 -19.80 -29.45
N VAL F 24 6.13 -20.31 -28.29
CA VAL F 24 5.16 -20.67 -27.26
C VAL F 24 4.27 -19.47 -26.91
N LYS F 25 4.87 -18.28 -26.84
CA LYS F 25 4.11 -17.08 -26.48
C LYS F 25 3.13 -16.69 -27.58
N VAL F 26 3.56 -16.71 -28.84
CA VAL F 26 2.65 -16.30 -29.91
C VAL F 26 1.49 -17.28 -30.02
N VAL F 27 1.73 -18.56 -29.73
CA VAL F 27 0.62 -19.51 -29.77
C VAL F 27 -0.31 -19.30 -28.58
N GLU F 28 0.24 -19.07 -27.39
CA GLU F 28 -0.58 -18.79 -26.22
C GLU F 28 -1.41 -17.52 -26.39
N GLU F 29 -0.84 -16.48 -26.98
CA GLU F 29 -1.47 -15.16 -27.05
C GLU F 29 -2.36 -14.97 -28.27
N LYS F 30 -2.09 -15.66 -29.37
CA LYS F 30 -2.77 -15.39 -30.63
C LYS F 30 -3.54 -16.58 -31.16
N ALA F 31 -3.41 -17.75 -30.53
CA ALA F 31 -4.04 -19.01 -30.95
C ALA F 31 -3.68 -19.25 -32.43
N PHE F 32 -4.66 -19.50 -33.29
CA PHE F 32 -4.41 -19.68 -34.72
C PHE F 32 -4.95 -18.53 -35.57
N SER F 33 -4.83 -17.31 -35.06
CA SER F 33 -5.05 -16.14 -35.89
C SER F 33 -4.06 -16.18 -37.05
N PRO F 34 -4.42 -15.67 -38.24
CA PRO F 34 -3.54 -15.86 -39.41
C PRO F 34 -2.13 -15.33 -39.21
N GLU F 35 -1.95 -14.26 -38.44
CA GLU F 35 -0.62 -13.69 -38.31
C GLU F 35 0.31 -14.58 -37.49
N VAL F 36 -0.16 -15.74 -37.03
CA VAL F 36 0.73 -16.69 -36.38
C VAL F 36 1.55 -17.47 -37.39
N ILE F 37 1.02 -17.68 -38.60
CA ILE F 37 1.76 -18.48 -39.58
C ILE F 37 3.03 -17.76 -40.04
N PRO F 38 2.99 -16.46 -40.39
CA PRO F 38 4.26 -15.79 -40.72
C PRO F 38 5.28 -15.86 -39.59
N MET F 39 4.85 -15.58 -38.35
CA MET F 39 5.78 -15.62 -37.22
C MET F 39 6.48 -16.97 -37.15
N PHE F 40 5.70 -18.05 -37.31
CA PHE F 40 6.29 -19.39 -37.31
C PHE F 40 7.35 -19.50 -38.39
N SER F 41 7.01 -19.03 -39.59
CA SER F 41 7.94 -19.15 -40.70
C SER F 41 9.20 -18.37 -40.39
N ALA F 42 9.04 -17.20 -39.77
CA ALA F 42 10.23 -16.42 -39.42
C ALA F 42 10.99 -17.08 -38.28
N LEU F 43 10.28 -17.56 -37.25
CA LEU F 43 11.00 -18.21 -36.16
C LEU F 43 11.67 -19.51 -36.59
N SER F 44 11.15 -20.19 -37.61
CA SER F 44 11.76 -21.41 -38.11
C SER F 44 12.63 -21.20 -39.33
N CYS F 45 13.12 -19.98 -39.55
CA CYS F 45 14.06 -19.75 -40.64
C CYS F 45 15.28 -20.66 -40.46
N GLY F 46 15.55 -21.49 -41.46
CA GLY F 46 16.70 -22.38 -41.47
C GLY F 46 16.54 -23.63 -40.62
N ALA F 47 15.33 -23.89 -40.11
CA ALA F 47 15.07 -24.99 -39.20
C ALA F 47 15.23 -26.32 -39.91
N THR F 48 15.82 -27.30 -39.23
CA THR F 48 15.73 -28.67 -39.69
C THR F 48 14.36 -29.23 -39.35
N PRO F 49 13.98 -30.38 -39.93
CA PRO F 49 12.71 -31.00 -39.53
C PRO F 49 12.64 -31.32 -38.05
N GLN F 50 13.75 -31.76 -37.48
CA GLN F 50 13.83 -31.98 -36.03
C GLN F 50 13.44 -30.71 -35.28
N ASP F 51 14.00 -29.57 -35.71
CA ASP F 51 13.69 -28.29 -35.07
C ASP F 51 12.21 -27.97 -35.18
N LEU F 52 11.63 -28.21 -36.36
CA LEU F 52 10.20 -27.93 -36.57
C LEU F 52 9.35 -28.78 -35.65
N ASN F 53 9.67 -30.07 -35.54
CA ASN F 53 8.96 -30.94 -34.63
C ASN F 53 9.11 -30.48 -33.19
N THR F 54 10.31 -30.02 -32.81
CA THR F 54 10.52 -29.49 -31.47
C THR F 54 9.57 -28.32 -31.20
N MET F 55 9.51 -27.37 -32.13
CA MET F 55 8.66 -26.20 -31.98
C MET F 55 7.20 -26.59 -31.86
N LEU F 56 6.73 -27.49 -32.74
CA LEU F 56 5.35 -27.94 -32.67
C LEU F 56 5.08 -28.63 -31.33
N ASN F 57 6.00 -29.50 -30.89
CA ASN F 57 5.78 -30.27 -29.67
C ASN F 57 5.80 -29.39 -28.42
N THR F 58 6.46 -28.22 -28.48
CA THR F 58 6.46 -27.39 -27.28
C THR F 58 5.12 -26.71 -27.04
N VAL F 59 4.22 -26.73 -28.02
CA VAL F 59 2.86 -26.22 -27.82
C VAL F 59 2.11 -27.20 -26.91
N GLY F 60 1.56 -26.71 -25.81
CA GLY F 60 0.93 -27.60 -24.87
C GLY F 60 -0.56 -27.78 -25.08
N GLY F 61 -1.23 -26.74 -25.53
CA GLY F 61 -2.66 -26.77 -25.77
C GLY F 61 -2.99 -27.14 -27.20
N HIS F 62 -4.23 -26.85 -27.58
CA HIS F 62 -4.69 -26.90 -28.97
C HIS F 62 -4.37 -28.25 -29.63
N GLN F 63 -4.53 -29.34 -28.87
CA GLN F 63 -4.11 -30.65 -29.37
C GLN F 63 -5.01 -31.16 -30.50
N ALA F 64 -6.24 -30.66 -30.60
CA ALA F 64 -7.06 -30.94 -31.77
C ALA F 64 -6.38 -30.44 -33.03
N ALA F 65 -5.99 -29.16 -33.02
CA ALA F 65 -5.30 -28.60 -34.17
C ALA F 65 -4.03 -29.38 -34.49
N MET F 66 -3.26 -29.77 -33.48
CA MET F 66 -2.01 -30.49 -33.76
C MET F 66 -2.27 -31.88 -34.32
N GLN F 67 -3.36 -32.53 -33.92
CA GLN F 67 -3.69 -33.81 -34.54
C GLN F 67 -4.10 -33.62 -35.99
N MET F 68 -4.94 -32.60 -36.25
CA MET F 68 -5.31 -32.28 -37.62
C MET F 68 -4.07 -32.02 -38.46
N LEU F 69 -3.10 -31.30 -37.88
CA LEU F 69 -1.85 -30.99 -38.55
C LEU F 69 -1.11 -32.28 -38.89
N LYS F 70 -1.08 -33.22 -37.94
CA LYS F 70 -0.47 -34.53 -38.20
C LYS F 70 -1.13 -35.21 -39.40
N GLU F 71 -2.46 -35.11 -39.48
CA GLU F 71 -3.19 -35.69 -40.62
C GLU F 71 -2.70 -35.06 -41.93
N THR F 72 -2.60 -33.74 -41.96
CA THR F 72 -2.14 -33.05 -43.16
C THR F 72 -0.73 -33.47 -43.52
N ILE F 73 0.16 -33.57 -42.52
CA ILE F 73 1.52 -33.99 -42.77
C ILE F 73 1.55 -35.37 -43.41
N ASN F 74 0.73 -36.30 -42.92
CA ASN F 74 0.71 -37.64 -43.50
C ASN F 74 0.18 -37.63 -44.92
N GLU F 75 -0.75 -36.72 -45.20
CA GLU F 75 -1.28 -36.60 -46.56
C GLU F 75 -0.21 -36.09 -47.53
N GLU F 76 0.59 -35.11 -47.08
CA GLU F 76 1.66 -34.60 -47.92
C GLU F 76 2.78 -35.62 -48.06
N ALA F 77 3.06 -36.39 -47.01
CA ALA F 77 4.10 -37.40 -47.09
C ALA F 77 3.71 -38.50 -48.08
N ALA F 78 2.42 -38.84 -48.12
CA ALA F 78 1.97 -39.86 -49.07
C ALA F 78 2.08 -39.33 -50.50
N GLU F 79 1.73 -38.06 -50.71
CA GLU F 79 1.87 -37.51 -52.06
C GLU F 79 3.35 -37.40 -52.47
N TRP F 80 4.23 -37.06 -51.53
CA TRP F 80 5.67 -37.08 -51.80
C TRP F 80 6.13 -38.47 -52.21
N ASP F 81 5.71 -39.50 -51.47
CA ASP F 81 6.15 -40.85 -51.82
C ASP F 81 5.62 -41.26 -53.19
N ARG F 82 4.44 -40.77 -53.57
CA ARG F 82 3.92 -41.12 -54.88
C ARG F 82 4.75 -40.46 -55.98
N LEU F 83 4.96 -39.15 -55.89
CA LEU F 83 5.60 -38.40 -56.97
C LEU F 83 7.12 -38.45 -56.93
N HIS F 84 7.70 -38.83 -55.81
CA HIS F 84 9.15 -38.97 -55.63
C HIS F 84 9.39 -40.33 -54.98
N PRO F 85 9.19 -41.42 -55.72
CA PRO F 85 9.42 -42.76 -55.17
C PRO F 85 10.86 -43.01 -54.73
N VAL F 86 11.00 -43.93 -53.79
CA VAL F 86 12.27 -44.28 -53.16
C VAL F 86 12.62 -45.71 -53.55
N HIS F 87 13.87 -45.94 -53.91
CA HIS F 87 14.37 -47.25 -54.29
C HIS F 87 15.47 -47.69 -53.35
N ALA F 88 15.50 -48.99 -53.05
CA ALA F 88 16.51 -49.54 -52.15
C ALA F 88 17.32 -50.64 -52.85
N ALA F 92 23.52 -48.50 -50.58
CA ALA F 92 24.53 -47.48 -50.82
C ALA F 92 25.58 -47.48 -49.72
N PRO F 93 26.68 -48.22 -49.95
CA PRO F 93 27.73 -48.31 -48.92
C PRO F 93 28.40 -46.97 -48.65
N GLY F 94 28.05 -46.33 -47.53
CA GLY F 94 28.61 -45.04 -47.19
C GLY F 94 27.87 -43.88 -47.86
N GLN F 95 27.34 -44.13 -49.05
CA GLN F 95 26.60 -43.10 -49.76
C GLN F 95 25.28 -42.80 -49.07
N MET F 96 24.60 -41.78 -49.56
CA MET F 96 23.38 -41.29 -48.93
C MET F 96 22.14 -41.78 -49.66
N ARG F 97 21.04 -41.83 -48.92
CA ARG F 97 19.74 -42.31 -49.34
C ARG F 97 18.82 -41.19 -49.78
N GLU F 98 17.79 -41.57 -50.55
CA GLU F 98 16.78 -40.63 -51.03
C GLU F 98 15.77 -40.38 -49.92
N PRO F 99 15.32 -39.15 -49.71
CA PRO F 99 14.39 -38.92 -48.58
C PRO F 99 12.96 -39.29 -48.97
N ARG F 100 12.28 -40.03 -48.08
CA ARG F 100 10.85 -40.24 -48.21
C ARG F 100 10.10 -39.24 -47.37
N GLY F 101 8.77 -39.33 -47.43
CA GLY F 101 7.91 -38.43 -46.68
C GLY F 101 8.25 -38.39 -45.20
N SER F 102 8.33 -39.57 -44.57
CA SER F 102 8.60 -39.63 -43.13
C SER F 102 10.00 -39.18 -42.77
N ASP F 103 10.94 -39.16 -43.71
CA ASP F 103 12.26 -38.61 -43.40
C ASP F 103 12.19 -37.09 -43.35
N ILE F 104 11.48 -36.49 -44.31
CA ILE F 104 11.31 -35.04 -44.33
C ILE F 104 10.48 -34.60 -43.14
N ALA F 105 9.55 -35.43 -42.69
CA ALA F 105 8.72 -35.10 -41.54
C ALA F 105 9.43 -35.43 -40.24
N GLY F 106 10.66 -35.93 -40.31
CA GLY F 106 11.49 -36.08 -39.13
C GLY F 106 11.12 -37.23 -38.22
N THR F 107 10.29 -38.15 -38.68
CA THR F 107 9.88 -39.26 -37.81
C THR F 107 10.74 -40.51 -38.00
N THR F 108 11.41 -40.64 -39.14
CA THR F 108 12.27 -41.78 -39.42
C THR F 108 13.67 -41.36 -39.83
N SER F 109 14.00 -40.08 -39.71
CA SER F 109 15.33 -39.57 -40.03
C SER F 109 16.04 -39.03 -38.80
N THR F 110 17.36 -39.14 -38.82
CA THR F 110 18.23 -38.64 -37.77
C THR F 110 18.58 -37.19 -38.06
N LEU F 111 19.13 -36.50 -37.06
CA LEU F 111 19.58 -35.12 -37.28
C LEU F 111 20.63 -35.05 -38.37
N GLN F 112 21.65 -35.93 -38.30
CA GLN F 112 22.70 -35.91 -39.31
C GLN F 112 22.18 -36.16 -40.72
N GLU F 113 21.19 -37.06 -40.87
CA GLU F 113 20.62 -37.27 -42.19
C GLU F 113 19.96 -36.00 -42.71
N GLN F 114 19.25 -35.29 -41.83
CA GLN F 114 18.61 -34.04 -42.22
C GLN F 114 19.66 -33.00 -42.62
N ILE F 115 20.75 -32.91 -41.85
CA ILE F 115 21.85 -32.02 -42.17
C ILE F 115 22.48 -32.40 -43.51
N GLY F 116 22.64 -33.70 -43.75
CA GLY F 116 23.20 -34.14 -45.02
C GLY F 116 22.36 -33.68 -46.20
N TRP F 117 21.05 -33.89 -46.12
CA TRP F 117 20.20 -33.43 -47.22
C TRP F 117 20.25 -31.91 -47.37
N MET F 118 20.08 -31.18 -46.28
CA MET F 118 20.00 -29.72 -46.33
C MET F 118 21.31 -29.07 -46.76
N THR F 119 22.45 -29.74 -46.57
CA THR F 119 23.78 -29.19 -46.84
C THR F 119 24.48 -29.93 -47.97
N HIS F 120 23.75 -30.75 -48.71
CA HIS F 120 24.26 -31.50 -49.85
C HIS F 120 24.52 -30.56 -51.02
N ASN F 121 25.26 -31.07 -52.00
CA ASN F 121 25.53 -30.35 -53.25
C ASN F 121 25.12 -31.24 -54.41
N PRO F 122 23.95 -30.96 -55.03
CA PRO F 122 23.04 -29.83 -54.79
C PRO F 122 22.20 -30.04 -53.52
N PRO F 123 21.81 -28.97 -52.84
CA PRO F 123 21.03 -29.12 -51.61
C PRO F 123 19.63 -29.66 -51.84
N ILE F 124 19.19 -30.54 -50.95
CA ILE F 124 17.82 -31.03 -50.91
C ILE F 124 17.11 -30.46 -49.68
N PRO F 125 16.29 -29.42 -49.85
CA PRO F 125 15.73 -28.58 -48.75
C PRO F 125 14.60 -29.25 -47.97
N VAL F 126 14.92 -30.33 -47.26
CA VAL F 126 13.88 -31.09 -46.57
C VAL F 126 13.19 -30.23 -45.51
N GLY F 127 13.93 -29.26 -44.95
CA GLY F 127 13.33 -28.36 -43.98
C GLY F 127 12.27 -27.45 -44.58
N GLU F 128 12.54 -26.91 -45.77
CA GLU F 128 11.55 -26.07 -46.44
C GLU F 128 10.33 -26.87 -46.88
N ILE F 129 10.55 -28.11 -47.31
CA ILE F 129 9.43 -28.95 -47.75
C ILE F 129 8.54 -29.28 -46.57
N TYR F 130 9.15 -29.67 -45.45
CA TYR F 130 8.37 -29.96 -44.24
C TYR F 130 7.64 -28.70 -43.77
N LYS F 131 8.33 -27.55 -43.79
CA LYS F 131 7.71 -26.30 -43.36
C LYS F 131 6.50 -25.96 -44.23
N ARG F 132 6.60 -26.23 -45.54
CA ARG F 132 5.47 -26.00 -46.44
C ARG F 132 4.28 -26.86 -46.05
N TRP F 133 4.54 -28.15 -45.75
CA TRP F 133 3.44 -29.02 -45.30
C TRP F 133 2.83 -28.49 -44.00
N ILE F 134 3.68 -28.01 -43.09
CA ILE F 134 3.20 -27.52 -41.80
C ILE F 134 2.35 -26.28 -41.99
N ILE F 135 2.77 -25.36 -42.86
CA ILE F 135 1.98 -24.17 -43.11
C ILE F 135 0.68 -24.47 -43.84
N LEU F 136 0.67 -25.47 -44.73
CA LEU F 136 -0.59 -25.90 -45.34
C LEU F 136 -1.59 -26.34 -44.28
N GLY F 137 -1.13 -27.18 -43.34
CA GLY F 137 -2.01 -27.61 -42.27
C GLY F 137 -2.41 -26.49 -41.33
N LEU F 138 -1.49 -25.60 -41.01
CA LEU F 138 -1.81 -24.48 -40.14
C LEU F 138 -2.86 -23.59 -40.79
N ASN F 139 -2.72 -23.33 -42.10
CA ASN F 139 -3.73 -22.52 -42.78
C ASN F 139 -5.09 -23.19 -42.71
N LYS F 140 -5.14 -24.52 -42.88
CA LYS F 140 -6.41 -25.23 -42.69
C LYS F 140 -6.99 -24.98 -41.30
N ILE F 141 -6.13 -25.02 -40.28
CA ILE F 141 -6.58 -24.84 -38.91
C ILE F 141 -7.07 -23.41 -38.68
N VAL F 142 -6.32 -22.43 -39.17
CA VAL F 142 -6.71 -21.03 -39.11
C VAL F 142 -8.08 -20.84 -39.74
N ARG F 143 -8.30 -21.45 -40.90
CA ARG F 143 -9.60 -21.36 -41.56
C ARG F 143 -10.68 -21.95 -40.68
N MET F 144 -10.37 -23.08 -40.03
CA MET F 144 -11.36 -23.76 -39.20
C MET F 144 -11.74 -22.90 -38.00
N TYR F 145 -10.77 -22.22 -37.40
CA TYR F 145 -11.02 -21.47 -36.18
C TYR F 145 -11.47 -20.04 -36.47
N SER F 146 -11.70 -19.69 -37.72
CA SER F 146 -12.24 -18.38 -38.06
C SER F 146 -13.66 -18.26 -37.51
N PRO F 147 -13.97 -17.23 -36.72
CA PRO F 147 -15.26 -17.20 -36.03
C PRO F 147 -16.44 -16.78 -36.89
N THR F 148 -16.22 -16.06 -37.99
CA THR F 148 -17.32 -15.57 -38.81
C THR F 148 -16.97 -15.71 -40.28
N SER F 149 -18.01 -15.75 -41.10
CA SER F 149 -17.86 -15.78 -42.55
C SER F 149 -17.86 -14.36 -43.10
N ILE F 150 -17.28 -14.21 -44.30
CA ILE F 150 -17.26 -12.91 -44.94
C ILE F 150 -18.68 -12.46 -45.29
N LEU F 151 -19.60 -13.41 -45.50
CA LEU F 151 -20.99 -13.06 -45.74
C LEU F 151 -21.66 -12.48 -44.49
N ASP F 152 -21.13 -12.75 -43.30
CA ASP F 152 -21.74 -12.29 -42.06
C ASP F 152 -21.09 -11.03 -41.51
N ILE F 153 -20.10 -10.48 -42.20
CA ILE F 153 -19.46 -9.22 -41.81
C ILE F 153 -20.20 -8.07 -42.50
N ARG F 154 -21.08 -7.41 -41.76
CA ARG F 154 -21.83 -6.29 -42.29
C ARG F 154 -21.66 -5.08 -41.38
N GLN F 155 -21.55 -3.91 -42.00
CA GLN F 155 -21.33 -2.67 -41.26
C GLN F 155 -22.53 -2.35 -40.39
N GLY F 156 -22.28 -1.99 -39.14
CA GLY F 156 -23.35 -1.58 -38.26
C GLY F 156 -23.80 -0.16 -38.58
N PRO F 157 -24.99 0.22 -38.10
CA PRO F 157 -25.52 1.55 -38.43
C PRO F 157 -24.68 2.69 -37.88
N LYS F 158 -23.86 2.44 -36.86
CA LYS F 158 -22.99 3.47 -36.29
C LYS F 158 -21.53 3.04 -36.28
N GLU F 159 -21.18 2.02 -37.06
CA GLU F 159 -19.78 1.58 -37.08
C GLU F 159 -18.97 2.40 -38.08
N PRO F 160 -17.87 3.01 -37.64
CA PRO F 160 -17.00 3.72 -38.57
C PRO F 160 -16.57 2.79 -39.71
N PHE F 161 -16.58 3.33 -40.94
CA PHE F 161 -16.23 2.53 -42.10
C PHE F 161 -14.89 1.86 -41.93
N ARG F 162 -13.91 2.55 -41.35
CA ARG F 162 -12.58 1.98 -41.19
C ARG F 162 -12.63 0.69 -40.37
N ASP F 163 -13.41 0.68 -39.28
CA ASP F 163 -13.50 -0.49 -38.42
C ASP F 163 -14.16 -1.66 -39.16
N TYR F 164 -15.15 -1.35 -39.99
CA TYR F 164 -15.84 -2.38 -40.76
C TYR F 164 -14.89 -3.00 -41.79
N VAL F 165 -14.12 -2.17 -42.48
CA VAL F 165 -13.15 -2.68 -43.44
C VAL F 165 -12.09 -3.53 -42.73
N ASP F 166 -11.66 -3.10 -41.54
CA ASP F 166 -10.77 -3.92 -40.72
C ASP F 166 -11.34 -5.31 -40.51
N ARG F 167 -12.61 -5.39 -40.06
CA ARG F 167 -13.20 -6.70 -39.81
C ARG F 167 -13.32 -7.50 -41.10
N PHE F 168 -13.68 -6.82 -42.20
CA PHE F 168 -13.91 -7.48 -43.47
C PHE F 168 -12.64 -8.16 -43.95
N TYR F 169 -11.53 -7.44 -43.96
CA TYR F 169 -10.31 -8.04 -44.48
C TYR F 169 -9.63 -8.97 -43.48
N LYS F 170 -9.88 -8.81 -42.17
CA LYS F 170 -9.39 -9.79 -41.21
C LYS F 170 -10.08 -11.13 -41.41
N THR F 171 -11.39 -11.08 -41.66
CA THR F 171 -12.15 -12.30 -41.94
C THR F 171 -11.72 -12.89 -43.28
N LEU F 172 -11.56 -12.03 -44.29
CA LEU F 172 -11.11 -12.49 -45.61
C LEU F 172 -9.78 -13.22 -45.51
N ARG F 173 -8.88 -12.70 -44.66
CA ARG F 173 -7.57 -13.31 -44.51
C ARG F 173 -7.69 -14.68 -43.86
N ALA F 174 -8.55 -14.80 -42.84
CA ALA F 174 -8.72 -16.11 -42.23
C ALA F 174 -9.37 -17.10 -43.20
N GLU F 175 -10.25 -16.63 -44.07
CA GLU F 175 -10.95 -17.52 -45.00
C GLU F 175 -10.06 -17.89 -46.19
N GLN F 176 -9.31 -16.94 -46.72
CA GLN F 176 -8.39 -17.21 -47.83
C GLN F 176 -7.02 -17.64 -47.32
N ALA F 177 -7.01 -18.55 -46.35
CA ALA F 177 -5.77 -19.02 -45.75
C ALA F 177 -5.03 -19.97 -46.69
N THR F 186 -13.45 -7.91 -54.43
CA THR F 186 -13.76 -7.85 -53.00
C THR F 186 -14.52 -6.57 -52.67
N GLU F 187 -14.27 -5.52 -53.45
CA GLU F 187 -14.91 -4.23 -53.20
C GLU F 187 -16.42 -4.31 -53.36
N THR F 188 -16.91 -5.21 -54.22
CA THR F 188 -18.36 -5.32 -54.39
C THR F 188 -19.02 -5.89 -53.13
N LEU F 189 -18.46 -6.96 -52.59
CA LEU F 189 -19.01 -7.49 -51.34
C LEU F 189 -18.85 -6.47 -50.23
N LEU F 190 -17.72 -5.75 -50.23
CA LEU F 190 -17.46 -4.71 -49.24
C LEU F 190 -18.54 -3.64 -49.24
N VAL F 191 -18.93 -3.18 -50.43
CA VAL F 191 -19.99 -2.17 -50.53
C VAL F 191 -21.33 -2.77 -50.17
N GLN F 192 -21.64 -3.96 -50.71
CA GLN F 192 -22.91 -4.61 -50.44
C GLN F 192 -23.18 -4.76 -48.94
N ASN F 193 -22.16 -5.07 -48.16
CA ASN F 193 -22.35 -5.31 -46.74
C ASN F 193 -22.26 -4.04 -45.91
N ALA F 194 -21.89 -2.93 -46.52
CA ALA F 194 -21.85 -1.64 -45.83
C ALA F 194 -23.27 -1.16 -45.50
N ASN F 195 -23.34 -0.25 -44.53
CA ASN F 195 -24.62 0.33 -44.13
C ASN F 195 -25.11 1.32 -45.20
N PRO F 196 -26.41 1.67 -45.19
CA PRO F 196 -26.92 2.51 -46.29
C PRO F 196 -26.27 3.87 -46.37
N ASP F 197 -26.04 4.51 -45.23
CA ASP F 197 -25.34 5.80 -45.21
C ASP F 197 -24.04 5.72 -46.00
N CYS F 198 -23.28 4.64 -45.80
CA CYS F 198 -22.02 4.45 -46.52
C CYS F 198 -22.23 3.89 -47.91
N LYS F 199 -23.22 3.03 -48.08
CA LYS F 199 -23.45 2.36 -49.36
C LYS F 199 -23.80 3.37 -50.46
N THR F 200 -24.69 4.31 -50.14
CA THR F 200 -25.08 5.33 -51.10
C THR F 200 -23.87 6.16 -51.53
N ILE F 201 -23.06 6.60 -50.57
CA ILE F 201 -21.85 7.36 -50.87
C ILE F 201 -20.91 6.56 -51.77
N LEU F 202 -20.67 5.30 -51.41
CA LEU F 202 -19.75 4.48 -52.20
C LEU F 202 -20.27 4.28 -53.61
N LYS F 203 -21.56 4.01 -53.75
CA LYS F 203 -22.15 3.85 -55.08
C LYS F 203 -21.99 5.14 -55.89
N ALA F 204 -22.16 6.30 -55.25
CA ALA F 204 -22.02 7.55 -55.97
C ALA F 204 -20.58 7.82 -56.36
N LEU F 205 -19.61 7.21 -55.66
CA LEU F 205 -18.22 7.41 -56.02
C LEU F 205 -17.94 7.02 -57.47
N GLY F 206 -18.66 6.01 -57.97
CA GLY F 206 -18.39 5.47 -59.28
C GLY F 206 -17.53 4.23 -59.19
N PRO F 207 -17.58 3.38 -60.22
CA PRO F 207 -16.76 2.17 -60.22
C PRO F 207 -15.27 2.49 -60.23
N GLY F 208 -14.47 1.50 -59.84
CA GLY F 208 -13.04 1.64 -59.86
C GLY F 208 -12.45 2.48 -58.76
N ALA F 209 -13.24 2.88 -57.76
CA ALA F 209 -12.71 3.62 -56.63
C ALA F 209 -11.75 2.74 -55.84
N THR F 210 -10.60 3.31 -55.48
CA THR F 210 -9.64 2.61 -54.65
C THR F 210 -10.14 2.54 -53.21
N LEU F 211 -9.45 1.74 -52.39
CA LEU F 211 -9.83 1.64 -50.98
C LEU F 211 -9.59 2.96 -50.26
N GLU F 212 -8.45 3.60 -50.50
CA GLU F 212 -8.19 4.91 -49.92
C GLU F 212 -9.33 5.88 -50.23
N GLU F 213 -9.78 5.88 -51.48
CA GLU F 213 -10.85 6.77 -51.91
C GLU F 213 -12.16 6.44 -51.21
N MET F 214 -12.52 5.16 -51.17
CA MET F 214 -13.76 4.73 -50.53
C MET F 214 -13.77 5.10 -49.04
N MET F 215 -12.68 4.80 -48.35
CA MET F 215 -12.59 5.10 -46.92
C MET F 215 -12.66 6.60 -46.65
N THR F 216 -11.99 7.41 -47.49
CA THR F 216 -12.14 8.86 -47.38
C THR F 216 -13.60 9.27 -47.56
N ALA F 217 -14.28 8.69 -48.55
CA ALA F 217 -15.67 9.06 -48.84
C ALA F 217 -16.57 8.82 -47.63
N CYS F 218 -16.36 7.73 -46.90
CA CYS F 218 -17.21 7.37 -45.76
C CYS F 218 -16.51 7.61 -44.43
N GLN F 219 -15.66 8.62 -44.35
CA GLN F 219 -14.89 8.90 -43.15
C GLN F 219 -15.76 9.49 -42.04
N PRO G 1 -14.89 11.31 5.34
CA PRO G 1 -14.18 12.53 4.97
C PRO G 1 -12.68 12.31 4.82
N ILE G 2 -12.22 12.19 3.58
CA ILE G 2 -10.83 11.91 3.24
C ILE G 2 -9.81 12.65 4.11
N GLN G 13 -12.14 8.51 4.52
CA GLN G 13 -12.31 7.99 5.88
C GLN G 13 -13.78 7.80 6.22
N CYS G 14 -14.03 6.99 7.24
CA CYS G 14 -15.38 6.85 7.76
C CYS G 14 -15.82 8.15 8.43
N ILE G 15 -17.10 8.47 8.29
CA ILE G 15 -17.65 9.58 9.06
C ILE G 15 -17.69 9.19 10.53
N SER G 16 -17.18 10.06 11.39
CA SER G 16 -17.04 9.72 12.80
C SER G 16 -18.42 9.56 13.43
N PRO G 17 -18.61 8.57 14.31
CA PRO G 17 -19.88 8.47 15.04
C PRO G 17 -20.20 9.74 15.82
N ARG G 18 -19.18 10.33 16.45
CA ARG G 18 -19.42 11.55 17.21
C ARG G 18 -19.79 12.72 16.31
N THR G 19 -19.22 12.79 15.10
CA THR G 19 -19.58 13.87 14.18
C THR G 19 -21.04 13.74 13.74
N LEU G 20 -21.44 12.53 13.35
CA LEU G 20 -22.83 12.26 12.99
C LEU G 20 -23.77 12.66 14.13
N ASN G 21 -23.51 12.13 15.32
CA ASN G 21 -24.37 12.42 16.46
C ASN G 21 -24.37 13.91 16.78
N ALA G 22 -23.23 14.57 16.60
CA ALA G 22 -23.15 16.00 16.86
C ALA G 22 -24.07 16.79 15.94
N TRP G 23 -24.01 16.49 14.63
CA TRP G 23 -24.88 17.20 13.69
C TRP G 23 -26.35 16.93 13.99
N VAL G 24 -26.70 15.65 14.22
CA VAL G 24 -28.08 15.31 14.53
C VAL G 24 -28.57 16.08 15.75
N LYS G 25 -27.74 16.12 16.80
CA LYS G 25 -28.17 16.75 18.04
C LYS G 25 -28.22 18.28 17.94
N VAL G 26 -27.31 18.89 17.17
CA VAL G 26 -27.37 20.35 17.09
C VAL G 26 -28.52 20.79 16.20
N VAL G 27 -28.93 19.96 15.23
CA VAL G 27 -30.14 20.30 14.50
C VAL G 27 -31.39 19.96 15.31
N GLU G 28 -31.28 19.07 16.30
CA GLU G 28 -32.43 18.77 17.14
C GLU G 28 -32.61 19.80 18.26
N GLU G 29 -31.53 20.40 18.76
CA GLU G 29 -31.60 21.35 19.85
C GLU G 29 -31.57 22.81 19.38
N LYS G 30 -31.11 23.07 18.16
CA LYS G 30 -31.14 24.40 17.57
C LYS G 30 -31.88 24.30 16.24
N ALA G 31 -33.15 24.71 16.25
CA ALA G 31 -34.03 24.55 15.09
C ALA G 31 -33.70 25.63 14.06
N PHE G 32 -32.60 25.39 13.34
CA PHE G 32 -32.17 26.24 12.22
C PHE G 32 -31.91 27.68 12.67
N SER G 33 -31.23 27.83 13.80
CA SER G 33 -30.63 29.09 14.16
C SER G 33 -29.45 29.34 13.22
N PRO G 34 -29.01 30.59 13.07
CA PRO G 34 -27.93 30.85 12.10
C PRO G 34 -26.64 30.13 12.45
N GLU G 35 -26.30 30.07 13.74
CA GLU G 35 -25.07 29.45 14.18
C GLU G 35 -24.99 27.96 13.88
N VAL G 36 -26.08 27.34 13.42
CA VAL G 36 -25.99 25.94 13.03
C VAL G 36 -25.22 25.80 11.72
N ILE G 37 -25.14 26.85 10.92
CA ILE G 37 -24.44 26.76 9.63
C ILE G 37 -22.93 26.78 9.85
N PRO G 38 -22.36 27.68 10.66
CA PRO G 38 -20.94 27.52 11.00
C PRO G 38 -20.66 26.18 11.67
N MET G 39 -21.49 25.78 12.63
CA MET G 39 -21.32 24.48 13.27
C MET G 39 -21.32 23.37 12.24
N PHE G 40 -22.35 23.33 11.37
CA PHE G 40 -22.33 22.42 10.24
C PHE G 40 -21.03 22.56 9.45
N SER G 41 -20.65 23.80 9.14
CA SER G 41 -19.42 24.04 8.41
C SER G 41 -18.21 23.46 9.13
N ALA G 42 -18.25 23.44 10.46
CA ALA G 42 -17.16 22.84 11.23
C ALA G 42 -17.25 21.32 11.24
N LEU G 43 -18.47 20.77 11.26
CA LEU G 43 -18.64 19.33 11.38
C LEU G 43 -18.43 18.61 10.06
N SER G 44 -18.60 19.29 8.93
CA SER G 44 -18.43 18.70 7.61
C SER G 44 -17.03 18.96 7.06
N CYS G 45 -16.04 19.14 7.94
CA CYS G 45 -14.71 19.55 7.52
C CYS G 45 -14.06 18.50 6.63
N GLY G 46 -13.79 18.88 5.38
CA GLY G 46 -13.07 18.03 4.44
C GLY G 46 -13.82 16.79 3.99
N ALA G 47 -15.14 16.90 3.79
CA ALA G 47 -15.97 15.78 3.44
C ALA G 47 -16.18 15.70 1.93
N THR G 48 -16.64 14.54 1.48
CA THR G 48 -16.98 14.29 0.09
C THR G 48 -18.48 14.46 -0.11
N PRO G 49 -18.93 14.72 -1.36
CA PRO G 49 -20.37 14.88 -1.62
C PRO G 49 -21.24 13.83 -0.93
N GLN G 50 -20.80 12.57 -0.96
CA GLN G 50 -21.54 11.52 -0.29
C GLN G 50 -21.60 11.76 1.22
N ASP G 51 -20.50 12.24 1.80
CA ASP G 51 -20.50 12.53 3.24
C ASP G 51 -21.46 13.66 3.57
N LEU G 52 -21.41 14.75 2.79
CA LEU G 52 -22.33 15.86 3.01
C LEU G 52 -23.78 15.41 2.88
N ASN G 53 -24.07 14.59 1.87
CA ASN G 53 -25.43 14.06 1.72
C ASN G 53 -25.79 13.13 2.86
N THR G 54 -24.82 12.43 3.43
CA THR G 54 -25.10 11.55 4.56
C THR G 54 -25.46 12.35 5.81
N MET G 55 -24.75 13.46 6.04
CA MET G 55 -25.15 14.32 7.16
C MET G 55 -26.49 14.98 6.89
N LEU G 56 -26.76 15.35 5.63
CA LEU G 56 -28.05 15.91 5.27
C LEU G 56 -29.18 14.91 5.54
N ASN G 57 -28.94 13.64 5.21
CA ASN G 57 -29.97 12.61 5.35
C ASN G 57 -30.17 12.18 6.81
N THR G 58 -29.22 12.52 7.69
CA THR G 58 -29.36 12.13 9.09
C THR G 58 -30.42 12.96 9.81
N VAL G 59 -30.79 14.12 9.25
CA VAL G 59 -31.81 14.96 9.87
C VAL G 59 -33.16 14.28 9.76
N GLY G 60 -33.84 14.14 10.89
CA GLY G 60 -35.09 13.40 10.93
C GLY G 60 -36.32 14.23 10.63
N GLY G 61 -36.39 15.44 11.19
CA GLY G 61 -37.50 16.33 10.97
C GLY G 61 -37.20 17.37 9.89
N HIS G 62 -38.07 18.39 9.84
CA HIS G 62 -37.88 19.53 8.95
C HIS G 62 -37.62 19.10 7.51
N GLN G 63 -38.39 18.11 7.06
CA GLN G 63 -38.26 17.61 5.70
C GLN G 63 -38.55 18.68 4.66
N ALA G 64 -39.38 19.66 5.01
CA ALA G 64 -39.65 20.77 4.12
C ALA G 64 -38.40 21.60 3.86
N ALA G 65 -37.64 21.89 4.93
CA ALA G 65 -36.36 22.57 4.77
C ALA G 65 -35.43 21.77 3.88
N MET G 66 -35.45 20.45 4.00
CA MET G 66 -34.59 19.61 3.17
C MET G 66 -34.99 19.68 1.70
N GLN G 67 -36.30 19.69 1.43
CA GLN G 67 -36.77 19.83 0.05
C GLN G 67 -36.31 21.16 -0.54
N MET G 68 -36.48 22.23 0.23
CA MET G 68 -36.03 23.54 -0.25
C MET G 68 -34.52 23.57 -0.47
N LEU G 69 -33.78 22.89 0.40
CA LEU G 69 -32.33 22.84 0.25
C LEU G 69 -31.92 22.13 -1.02
N LYS G 70 -32.57 20.99 -1.32
CA LYS G 70 -32.31 20.31 -2.58
C LYS G 70 -32.64 21.20 -3.77
N GLU G 71 -33.76 21.93 -3.69
CA GLU G 71 -34.08 22.89 -4.75
C GLU G 71 -32.98 23.92 -4.91
N THR G 72 -32.43 24.42 -3.80
CA THR G 72 -31.39 25.44 -3.88
C THR G 72 -30.12 24.88 -4.52
N ILE G 73 -29.75 23.64 -4.18
CA ILE G 73 -28.57 23.06 -4.82
C ILE G 73 -28.84 22.86 -6.31
N ASN G 74 -30.09 22.64 -6.71
CA ASN G 74 -30.39 22.55 -8.13
C ASN G 74 -30.32 23.90 -8.83
N GLU G 75 -30.36 24.99 -8.08
CA GLU G 75 -30.29 26.32 -8.68
C GLU G 75 -28.85 26.71 -9.00
N GLY G 101 -20.54 19.53 -16.15
CA GLY G 101 -20.11 18.16 -16.30
C GLY G 101 -20.78 17.21 -15.32
N SER G 102 -19.98 16.63 -14.43
CA SER G 102 -20.52 15.76 -13.40
C SER G 102 -21.16 16.58 -12.29
N ASP G 103 -22.05 15.94 -11.54
CA ASP G 103 -22.75 16.62 -10.46
C ASP G 103 -21.86 16.73 -9.23
N ILE G 104 -21.87 17.91 -8.62
CA ILE G 104 -21.15 18.12 -7.38
C ILE G 104 -21.98 17.69 -6.18
N ALA G 105 -23.31 17.81 -6.26
CA ALA G 105 -24.19 17.34 -5.22
C ALA G 105 -24.19 15.82 -5.07
N GLY G 106 -23.27 15.14 -5.74
CA GLY G 106 -23.17 13.69 -5.64
C GLY G 106 -24.34 12.95 -6.23
N THR G 107 -25.05 13.56 -7.18
CA THR G 107 -26.16 12.87 -7.84
C THR G 107 -25.65 11.72 -8.68
N THR G 108 -24.60 11.96 -9.47
CA THR G 108 -23.96 10.91 -10.25
C THR G 108 -22.57 10.53 -9.75
N SER G 109 -21.94 11.39 -8.95
CA SER G 109 -20.57 11.17 -8.50
C SER G 109 -20.41 9.81 -7.86
N THR G 110 -19.29 9.16 -8.17
CA THR G 110 -18.96 7.88 -7.56
C THR G 110 -18.33 8.10 -6.19
N LEU G 111 -18.07 6.99 -5.49
CA LEU G 111 -17.34 7.07 -4.23
C LEU G 111 -15.98 7.73 -4.44
N GLN G 112 -15.27 7.32 -5.50
CA GLN G 112 -14.02 7.97 -5.86
C GLN G 112 -14.23 9.47 -6.10
N GLU G 113 -15.33 9.83 -6.75
CA GLU G 113 -15.66 11.23 -7.01
C GLU G 113 -16.44 11.83 -5.86
N PRO G 123 -7.32 19.26 -8.60
CA PRO G 123 -7.45 20.33 -7.60
C PRO G 123 -8.90 20.78 -7.42
N ILE G 124 -9.82 20.03 -8.02
CA ILE G 124 -11.24 20.37 -8.00
C ILE G 124 -11.82 20.05 -6.63
N PRO G 125 -12.32 21.04 -5.90
CA PRO G 125 -12.93 20.79 -4.58
C PRO G 125 -14.44 20.60 -4.65
N VAL G 126 -14.85 19.40 -5.11
CA VAL G 126 -16.27 19.10 -5.25
C VAL G 126 -16.99 19.26 -3.91
N GLY G 127 -16.47 18.62 -2.86
CA GLY G 127 -17.09 18.74 -1.56
C GLY G 127 -17.22 20.19 -1.11
N GLU G 128 -16.17 20.98 -1.33
CA GLU G 128 -16.16 22.36 -0.84
C GLU G 128 -17.20 23.23 -1.56
N ILE G 129 -17.32 23.07 -2.88
CA ILE G 129 -18.28 23.90 -3.60
C ILE G 129 -19.71 23.47 -3.30
N TYR G 130 -19.94 22.15 -3.18
CA TYR G 130 -21.23 21.70 -2.67
C TYR G 130 -21.52 22.31 -1.30
N LYS G 131 -20.50 22.38 -0.44
CA LYS G 131 -20.71 22.93 0.89
C LYS G 131 -21.07 24.41 0.82
N ARG G 132 -20.46 25.16 -0.09
CA ARG G 132 -20.87 26.53 -0.34
C ARG G 132 -22.35 26.59 -0.71
N TRP G 133 -22.78 25.68 -1.59
CA TRP G 133 -24.20 25.61 -1.97
C TRP G 133 -25.07 25.36 -0.75
N ILE G 134 -24.67 24.40 0.08
CA ILE G 134 -25.45 24.03 1.26
C ILE G 134 -25.51 25.19 2.24
N ILE G 135 -24.45 25.99 2.32
CA ILE G 135 -24.45 27.14 3.21
C ILE G 135 -25.40 28.21 2.70
N LEU G 136 -25.42 28.44 1.38
CA LEU G 136 -26.39 29.37 0.82
C LEU G 136 -27.82 28.91 1.07
N GLY G 137 -28.09 27.61 0.85
CA GLY G 137 -29.43 27.09 1.05
C GLY G 137 -29.86 27.10 2.51
N LEU G 138 -28.97 26.67 3.41
CA LEU G 138 -29.26 26.73 4.84
C LEU G 138 -29.44 28.17 5.30
N ASN G 139 -28.69 29.10 4.72
CA ASN G 139 -28.94 30.50 5.03
C ASN G 139 -30.33 30.90 4.61
N LYS G 140 -30.79 30.46 3.43
CA LYS G 140 -32.17 30.71 3.04
C LYS G 140 -33.16 30.13 4.05
N ILE G 141 -32.91 28.89 4.49
CA ILE G 141 -33.77 28.25 5.49
C ILE G 141 -33.82 29.08 6.77
N VAL G 142 -32.68 29.58 7.22
CA VAL G 142 -32.64 30.36 8.46
C VAL G 142 -33.28 31.73 8.26
N ARG G 143 -33.07 32.35 7.09
CA ARG G 143 -33.71 33.62 6.78
C ARG G 143 -35.22 33.50 6.86
N MET G 144 -35.77 32.38 6.41
CA MET G 144 -37.22 32.23 6.53
C MET G 144 -37.65 31.73 7.90
N TYR G 145 -36.76 31.07 8.64
CA TYR G 145 -37.02 30.80 10.05
C TYR G 145 -36.85 32.04 10.91
N SER G 146 -36.33 33.12 10.35
CA SER G 146 -36.22 34.38 11.07
C SER G 146 -37.61 34.95 11.32
N PRO G 147 -38.04 35.09 12.57
CA PRO G 147 -39.42 35.49 12.85
C PRO G 147 -39.67 36.99 12.79
N THR G 148 -38.66 37.80 12.48
CA THR G 148 -38.83 39.24 12.45
C THR G 148 -37.82 39.83 11.47
N SER G 149 -37.98 41.13 11.21
CA SER G 149 -37.09 41.86 10.32
C SER G 149 -36.30 42.89 11.11
N ILE G 150 -35.29 43.44 10.43
CA ILE G 150 -34.38 44.36 11.09
C ILE G 150 -35.05 45.70 11.34
N LEU G 151 -36.04 46.06 10.53
CA LEU G 151 -36.77 47.31 10.73
C LEU G 151 -37.77 47.23 11.88
N ASP G 152 -38.13 46.04 12.33
CA ASP G 152 -39.11 45.86 13.39
C ASP G 152 -38.48 45.76 14.78
N ILE G 153 -37.17 45.91 14.89
CA ILE G 153 -36.48 45.74 16.17
C ILE G 153 -36.41 47.12 16.82
N ARG G 154 -37.35 47.39 17.72
CA ARG G 154 -37.37 48.63 18.49
C ARG G 154 -37.18 48.31 19.96
N GLN G 155 -36.39 49.16 20.64
CA GLN G 155 -36.12 48.93 22.05
C GLN G 155 -37.34 49.29 22.89
N GLY G 156 -37.66 48.43 23.84
CA GLY G 156 -38.79 48.65 24.72
C GLY G 156 -38.53 49.74 25.74
N PRO G 157 -39.60 50.26 26.34
CA PRO G 157 -39.43 51.30 27.37
C PRO G 157 -38.72 50.80 28.61
N LYS G 158 -38.71 49.49 28.85
CA LYS G 158 -37.99 48.91 29.98
C LYS G 158 -36.96 47.88 29.53
N GLU G 159 -36.65 47.82 28.24
CA GLU G 159 -35.67 46.87 27.74
C GLU G 159 -34.28 47.48 27.81
N PRO G 160 -33.32 46.85 28.50
CA PRO G 160 -31.94 47.34 28.45
C PRO G 160 -31.43 47.46 27.03
N PHE G 161 -30.48 48.39 26.84
CA PHE G 161 -29.91 48.61 25.51
C PHE G 161 -29.16 47.38 25.01
N ARG G 162 -28.52 46.63 25.93
CA ARG G 162 -27.77 45.45 25.50
C ARG G 162 -28.70 44.36 24.99
N ASP G 163 -29.85 44.17 25.64
CA ASP G 163 -30.84 43.22 25.13
C ASP G 163 -31.33 43.63 23.74
N TYR G 164 -31.52 44.95 23.54
CA TYR G 164 -31.94 45.46 22.24
C TYR G 164 -30.89 45.17 21.17
N VAL G 165 -29.61 45.40 21.49
CA VAL G 165 -28.55 45.13 20.53
C VAL G 165 -28.45 43.63 20.26
N ASP G 166 -28.64 42.81 21.31
CA ASP G 166 -28.65 41.36 21.15
C ASP G 166 -29.68 40.92 20.12
N ARG G 167 -30.94 41.26 20.35
CA ARG G 167 -32.00 40.86 19.42
C ARG G 167 -31.98 41.66 18.12
N PHE G 168 -31.17 42.72 18.03
CA PHE G 168 -30.96 43.42 16.77
C PHE G 168 -30.02 42.66 15.87
N TYR G 169 -28.81 42.36 16.37
CA TYR G 169 -27.86 41.64 15.54
C TYR G 169 -28.25 40.18 15.38
N LYS G 170 -29.01 39.61 16.32
CA LYS G 170 -29.50 38.25 16.14
C LYS G 170 -30.46 38.16 14.95
N THR G 171 -31.17 39.24 14.66
CA THR G 171 -32.02 39.28 13.47
C THR G 171 -31.21 39.66 12.24
N LEU G 172 -30.24 40.55 12.39
CA LEU G 172 -29.42 40.96 11.25
C LEU G 172 -28.64 39.79 10.68
N ARG G 173 -28.05 38.95 11.55
CA ARG G 173 -27.36 37.76 11.07
C ARG G 173 -28.32 36.79 10.39
N ALA G 174 -29.52 36.62 10.96
CA ALA G 174 -30.55 35.84 10.30
C ALA G 174 -30.86 36.40 8.92
N GLU G 175 -30.70 37.71 8.74
CA GLU G 175 -30.79 38.32 7.41
C GLU G 175 -29.46 38.27 6.67
N GLN G 176 -28.34 38.39 7.38
CA GLN G 176 -27.03 38.38 6.75
C GLN G 176 -26.29 37.07 6.98
N ALA G 184 -24.71 45.85 7.76
CA ALA G 184 -23.61 46.80 7.92
C ALA G 184 -24.09 48.23 7.67
N ALA G 185 -24.86 48.41 6.58
CA ALA G 185 -25.46 49.70 6.28
C ALA G 185 -26.70 49.98 7.12
N THR G 186 -26.93 49.17 8.15
CA THR G 186 -28.09 49.28 9.02
C THR G 186 -27.79 50.05 10.30
N GLU G 187 -26.65 50.75 10.35
CA GLU G 187 -26.27 51.49 11.55
C GLU G 187 -27.25 52.61 11.88
N THR G 188 -28.01 53.09 10.89
CA THR G 188 -29.01 54.13 11.16
C THR G 188 -30.15 53.58 12.01
N LEU G 189 -30.67 52.40 11.64
CA LEU G 189 -31.78 51.81 12.39
C LEU G 189 -31.38 51.44 13.81
N LEU G 190 -30.09 51.21 14.06
CA LEU G 190 -29.64 50.90 15.42
C LEU G 190 -30.01 52.01 16.38
N VAL G 191 -29.70 53.26 16.03
CA VAL G 191 -29.99 54.39 16.91
C VAL G 191 -31.43 54.83 16.77
N GLN G 192 -31.95 54.89 15.53
CA GLN G 192 -33.27 55.46 15.34
C GLN G 192 -34.37 54.59 15.94
N ASN G 193 -34.18 53.27 15.98
CA ASN G 193 -35.17 52.37 16.57
C ASN G 193 -34.98 52.18 18.06
N ALA G 194 -33.93 52.74 18.65
CA ALA G 194 -33.76 52.66 20.10
C ALA G 194 -34.83 53.48 20.80
N ASN G 195 -35.08 53.12 22.06
CA ASN G 195 -36.06 53.84 22.84
C ASN G 195 -35.56 55.26 23.13
N PRO G 196 -36.46 56.23 23.29
CA PRO G 196 -36.03 57.63 23.44
C PRO G 196 -34.98 57.85 24.51
N ASP G 197 -35.13 57.20 25.66
CA ASP G 197 -34.17 57.36 26.76
C ASP G 197 -32.75 57.03 26.29
N CYS G 198 -32.59 55.93 25.56
CA CYS G 198 -31.27 55.57 25.04
C CYS G 198 -30.93 56.31 23.76
N LYS G 199 -31.93 56.59 22.91
CA LYS G 199 -31.67 57.29 21.66
C LYS G 199 -31.02 58.64 21.92
N THR G 200 -31.57 59.42 22.87
CA THR G 200 -31.06 60.76 23.12
C THR G 200 -29.57 60.75 23.40
N ILE G 201 -29.09 59.74 24.14
CA ILE G 201 -27.67 59.62 24.43
C ILE G 201 -26.89 59.29 23.16
N LEU G 202 -27.45 58.47 22.28
CA LEU G 202 -26.73 57.97 21.12
C LEU G 202 -26.67 58.96 19.96
N LYS G 203 -27.53 59.98 19.96
CA LYS G 203 -27.41 61.04 18.96
C LYS G 203 -26.50 62.18 19.42
N ALA G 204 -26.20 62.23 20.72
CA ALA G 204 -25.36 63.29 21.27
C ALA G 204 -23.87 62.98 21.16
N LEU G 205 -23.49 61.69 21.24
CA LEU G 205 -22.09 61.31 21.27
C LEU G 205 -21.42 61.37 19.90
N GLY G 206 -22.16 61.59 18.83
CA GLY G 206 -21.60 61.65 17.51
C GLY G 206 -21.67 60.31 16.80
N PRO G 207 -21.98 60.33 15.50
CA PRO G 207 -22.11 59.08 14.75
C PRO G 207 -20.89 58.19 14.80
N GLY G 208 -19.70 58.75 14.99
CA GLY G 208 -18.49 57.95 15.09
C GLY G 208 -18.22 57.47 16.50
N ALA G 209 -18.51 56.19 16.77
CA ALA G 209 -18.35 55.62 18.10
C ALA G 209 -18.46 54.11 18.01
N THR G 210 -17.71 53.42 18.88
CA THR G 210 -17.75 51.97 18.94
C THR G 210 -19.03 51.53 19.65
N LEU G 211 -19.20 50.21 19.79
CA LEU G 211 -20.38 49.70 20.47
C LEU G 211 -20.25 49.76 21.99
N GLU G 212 -19.03 49.64 22.51
CA GLU G 212 -18.87 49.69 23.96
C GLU G 212 -19.20 51.07 24.51
N GLU G 213 -18.89 52.14 23.78
CA GLU G 213 -19.25 53.48 24.25
C GLU G 213 -20.76 53.66 24.27
N MET G 214 -21.43 53.28 23.17
CA MET G 214 -22.88 53.29 23.12
C MET G 214 -23.48 52.50 24.29
N MET G 215 -22.86 51.38 24.63
CA MET G 215 -23.40 50.52 25.68
C MET G 215 -23.16 51.09 27.07
N THR G 216 -21.94 51.58 27.32
CA THR G 216 -21.63 52.20 28.61
C THR G 216 -22.54 53.39 28.89
N ALA G 217 -22.86 54.17 27.85
CA ALA G 217 -23.74 55.32 28.00
C ALA G 217 -25.22 54.92 27.94
N CYS G 218 -25.57 53.68 28.29
CA CYS G 218 -26.95 53.21 28.27
C CYS G 218 -27.19 52.26 29.44
N GLN G 219 -26.78 52.67 30.63
CA GLN G 219 -26.86 51.83 31.81
C GLN G 219 -28.21 51.98 32.51
N PRO H 1 -6.65 22.51 13.78
CA PRO H 1 -5.29 22.98 14.08
C PRO H 1 -4.25 22.44 13.10
N HIS H 12 -2.72 20.60 8.47
CA HIS H 12 -4.03 20.98 9.00
C HIS H 12 -4.77 19.76 9.53
N GLN H 13 -5.38 19.87 10.70
CA GLN H 13 -6.26 18.83 11.21
C GLN H 13 -7.62 19.45 11.46
N CYS H 14 -8.66 18.68 11.13
CA CYS H 14 -10.03 19.12 11.36
C CYS H 14 -10.24 19.42 12.84
N ILE H 15 -11.02 20.47 13.12
CA ILE H 15 -11.38 20.75 14.50
C ILE H 15 -12.24 19.61 15.04
N SER H 16 -11.98 19.21 16.28
CA SER H 16 -12.68 18.00 16.69
C SER H 16 -14.07 18.33 17.22
N PRO H 17 -15.03 17.41 17.05
CA PRO H 17 -16.36 17.60 17.65
C PRO H 17 -16.35 17.81 19.15
N ARG H 18 -15.44 17.12 19.87
CA ARG H 18 -15.34 17.33 21.31
C ARG H 18 -14.95 18.76 21.63
N THR H 19 -13.96 19.28 20.92
CA THR H 19 -13.52 20.65 21.13
C THR H 19 -14.64 21.65 20.82
N LEU H 20 -15.31 21.45 19.68
CA LEU H 20 -16.42 22.33 19.27
C LEU H 20 -17.53 22.35 20.33
N ASN H 21 -17.92 21.16 20.81
CA ASN H 21 -19.02 21.11 21.77
C ASN H 21 -18.58 21.73 23.08
N ALA H 22 -17.35 21.43 23.50
CA ALA H 22 -16.83 22.00 24.73
C ALA H 22 -16.90 23.51 24.68
N TRP H 23 -16.49 24.11 23.57
CA TRP H 23 -16.50 25.57 23.47
C TRP H 23 -17.92 26.13 23.49
N VAL H 24 -18.81 25.64 22.62
CA VAL H 24 -20.17 26.16 22.61
C VAL H 24 -20.82 26.03 23.98
N LYS H 25 -20.62 24.90 24.65
CA LYS H 25 -21.20 24.70 25.97
C LYS H 25 -20.55 25.57 27.02
N VAL H 26 -19.23 25.81 26.91
CA VAL H 26 -18.57 26.71 27.84
C VAL H 26 -19.20 28.09 27.75
N VAL H 27 -19.53 28.53 26.52
CA VAL H 27 -20.06 29.87 26.38
C VAL H 27 -21.49 29.92 26.92
N GLU H 28 -22.30 28.90 26.60
CA GLU H 28 -23.67 28.80 27.10
C GLU H 28 -23.74 28.71 28.62
N GLU H 29 -22.82 27.95 29.24
CA GLU H 29 -22.88 27.65 30.66
C GLU H 29 -22.19 28.69 31.53
N LYS H 30 -21.18 29.37 31.00
CA LYS H 30 -20.36 30.26 31.80
C LYS H 30 -20.41 31.70 31.30
N ALA H 31 -21.06 31.93 30.16
CA ALA H 31 -21.19 33.23 29.49
C ALA H 31 -19.80 33.84 29.33
N PHE H 32 -19.58 35.08 29.74
CA PHE H 32 -18.27 35.73 29.70
C PHE H 32 -17.69 35.95 31.09
N SER H 33 -17.89 34.98 31.99
CA SER H 33 -17.14 34.97 33.22
C SER H 33 -15.67 34.90 32.87
N PRO H 34 -14.78 35.49 33.67
CA PRO H 34 -13.38 35.61 33.22
C PRO H 34 -12.68 34.30 32.88
N GLU H 35 -13.02 33.19 33.55
CA GLU H 35 -12.26 31.98 33.23
C GLU H 35 -12.59 31.42 31.86
N VAL H 36 -13.53 32.03 31.13
CA VAL H 36 -13.79 31.57 29.77
C VAL H 36 -12.70 32.02 28.81
N ILE H 37 -11.93 33.05 29.13
CA ILE H 37 -10.86 33.42 28.21
C ILE H 37 -9.76 32.36 28.26
N PRO H 38 -9.30 31.93 29.44
CA PRO H 38 -8.35 30.81 29.47
C PRO H 38 -8.88 29.55 28.82
N MET H 39 -10.19 29.30 28.90
CA MET H 39 -10.73 28.10 28.28
C MET H 39 -10.65 28.23 26.76
N PHE H 40 -11.05 29.40 26.23
CA PHE H 40 -10.97 29.64 24.79
C PHE H 40 -9.56 29.46 24.29
N SER H 41 -8.60 30.07 25.00
CA SER H 41 -7.22 30.00 24.57
C SER H 41 -6.76 28.55 24.59
N ALA H 42 -7.18 27.81 25.61
CA ALA H 42 -6.81 26.40 25.67
C ALA H 42 -7.55 25.59 24.60
N LEU H 43 -8.85 25.84 24.43
CA LEU H 43 -9.58 25.10 23.40
C LEU H 43 -9.12 25.44 21.99
N SER H 44 -8.55 26.63 21.79
CA SER H 44 -8.03 27.06 20.49
C SER H 44 -6.52 26.87 20.39
N CYS H 45 -5.94 25.96 21.16
CA CYS H 45 -4.53 25.63 21.04
C CYS H 45 -4.18 25.18 19.62
N GLY H 46 -3.24 25.90 19.00
CA GLY H 46 -2.75 25.57 17.67
C GLY H 46 -3.67 25.96 16.54
N ALA H 47 -4.72 26.72 16.83
CA ALA H 47 -5.73 27.05 15.83
C ALA H 47 -5.17 27.97 14.75
N THR H 48 -5.56 27.71 13.51
CA THR H 48 -5.36 28.70 12.46
C THR H 48 -6.44 29.77 12.58
N PRO H 49 -6.30 30.89 11.88
CA PRO H 49 -7.39 31.89 11.91
C PRO H 49 -8.71 31.31 11.44
N GLN H 50 -8.69 30.43 10.45
CA GLN H 50 -9.93 29.76 10.04
C GLN H 50 -10.57 29.05 11.23
N ASP H 51 -9.77 28.30 12.00
CA ASP H 51 -10.28 27.59 13.16
C ASP H 51 -10.87 28.55 14.20
N LEU H 52 -10.17 29.66 14.48
CA LEU H 52 -10.67 30.63 15.45
C LEU H 52 -11.97 31.27 15.00
N ASN H 53 -12.05 31.65 13.72
CA ASN H 53 -13.30 32.20 13.19
C ASN H 53 -14.43 31.18 13.28
N THR H 54 -14.14 29.92 12.98
CA THR H 54 -15.16 28.88 13.12
C THR H 54 -15.69 28.83 14.55
N MET H 55 -14.77 28.81 15.52
CA MET H 55 -15.15 28.73 16.92
C MET H 55 -16.01 29.92 17.33
N LEU H 56 -15.58 31.13 16.97
CA LEU H 56 -16.37 32.32 17.29
C LEU H 56 -17.74 32.30 16.61
N ASN H 57 -17.78 31.98 15.32
CA ASN H 57 -19.04 32.05 14.57
C ASN H 57 -20.04 30.99 14.99
N THR H 58 -19.59 29.86 15.56
CA THR H 58 -20.58 28.87 15.96
C THR H 58 -21.32 29.27 17.24
N VAL H 59 -20.85 30.30 17.94
CA VAL H 59 -21.55 30.84 19.10
C VAL H 59 -22.81 31.56 18.62
N GLY H 60 -23.96 31.18 19.16
CA GLY H 60 -25.22 31.74 18.68
C GLY H 60 -25.79 32.95 19.37
N GLY H 61 -25.59 33.10 20.68
CA GLY H 61 -26.12 34.22 21.42
C GLY H 61 -25.14 35.38 21.51
N HIS H 62 -25.41 36.28 22.45
CA HIS H 62 -24.46 37.33 22.84
C HIS H 62 -23.93 38.13 21.64
N GLN H 63 -24.81 38.46 20.69
CA GLN H 63 -24.37 39.11 19.45
C GLN H 63 -23.87 40.53 19.68
N ALA H 64 -24.30 41.17 20.75
CA ALA H 64 -23.69 42.44 21.14
C ALA H 64 -22.21 42.28 21.42
N ALA H 65 -21.87 41.32 22.28
CA ALA H 65 -20.48 41.04 22.60
C ALA H 65 -19.69 40.71 21.34
N MET H 66 -20.27 39.91 20.44
CA MET H 66 -19.52 39.51 19.27
C MET H 66 -19.29 40.72 18.34
N GLN H 67 -20.20 41.69 18.30
CA GLN H 67 -19.87 42.88 17.52
C GLN H 67 -18.78 43.70 18.17
N MET H 68 -18.84 43.88 19.50
CA MET H 68 -17.72 44.59 20.13
C MET H 68 -16.41 43.88 19.79
N LEU H 69 -16.42 42.55 19.84
CA LEU H 69 -15.21 41.79 19.51
C LEU H 69 -14.76 42.04 18.07
N LYS H 70 -15.69 42.02 17.12
CA LYS H 70 -15.35 42.32 15.73
C LYS H 70 -14.74 43.71 15.58
N GLU H 71 -15.32 44.71 16.28
CA GLU H 71 -14.81 46.07 16.28
C GLU H 71 -13.38 46.12 16.79
N THR H 72 -13.13 45.44 17.91
CA THR H 72 -11.79 45.40 18.49
C THR H 72 -10.83 44.73 17.51
N ILE H 73 -11.29 43.66 16.85
CA ILE H 73 -10.46 42.96 15.88
C ILE H 73 -10.05 43.95 14.78
N ASN H 74 -10.99 44.78 14.32
CA ASN H 74 -10.66 45.74 13.28
C ASN H 74 -9.68 46.80 13.79
N GLU H 75 -9.76 47.14 15.08
CA GLU H 75 -8.81 48.10 15.64
C GLU H 75 -7.41 47.52 15.67
N GLU H 76 -7.30 46.24 16.03
CA GLU H 76 -6.00 45.59 16.03
C GLU H 76 -5.47 45.41 14.62
N ALA H 77 -6.36 45.13 13.66
CA ALA H 77 -5.91 44.99 12.27
C ALA H 77 -5.39 46.32 11.75
N ALA H 78 -6.02 47.42 12.18
CA ALA H 78 -5.56 48.75 11.78
C ALA H 78 -4.21 49.08 12.41
N GLU H 79 -4.02 48.68 13.67
CA GLU H 79 -2.73 48.91 14.31
C GLU H 79 -1.64 48.07 13.65
N TRP H 80 -1.99 46.84 13.24
CA TRP H 80 -1.07 46.03 12.45
C TRP H 80 -0.70 46.73 11.16
N ASP H 81 -1.70 47.29 10.46
CA ASP H 81 -1.41 47.96 9.20
C ASP H 81 -0.52 49.17 9.43
N ARG H 82 -0.64 49.79 10.61
CA ARG H 82 0.20 50.94 10.93
C ARG H 82 1.64 50.50 11.11
N LEU H 83 1.86 49.48 11.96
CA LEU H 83 3.21 49.11 12.35
C LEU H 83 3.92 48.25 11.30
N HIS H 84 3.19 47.36 10.65
CA HIS H 84 3.78 46.32 9.79
C HIS H 84 3.19 46.38 8.38
N PRO H 85 3.51 47.43 7.61
CA PRO H 85 3.01 47.50 6.22
C PRO H 85 3.52 46.34 5.35
N MET H 96 6.21 33.65 0.03
CA MET H 96 5.53 34.11 1.25
C MET H 96 5.19 35.59 1.19
N ARG H 97 3.93 35.92 0.98
CA ARG H 97 3.52 37.32 0.97
C ARG H 97 3.52 37.85 2.40
N GLU H 98 3.56 39.18 2.52
CA GLU H 98 3.51 39.71 3.88
C GLU H 98 2.07 39.75 4.36
N PRO H 99 1.80 39.38 5.61
CA PRO H 99 0.42 39.35 6.09
C PRO H 99 0.00 40.75 6.48
N ARG H 100 -1.18 41.15 6.05
CA ARG H 100 -1.81 42.38 6.49
C ARG H 100 -2.79 42.09 7.62
N GLY H 101 -3.39 43.17 8.14
CA GLY H 101 -4.34 43.04 9.24
C GLY H 101 -5.44 42.04 8.96
N SER H 102 -6.09 42.19 7.80
CA SER H 102 -7.21 41.34 7.41
C SER H 102 -6.79 39.90 7.13
N ASP H 103 -5.49 39.66 6.90
CA ASP H 103 -5.01 38.30 6.73
C ASP H 103 -4.96 37.54 8.06
N ILE H 104 -4.51 38.20 9.12
CA ILE H 104 -4.46 37.54 10.42
C ILE H 104 -5.86 37.23 10.93
N ALA H 105 -6.84 38.08 10.61
CA ALA H 105 -8.23 37.90 11.00
C ALA H 105 -8.98 36.97 10.07
N GLY H 106 -8.32 36.43 9.05
CA GLY H 106 -8.91 35.40 8.23
C GLY H 106 -9.96 35.90 7.27
N THR H 107 -10.03 37.21 7.04
CA THR H 107 -11.04 37.74 6.14
C THR H 107 -10.49 37.89 4.73
N THR H 108 -9.16 38.01 4.61
CA THR H 108 -8.52 38.13 3.31
C THR H 108 -7.42 37.08 3.14
N SER H 109 -7.29 36.14 4.08
CA SER H 109 -6.31 35.09 3.94
C SER H 109 -7.00 33.75 3.82
N THR H 110 -6.39 32.86 3.04
CA THR H 110 -6.91 31.51 2.88
C THR H 110 -6.29 30.61 3.95
N LEU H 111 -6.88 29.42 4.12
CA LEU H 111 -6.33 28.45 5.04
C LEU H 111 -4.91 28.03 4.67
N GLN H 112 -4.68 27.73 3.39
CA GLN H 112 -3.36 27.27 2.96
C GLN H 112 -2.28 28.30 3.26
N GLU H 113 -2.60 29.59 3.04
CA GLU H 113 -1.68 30.69 3.40
C GLU H 113 -1.46 30.77 4.90
N GLN H 114 -2.53 30.56 5.70
CA GLN H 114 -2.38 30.61 7.15
C GLN H 114 -1.43 29.52 7.62
N ILE H 115 -1.56 28.32 7.05
CA ILE H 115 -0.63 27.24 7.37
C ILE H 115 0.79 27.62 6.97
N GLY H 116 0.94 28.22 5.78
CA GLY H 116 2.27 28.62 5.34
C GLY H 116 2.92 29.62 6.28
N TRP H 117 2.20 30.67 6.66
CA TRP H 117 2.78 31.64 7.58
C TRP H 117 3.07 31.02 8.95
N MET H 118 2.10 30.30 9.53
CA MET H 118 2.29 29.78 10.87
C MET H 118 3.38 28.75 10.98
N THR H 119 3.69 28.04 9.88
CA THR H 119 4.68 26.98 9.99
C THR H 119 5.95 27.20 9.17
N HIS H 120 6.14 28.38 8.59
CA HIS H 120 7.38 28.65 7.89
C HIS H 120 8.47 28.90 8.95
N ASN H 121 9.73 28.92 8.54
CA ASN H 121 10.85 29.22 9.43
C ASN H 121 11.61 30.40 8.83
N PRO H 122 11.48 31.62 9.41
CA PRO H 122 10.76 31.92 10.67
C PRO H 122 9.23 31.95 10.67
N PRO H 123 8.70 31.57 11.84
CA PRO H 123 7.23 31.51 12.03
C PRO H 123 6.53 32.86 12.04
N ILE H 124 5.36 32.91 11.41
CA ILE H 124 4.49 34.07 11.54
C ILE H 124 3.26 33.67 12.35
N PRO H 125 3.21 33.97 13.66
CA PRO H 125 2.17 33.35 14.51
C PRO H 125 0.80 33.99 14.31
N VAL H 126 0.22 33.85 13.12
CA VAL H 126 -1.05 34.55 12.89
C VAL H 126 -2.14 34.03 13.82
N GLY H 127 -2.07 32.75 14.21
CA GLY H 127 -3.05 32.22 15.16
C GLY H 127 -2.94 32.82 16.55
N GLU H 128 -1.72 32.93 17.08
CA GLU H 128 -1.53 33.55 18.39
C GLU H 128 -1.81 35.03 18.32
N ILE H 129 -1.45 35.67 17.21
CA ILE H 129 -1.68 37.10 17.04
C ILE H 129 -3.17 37.39 16.97
N TYR H 130 -3.90 36.59 16.17
CA TYR H 130 -5.35 36.76 16.11
C TYR H 130 -5.94 36.48 17.49
N LYS H 131 -5.45 35.42 18.15
CA LYS H 131 -5.92 35.08 19.48
C LYS H 131 -5.67 36.22 20.45
N ARG H 132 -4.51 36.89 20.31
CA ARG H 132 -4.21 38.03 21.16
C ARG H 132 -5.22 39.14 20.95
N TRP H 133 -5.53 39.43 19.68
CA TRP H 133 -6.55 40.43 19.38
C TRP H 133 -7.91 40.00 19.93
N ILE H 134 -8.24 38.72 19.78
CA ILE H 134 -9.52 38.20 20.24
C ILE H 134 -9.61 38.26 21.77
N ILE H 135 -8.52 37.90 22.46
CA ILE H 135 -8.53 37.94 23.92
C ILE H 135 -8.60 39.36 24.44
N LEU H 136 -7.99 40.33 23.76
CA LEU H 136 -8.17 41.72 24.16
C LEU H 136 -9.65 42.12 24.13
N GLY H 137 -10.35 41.76 23.04
CA GLY H 137 -11.77 42.07 22.97
C GLY H 137 -12.61 41.29 23.96
N LEU H 138 -12.30 40.00 24.16
CA LEU H 138 -13.05 39.22 25.14
C LEU H 138 -12.86 39.78 26.55
N ASN H 139 -11.63 40.18 26.89
CA ASN H 139 -11.38 40.76 28.20
C ASN H 139 -12.23 42.01 28.39
N LYS H 140 -12.34 42.80 27.33
CA LYS H 140 -13.21 43.97 27.32
C LYS H 140 -14.65 43.57 27.63
N ILE H 141 -15.10 42.44 27.05
CA ILE H 141 -16.47 41.97 27.25
C ILE H 141 -16.69 41.51 28.69
N VAL H 142 -15.73 40.79 29.27
CA VAL H 142 -15.81 40.40 30.68
C VAL H 142 -16.01 41.62 31.55
N ARG H 143 -15.24 42.67 31.28
CA ARG H 143 -15.38 43.92 32.03
C ARG H 143 -16.77 44.47 31.81
N MET H 144 -17.27 44.36 30.57
CA MET H 144 -18.57 44.92 30.23
C MET H 144 -19.68 44.22 30.99
N TYR H 145 -19.61 42.89 31.12
CA TYR H 145 -20.69 42.15 31.74
C TYR H 145 -20.54 42.04 33.25
N ILE H 150 -12.75 48.07 42.37
CA ILE H 150 -12.19 47.27 43.46
C ILE H 150 -12.50 47.96 44.79
N LEU H 151 -12.37 49.28 44.79
CA LEU H 151 -12.85 50.13 45.86
C LEU H 151 -14.32 49.90 46.18
N ASP H 152 -15.08 49.31 45.27
CA ASP H 152 -16.50 49.16 45.51
C ASP H 152 -16.83 47.78 46.06
N ILE H 153 -15.82 46.94 46.23
CA ILE H 153 -15.91 45.62 46.85
C ILE H 153 -15.62 45.81 48.35
N ARG H 154 -16.65 45.88 49.19
CA ARG H 154 -16.39 46.05 50.61
C ARG H 154 -17.07 44.98 51.44
N GLN H 155 -16.38 44.53 52.49
CA GLN H 155 -16.88 43.46 53.32
C GLN H 155 -18.15 43.92 54.00
N GLY H 156 -19.16 43.07 53.97
CA GLY H 156 -20.40 43.36 54.65
C GLY H 156 -20.33 43.13 56.14
N PRO H 157 -21.37 43.59 56.81
CA PRO H 157 -21.63 43.21 58.20
C PRO H 157 -21.20 41.80 58.62
N LYS H 158 -21.61 40.77 57.87
CA LYS H 158 -21.34 39.40 58.26
C LYS H 158 -20.79 38.57 57.10
N GLU H 159 -20.08 39.22 56.14
CA GLU H 159 -19.51 38.50 55.00
C GLU H 159 -18.21 37.83 55.44
N PRO H 160 -18.09 36.52 55.25
CA PRO H 160 -16.84 35.83 55.58
C PRO H 160 -15.65 36.49 54.88
N PHE H 161 -14.54 36.65 55.61
CA PHE H 161 -13.36 37.27 55.02
C PHE H 161 -12.97 36.59 53.70
N ARG H 162 -13.03 35.26 53.66
CA ARG H 162 -12.66 34.56 52.44
C ARG H 162 -13.54 35.01 51.28
N ASP H 163 -14.84 35.13 51.53
CA ASP H 163 -15.76 35.51 50.46
C ASP H 163 -15.48 36.93 50.00
N TYR H 164 -15.11 37.80 50.92
CA TYR H 164 -14.79 39.16 50.54
C TYR H 164 -13.56 39.15 49.66
N VAL H 165 -12.55 38.38 50.05
CA VAL H 165 -11.36 38.29 49.22
C VAL H 165 -11.72 37.64 47.89
N ASP H 166 -12.59 36.62 47.95
CA ASP H 166 -13.10 36.01 46.72
C ASP H 166 -13.70 37.06 45.82
N ARG H 167 -14.59 37.90 46.36
CA ARG H 167 -15.21 38.90 45.52
C ARG H 167 -14.20 39.92 45.01
N PHE H 168 -13.29 40.34 45.89
CA PHE H 168 -12.38 41.42 45.49
C PHE H 168 -11.53 41.00 44.30
N TYR H 169 -10.90 39.83 44.39
CA TYR H 169 -10.03 39.42 43.30
C TYR H 169 -10.84 38.94 42.11
N LYS H 170 -12.07 38.48 42.33
CA LYS H 170 -12.92 38.16 41.19
C LYS H 170 -13.20 39.43 40.42
N THR H 171 -13.41 40.51 41.15
CA THR H 171 -13.63 41.80 40.52
C THR H 171 -12.35 42.26 39.85
N LEU H 172 -11.20 42.08 40.54
CA LEU H 172 -9.90 42.49 40.03
C LEU H 172 -9.55 41.86 38.68
N ARG H 173 -9.89 40.57 38.47
CA ARG H 173 -9.53 39.99 37.18
C ARG H 173 -10.32 40.63 36.06
N ALA H 174 -11.61 40.87 36.28
CA ALA H 174 -12.47 41.54 35.31
C ALA H 174 -12.09 43.01 35.11
N THR H 188 -3.75 47.16 48.25
CA THR H 188 -3.91 48.25 49.21
C THR H 188 -5.37 48.42 49.62
N LEU H 189 -6.24 48.40 48.61
CA LEU H 189 -7.69 48.50 48.79
C LEU H 189 -8.26 47.34 49.59
N LEU H 190 -7.71 46.13 49.45
CA LEU H 190 -8.22 44.98 50.18
C LEU H 190 -8.25 45.19 51.69
N VAL H 191 -7.18 45.74 52.27
CA VAL H 191 -7.21 45.99 53.71
C VAL H 191 -8.17 47.12 54.05
N GLN H 192 -8.06 48.24 53.31
CA GLN H 192 -8.91 49.41 53.54
C GLN H 192 -10.40 49.09 53.47
N ASN H 193 -10.80 48.21 52.56
CA ASN H 193 -12.20 47.88 52.30
C ASN H 193 -12.74 46.76 53.18
N ALA H 194 -11.90 46.14 53.99
CA ALA H 194 -12.35 45.11 54.92
C ALA H 194 -13.23 45.73 56.01
N ASN H 195 -14.02 44.88 56.65
CA ASN H 195 -14.90 45.36 57.71
C ASN H 195 -14.09 45.70 58.96
N PRO H 196 -14.50 46.74 59.70
CA PRO H 196 -13.59 47.37 60.66
C PRO H 196 -13.03 46.43 61.72
N ASP H 197 -13.89 45.59 62.32
CA ASP H 197 -13.43 44.68 63.36
C ASP H 197 -12.28 43.81 62.89
N CYS H 198 -12.33 43.37 61.63
CA CYS H 198 -11.23 42.63 61.03
C CYS H 198 -10.22 43.54 60.34
N LYS H 199 -10.64 44.74 59.95
CA LYS H 199 -9.67 45.70 59.43
C LYS H 199 -8.56 45.98 60.43
N THR H 200 -8.91 46.16 61.70
CA THR H 200 -7.89 46.42 62.71
C THR H 200 -6.87 45.29 62.81
N ILE H 201 -7.34 44.04 62.85
CA ILE H 201 -6.42 42.90 62.90
C ILE H 201 -5.50 42.90 61.66
N LEU H 202 -6.10 43.07 60.47
CA LEU H 202 -5.28 43.02 59.26
C LEU H 202 -4.24 44.14 59.24
N LYS H 203 -4.67 45.36 59.62
CA LYS H 203 -3.75 46.49 59.68
C LYS H 203 -2.62 46.25 60.67
N ALA H 204 -2.94 45.65 61.83
CA ALA H 204 -1.93 45.41 62.84
C ALA H 204 -0.95 44.33 62.44
N LEU H 205 -1.32 43.44 61.52
CA LEU H 205 -0.38 42.40 61.10
C LEU H 205 0.91 42.99 60.54
N ALA H 209 3.33 40.98 54.40
CA ALA H 209 2.57 39.84 54.92
C ALA H 209 1.85 39.13 53.77
N THR H 210 1.92 37.80 53.75
CA THR H 210 1.21 37.04 52.73
C THR H 210 -0.30 37.02 53.00
N LEU H 211 -1.03 36.55 52.00
CA LEU H 211 -2.49 36.44 52.09
C LEU H 211 -2.92 35.41 53.14
N GLU H 212 -2.26 34.25 53.17
CA GLU H 212 -2.59 33.26 54.19
C GLU H 212 -2.58 33.80 55.62
N GLU H 213 -1.56 34.56 56.01
CA GLU H 213 -1.56 35.06 57.39
C GLU H 213 -2.73 36.02 57.68
N MET H 214 -3.33 36.67 56.66
CA MET H 214 -4.50 37.51 56.94
C MET H 214 -5.81 36.73 56.84
N MET H 215 -5.87 35.85 55.85
CA MET H 215 -6.90 34.80 55.77
C MET H 215 -7.10 34.06 57.09
N THR H 216 -6.02 33.80 57.83
CA THR H 216 -6.18 33.19 59.14
C THR H 216 -7.04 34.04 60.06
N ALA H 217 -6.83 35.35 60.08
CA ALA H 217 -7.61 36.24 60.96
C ALA H 217 -9.11 36.14 60.66
N PRO I 1 1.09 19.17 25.96
CA PRO I 1 2.20 18.64 26.77
C PRO I 1 3.44 18.33 25.93
N ILE I 2 4.18 17.31 26.32
CA ILE I 2 5.37 16.86 25.57
C ILE I 2 5.18 15.38 25.29
N VAL I 3 4.86 15.04 24.05
CA VAL I 3 4.74 13.65 23.64
C VAL I 3 5.69 13.37 22.48
N HIS I 12 4.37 21.01 19.28
CA HIS I 12 3.80 21.01 20.62
C HIS I 12 2.44 20.29 20.63
N GLN I 13 2.18 19.54 21.70
CA GLN I 13 0.91 18.85 21.85
C GLN I 13 -0.09 19.74 22.57
N CYS I 14 -1.32 19.72 22.09
CA CYS I 14 -2.38 20.52 22.71
C CYS I 14 -2.83 19.90 24.02
N ILE I 15 -3.17 20.75 24.99
CA ILE I 15 -3.79 20.27 26.20
C ILE I 15 -5.15 19.70 25.86
N SER I 16 -5.43 18.49 26.35
CA SER I 16 -6.62 17.78 25.93
C SER I 16 -7.88 18.43 26.50
N PRO I 17 -8.93 18.59 25.69
CA PRO I 17 -10.21 19.04 26.25
C PRO I 17 -10.76 18.09 27.30
N ARG I 18 -10.52 16.79 27.17
CA ARG I 18 -10.92 15.86 28.21
C ARG I 18 -10.18 16.14 29.51
N THR I 19 -8.88 16.43 29.41
CA THR I 19 -8.09 16.75 30.59
C THR I 19 -8.56 18.06 31.23
N LEU I 20 -8.79 19.08 30.40
CA LEU I 20 -9.27 20.36 30.89
C LEU I 20 -10.62 20.19 31.61
N ASN I 21 -11.53 19.47 30.97
CA ASN I 21 -12.85 19.23 31.56
C ASN I 21 -12.73 18.48 32.87
N ALA I 22 -11.86 17.46 32.92
CA ALA I 22 -11.65 16.72 34.15
C ALA I 22 -11.17 17.63 35.27
N TRP I 23 -10.17 18.46 34.99
CA TRP I 23 -9.61 19.34 36.02
C TRP I 23 -10.66 20.33 36.53
N VAL I 24 -11.31 21.04 35.61
CA VAL I 24 -12.35 22.00 35.99
C VAL I 24 -13.44 21.30 36.80
N LYS I 25 -13.81 20.09 36.39
CA LYS I 25 -14.87 19.36 37.05
C LYS I 25 -14.48 19.00 38.48
N VAL I 26 -13.27 18.48 38.68
CA VAL I 26 -12.88 18.06 40.01
C VAL I 26 -12.73 19.25 40.95
N VAL I 27 -12.33 20.42 40.43
CA VAL I 27 -12.26 21.54 41.37
C VAL I 27 -13.64 22.13 41.63
N GLU I 28 -14.54 22.08 40.65
CA GLU I 28 -15.87 22.66 40.86
C GLU I 28 -16.75 21.77 41.75
N GLU I 29 -16.51 20.46 41.74
CA GLU I 29 -17.34 19.55 42.53
C GLU I 29 -16.85 19.40 43.96
N LYS I 30 -15.53 19.44 44.19
CA LYS I 30 -14.96 19.38 45.53
C LYS I 30 -14.04 20.58 45.72
N ALA I 31 -14.18 21.25 46.85
CA ALA I 31 -13.47 22.51 47.14
C ALA I 31 -12.19 22.19 47.89
N PHE I 32 -11.13 21.86 47.15
CA PHE I 32 -9.79 21.69 47.70
C PHE I 32 -9.75 20.61 48.78
N SER I 33 -10.42 19.48 48.52
CA SER I 33 -10.22 18.31 49.34
C SER I 33 -8.88 17.69 49.00
N PRO I 34 -8.26 16.95 49.93
CA PRO I 34 -6.92 16.39 49.64
C PRO I 34 -6.84 15.63 48.33
N GLU I 35 -7.85 14.79 48.03
CA GLU I 35 -7.81 13.95 46.85
C GLU I 35 -7.76 14.72 45.54
N VAL I 36 -8.01 16.04 45.55
CA VAL I 36 -7.91 16.77 44.29
C VAL I 36 -6.46 17.01 43.89
N ILE I 37 -5.51 16.86 44.82
CA ILE I 37 -4.12 17.14 44.47
C ILE I 37 -3.55 15.96 43.67
N PRO I 38 -3.74 14.70 44.07
CA PRO I 38 -3.43 13.60 43.14
C PRO I 38 -4.05 13.79 41.76
N MET I 39 -5.37 14.03 41.71
CA MET I 39 -6.05 14.22 40.44
C MET I 39 -5.30 15.21 39.55
N PHE I 40 -5.06 16.41 40.06
CA PHE I 40 -4.27 17.41 39.34
C PHE I 40 -2.96 16.80 38.85
N SER I 41 -2.18 16.23 39.76
CA SER I 41 -0.91 15.64 39.37
C SER I 41 -1.11 14.53 38.35
N ALA I 42 -2.21 13.80 38.44
CA ALA I 42 -2.51 12.78 37.43
C ALA I 42 -2.81 13.42 36.08
N LEU I 43 -3.58 14.52 36.08
CA LEU I 43 -3.88 15.22 34.84
C LEU I 43 -2.71 16.05 34.34
N SER I 44 -1.69 16.28 35.18
CA SER I 44 -0.54 17.09 34.81
C SER I 44 0.64 16.23 34.36
N CYS I 45 0.39 15.02 33.89
CA CYS I 45 1.46 14.14 33.45
C CYS I 45 2.12 14.71 32.20
N GLY I 46 3.44 14.89 32.27
CA GLY I 46 4.21 15.35 31.12
C GLY I 46 3.88 16.75 30.64
N ALA I 47 3.22 17.56 31.47
CA ALA I 47 2.74 18.85 31.01
C ALA I 47 3.80 19.92 31.25
N THR I 48 3.89 20.85 30.29
CA THR I 48 4.81 21.98 30.36
C THR I 48 4.28 23.03 31.34
N PRO I 49 5.15 23.91 31.85
CA PRO I 49 4.67 25.02 32.67
C PRO I 49 3.52 25.79 32.04
N GLN I 50 3.56 26.03 30.73
CA GLN I 50 2.45 26.70 30.06
C GLN I 50 1.17 25.89 30.21
N ASP I 51 1.25 24.56 30.13
CA ASP I 51 0.06 23.74 30.25
C ASP I 51 -0.46 23.71 31.69
N LEU I 52 0.44 23.62 32.67
CA LEU I 52 0.03 23.74 34.07
C LEU I 52 -0.67 25.08 34.31
N ASN I 53 -0.12 26.16 33.76
CA ASN I 53 -0.70 27.47 33.97
C ASN I 53 -2.03 27.61 33.27
N THR I 54 -2.20 26.99 32.10
CA THR I 54 -3.50 27.03 31.44
C THR I 54 -4.54 26.26 32.24
N MET I 55 -4.17 25.07 32.74
CA MET I 55 -5.07 24.31 33.61
C MET I 55 -5.47 25.13 34.83
N LEU I 56 -4.51 25.81 35.45
CA LEU I 56 -4.82 26.66 36.60
C LEU I 56 -5.71 27.83 36.20
N ASN I 57 -5.48 28.41 35.02
CA ASN I 57 -6.21 29.60 34.60
C ASN I 57 -7.66 29.31 34.27
N THR I 58 -8.00 28.05 33.94
CA THR I 58 -9.39 27.71 33.70
C THR I 58 -10.21 27.63 34.98
N VAL I 59 -9.59 27.76 36.15
CA VAL I 59 -10.35 27.79 37.38
C VAL I 59 -11.19 29.06 37.43
N GLY I 60 -12.44 28.92 37.84
CA GLY I 60 -13.38 30.02 37.76
C GLY I 60 -13.60 30.73 39.07
N GLY I 61 -13.88 29.97 40.12
CA GLY I 61 -14.06 30.52 41.45
C GLY I 61 -12.79 30.39 42.29
N HIS I 62 -12.96 30.66 43.58
CA HIS I 62 -11.89 30.51 44.58
C HIS I 62 -10.63 31.27 44.17
N GLN I 63 -10.81 32.55 43.84
CA GLN I 63 -9.65 33.34 43.42
C GLN I 63 -8.76 33.73 44.60
N ALA I 64 -9.29 33.69 45.82
CA ALA I 64 -8.44 33.90 47.00
C ALA I 64 -7.40 32.80 47.13
N ALA I 65 -7.84 31.54 47.04
CA ALA I 65 -6.92 30.43 47.12
C ALA I 65 -5.91 30.46 45.98
N MET I 66 -6.34 30.90 44.80
CA MET I 66 -5.43 30.99 43.67
C MET I 66 -4.38 32.08 43.89
N GLN I 67 -4.79 33.20 44.49
CA GLN I 67 -3.82 34.24 44.85
C GLN I 67 -2.79 33.69 45.83
N MET I 68 -3.26 32.98 46.86
CA MET I 68 -2.35 32.30 47.79
C MET I 68 -1.37 31.40 47.05
N LEU I 69 -1.88 30.61 46.10
CA LEU I 69 -1.04 29.69 45.36
C LEU I 69 0.04 30.44 44.58
N LYS I 70 -0.33 31.56 43.95
CA LYS I 70 0.66 32.36 43.24
C LYS I 70 1.74 32.86 44.19
N GLU I 71 1.34 33.30 45.39
CA GLU I 71 2.33 33.74 46.36
C GLU I 71 3.27 32.60 46.76
N THR I 72 2.73 31.38 46.86
CA THR I 72 3.58 30.24 47.24
C THR I 72 4.55 29.86 46.12
N ILE I 73 4.11 29.97 44.86
CA ILE I 73 5.05 29.70 43.78
C ILE I 73 6.14 30.77 43.75
N ASN I 74 5.79 32.02 44.12
CA ASN I 74 6.84 33.03 44.27
C ASN I 74 7.78 32.70 45.41
N GLU I 75 7.28 32.08 46.48
CA GLU I 75 8.16 31.56 47.52
C GLU I 75 9.18 30.59 46.94
N GLU I 76 8.69 29.53 46.30
CA GLU I 76 9.59 28.44 45.91
C GLU I 76 10.50 28.83 44.75
N ALA I 77 10.08 29.78 43.90
CA ALA I 77 10.93 30.17 42.77
C ALA I 77 12.19 30.91 43.23
N ALA I 78 12.09 31.64 44.34
CA ALA I 78 13.25 32.36 44.87
C ALA I 78 13.97 31.54 45.94
N GLU I 79 13.22 30.87 46.81
CA GLU I 79 13.81 30.00 47.83
C GLU I 79 14.19 28.68 47.17
N TRP I 80 15.44 28.60 46.71
CA TRP I 80 15.94 27.39 46.07
C TRP I 80 16.51 26.42 47.10
N SER I 102 15.16 32.06 30.98
CA SER I 102 14.27 33.04 31.60
C SER I 102 13.78 32.54 32.97
N ASP I 103 12.47 32.33 33.06
CA ASP I 103 11.85 31.85 34.28
C ASP I 103 11.49 30.36 34.13
N ILE I 104 10.76 29.84 35.11
CA ILE I 104 10.32 28.44 35.07
C ILE I 104 8.82 28.27 35.24
N ALA I 105 8.10 29.25 35.78
CA ALA I 105 6.66 29.15 35.98
C ALA I 105 5.86 29.71 34.82
N GLY I 106 6.34 29.57 33.59
CA GLY I 106 5.65 30.10 32.44
C GLY I 106 5.48 31.60 32.45
N THR I 107 6.34 32.32 33.15
CA THR I 107 6.23 33.78 33.28
C THR I 107 6.91 34.48 32.10
N THR I 108 8.19 34.21 31.88
CA THR I 108 8.95 34.84 30.80
C THR I 108 9.61 33.83 29.87
N SER I 109 9.47 32.53 30.13
CA SER I 109 10.06 31.49 29.30
C SER I 109 9.00 30.99 28.31
N THR I 110 9.35 31.01 27.03
CA THR I 110 8.45 30.50 26.01
C THR I 110 8.34 28.98 26.09
N LEU I 111 7.37 28.42 25.37
CA LEU I 111 7.12 26.98 25.44
C LEU I 111 8.28 26.19 24.86
N GLN I 112 8.78 26.58 23.69
CA GLN I 112 9.90 25.87 23.09
C GLN I 112 11.17 26.03 23.92
N GLU I 113 11.25 27.06 24.76
CA GLU I 113 12.38 27.18 25.69
C GLU I 113 12.29 26.16 26.80
N GLN I 114 11.08 25.69 27.13
CA GLN I 114 10.88 24.68 28.16
C GLN I 114 10.51 23.33 27.56
N ILE I 115 11.05 23.02 26.38
CA ILE I 115 10.82 21.74 25.73
C ILE I 115 12.08 20.89 25.80
N GLY I 127 9.52 21.71 34.47
CA GLY I 127 8.10 21.44 34.27
C GLY I 127 7.49 20.63 35.39
N GLU I 128 8.10 19.46 35.67
CA GLU I 128 7.63 18.63 36.77
C GLU I 128 7.90 19.27 38.12
N ILE I 129 8.98 20.05 38.24
CA ILE I 129 9.24 20.73 39.49
C ILE I 129 8.26 21.89 39.69
N TYR I 130 7.74 22.46 38.60
CA TYR I 130 6.66 23.43 38.73
C TYR I 130 5.38 22.75 39.22
N LYS I 131 5.12 21.54 38.73
CA LYS I 131 4.04 20.73 39.30
C LYS I 131 4.26 20.51 40.79
N ARG I 132 5.50 20.22 41.18
CA ARG I 132 5.81 20.04 42.60
C ARG I 132 5.51 21.30 43.39
N TRP I 133 5.97 22.46 42.89
CA TRP I 133 5.75 23.72 43.59
C TRP I 133 4.26 24.04 43.70
N ILE I 134 3.51 23.84 42.62
CA ILE I 134 2.07 24.05 42.66
C ILE I 134 1.42 23.11 43.68
N ILE I 135 1.96 21.90 43.81
CA ILE I 135 1.42 20.96 44.80
C ILE I 135 1.77 21.41 46.22
N LEU I 136 2.96 22.00 46.40
CA LEU I 136 3.31 22.54 47.72
C LEU I 136 2.35 23.66 48.11
N GLY I 137 1.97 24.49 47.13
CA GLY I 137 0.98 25.52 47.41
C GLY I 137 -0.42 24.94 47.63
N LEU I 138 -0.76 23.90 46.88
CA LEU I 138 -2.09 23.30 46.97
C LEU I 138 -2.28 22.57 48.29
N ASN I 139 -1.23 21.96 48.82
CA ASN I 139 -1.33 21.31 50.13
C ASN I 139 -1.65 22.32 51.21
N LYS I 140 -1.04 23.51 51.13
CA LYS I 140 -1.33 24.56 52.11
C LYS I 140 -2.71 25.17 51.88
N ILE I 141 -3.18 25.17 50.62
CA ILE I 141 -4.56 25.57 50.36
C ILE I 141 -5.52 24.60 51.06
N VAL I 142 -5.29 23.30 50.87
CA VAL I 142 -6.16 22.28 51.48
C VAL I 142 -6.09 22.36 52.99
N ARG I 143 -4.91 22.64 53.54
CA ARG I 143 -4.77 22.77 54.99
C ARG I 143 -5.58 23.91 55.56
N MET I 144 -6.04 24.84 54.72
CA MET I 144 -6.80 26.00 55.17
C MET I 144 -8.31 25.82 55.00
N TYR I 145 -8.75 25.24 53.88
CA TYR I 145 -10.18 25.00 53.70
C TYR I 145 -10.71 23.92 54.65
N SER I 146 -9.83 23.20 55.34
CA SER I 146 -10.24 22.22 56.34
C SER I 146 -10.81 22.92 57.57
N THR I 148 -11.21 22.70 61.63
CA THR I 148 -11.07 21.37 62.18
C THR I 148 -9.61 20.91 62.15
N SER I 149 -9.15 20.35 63.27
CA SER I 149 -7.79 19.81 63.38
C SER I 149 -7.88 18.35 63.82
N ILE I 150 -6.74 17.66 63.70
CA ILE I 150 -6.67 16.25 64.07
C ILE I 150 -6.92 16.05 65.56
N LEU I 151 -6.74 17.10 66.36
CA LEU I 151 -6.98 17.01 67.80
C LEU I 151 -8.45 17.23 68.16
N ASP I 152 -9.23 17.82 67.26
CA ASP I 152 -10.65 18.04 67.50
C ASP I 152 -11.51 16.87 67.06
N ILE I 153 -10.91 15.79 66.56
CA ILE I 153 -11.64 14.62 66.10
C ILE I 153 -11.78 13.67 67.28
N ARG I 154 -12.97 13.64 67.87
CA ARG I 154 -13.28 12.75 68.98
C ARG I 154 -14.52 11.95 68.63
N GLN I 155 -14.51 10.66 68.98
CA GLN I 155 -15.64 9.80 68.69
C GLN I 155 -16.85 10.22 69.52
N GLY I 156 -18.04 9.99 68.96
CA GLY I 156 -19.27 10.27 69.65
C GLY I 156 -19.88 9.03 70.26
N PRO I 157 -20.89 9.22 71.12
CA PRO I 157 -21.54 8.06 71.75
C PRO I 157 -22.39 7.24 70.79
N LYS I 158 -22.88 7.85 69.72
CA LYS I 158 -23.62 7.14 68.68
C LYS I 158 -22.85 7.05 67.37
N GLU I 159 -21.58 7.45 67.37
CA GLU I 159 -20.76 7.38 66.17
C GLU I 159 -20.09 6.01 66.07
N PRO I 160 -20.34 5.23 65.02
CA PRO I 160 -19.60 3.98 64.84
C PRO I 160 -18.11 4.24 64.70
N PHE I 161 -17.32 3.18 64.89
CA PHE I 161 -15.87 3.35 64.85
C PHE I 161 -15.36 3.60 63.44
N ARG I 162 -16.03 3.04 62.43
CA ARG I 162 -15.58 3.23 61.06
C ARG I 162 -15.74 4.68 60.61
N ASP I 163 -16.88 5.30 60.95
CA ASP I 163 -17.05 6.72 60.67
C ASP I 163 -15.98 7.54 61.37
N TYR I 164 -15.64 7.16 62.60
CA TYR I 164 -14.62 7.87 63.35
C TYR I 164 -13.25 7.77 62.68
N VAL I 165 -12.90 6.57 62.20
CA VAL I 165 -11.62 6.40 61.52
C VAL I 165 -11.61 7.15 60.19
N ASP I 166 -12.75 7.13 59.48
CA ASP I 166 -12.87 7.89 58.24
C ASP I 166 -12.59 9.36 58.48
N ARG I 167 -13.29 9.96 59.43
CA ARG I 167 -13.09 11.37 59.73
C ARG I 167 -11.66 11.64 60.20
N PHE I 168 -11.14 10.76 61.06
CA PHE I 168 -9.79 10.94 61.58
C PHE I 168 -8.77 11.02 60.45
N TYR I 169 -8.78 10.04 59.55
CA TYR I 169 -7.74 10.03 58.52
C TYR I 169 -8.01 11.05 57.42
N LYS I 170 -9.26 11.43 57.19
CA LYS I 170 -9.52 12.55 56.28
C LYS I 170 -8.95 13.85 56.83
N THR I 171 -9.14 14.10 58.13
CA THR I 171 -8.58 15.30 58.74
C THR I 171 -7.06 15.24 58.79
N LEU I 172 -6.50 14.05 59.07
CA LEU I 172 -5.05 13.89 59.10
C LEU I 172 -4.46 14.15 57.71
N ARG I 173 -5.14 13.69 56.66
CA ARG I 173 -4.71 14.00 55.30
C ARG I 173 -4.84 15.49 55.01
N ALA I 174 -5.86 16.13 55.58
CA ALA I 174 -6.01 17.58 55.45
C ALA I 174 -5.03 18.30 56.37
N ALA I 184 2.42 12.84 62.14
CA ALA I 184 1.23 12.00 62.29
C ALA I 184 1.19 11.35 63.67
N ALA I 185 0.34 11.88 64.54
CA ALA I 185 0.21 11.38 65.91
C ALA I 185 -0.99 10.45 66.06
N THR I 186 -1.06 9.42 65.21
CA THR I 186 -2.20 8.51 65.25
C THR I 186 -2.27 7.74 66.55
N GLU I 187 -1.12 7.43 67.15
CA GLU I 187 -1.10 6.56 68.33
C GLU I 187 -1.70 7.24 69.56
N THR I 188 -1.58 8.56 69.66
CA THR I 188 -2.03 9.27 70.85
C THR I 188 -3.39 9.94 70.67
N LEU I 189 -4.01 9.82 69.50
CA LEU I 189 -5.32 10.41 69.27
C LEU I 189 -6.38 9.40 68.86
N LEU I 190 -6.03 8.39 68.08
CA LEU I 190 -7.03 7.41 67.66
C LEU I 190 -7.63 6.68 68.85
N VAL I 191 -6.79 6.27 69.81
CA VAL I 191 -7.28 5.53 70.96
C VAL I 191 -7.85 6.49 72.00
N GLN I 192 -7.14 7.59 72.28
CA GLN I 192 -7.52 8.46 73.38
C GLN I 192 -8.83 9.19 73.11
N ASN I 193 -9.03 9.66 71.87
CA ASN I 193 -10.22 10.42 71.54
C ASN I 193 -11.43 9.53 71.24
N ALA I 194 -11.27 8.21 71.27
CA ALA I 194 -12.41 7.33 71.07
C ALA I 194 -13.33 7.35 72.29
N ASN I 195 -14.53 6.79 72.11
CA ASN I 195 -15.47 6.70 73.21
C ASN I 195 -14.88 5.83 74.33
N PRO I 196 -15.29 6.04 75.59
CA PRO I 196 -14.67 5.31 76.70
C PRO I 196 -14.61 3.80 76.51
N ASP I 197 -15.73 3.18 76.13
CA ASP I 197 -15.75 1.74 75.92
C ASP I 197 -14.81 1.33 74.79
N CYS I 198 -14.85 2.06 73.67
CA CYS I 198 -14.01 1.73 72.53
C CYS I 198 -12.54 1.98 72.85
N LYS I 199 -12.23 3.09 73.52
CA LYS I 199 -10.85 3.34 73.94
C LYS I 199 -10.35 2.22 74.85
N THR I 200 -11.22 1.74 75.74
CA THR I 200 -10.91 0.58 76.56
C THR I 200 -10.52 -0.60 75.69
N ILE I 201 -11.45 -1.06 74.85
CA ILE I 201 -11.21 -2.23 74.00
C ILE I 201 -9.88 -2.08 73.26
N LEU I 202 -9.62 -0.89 72.71
CA LEU I 202 -8.39 -0.65 71.97
C LEU I 202 -7.16 -0.88 72.84
N LYS I 203 -7.08 -0.16 73.98
CA LYS I 203 -5.93 -0.34 74.86
C LYS I 203 -5.81 -1.78 75.33
N ALA I 204 -6.92 -2.49 75.45
CA ALA I 204 -6.89 -3.89 75.84
C ALA I 204 -6.19 -4.73 74.78
N LEU I 205 -6.53 -4.48 73.50
CA LEU I 205 -5.85 -5.19 72.42
C LEU I 205 -4.34 -4.96 72.47
N GLY I 206 -3.91 -3.75 72.84
CA GLY I 206 -2.51 -3.44 72.97
C GLY I 206 -2.11 -2.22 72.17
N PRO I 207 -0.94 -1.66 72.49
CA PRO I 207 -0.44 -0.53 71.70
C PRO I 207 0.26 -0.99 70.44
N GLY I 208 0.05 -2.25 70.07
CA GLY I 208 0.59 -2.82 68.85
C GLY I 208 -0.40 -3.73 68.16
N ALA I 209 -1.59 -3.20 67.87
CA ALA I 209 -2.64 -3.93 67.18
C ALA I 209 -2.92 -3.30 65.82
N THR I 210 -3.44 -4.11 64.91
CA THR I 210 -3.72 -3.65 63.56
C THR I 210 -5.10 -2.99 63.50
N LEU I 211 -5.17 -1.87 62.76
CA LEU I 211 -6.43 -1.18 62.57
C LEU I 211 -7.52 -2.11 62.04
N GLU I 212 -7.12 -3.10 61.24
CA GLU I 212 -8.02 -4.19 60.85
C GLU I 212 -8.73 -4.75 62.07
N GLU I 213 -7.95 -5.21 63.06
CA GLU I 213 -8.53 -5.78 64.27
C GLU I 213 -9.25 -4.72 65.09
N MET I 214 -8.71 -3.50 65.13
CA MET I 214 -9.36 -2.43 65.90
C MET I 214 -10.80 -2.21 65.41
N MET I 215 -11.00 -2.21 64.10
CA MET I 215 -12.33 -2.00 63.54
C MET I 215 -13.19 -3.26 63.62
N THR I 216 -12.60 -4.44 63.41
CA THR I 216 -13.38 -5.67 63.52
C THR I 216 -13.87 -5.89 64.94
N ALA I 217 -13.11 -5.43 65.94
CA ALA I 217 -13.46 -5.61 67.35
C ALA I 217 -14.38 -4.50 67.84
N CYS I 218 -13.90 -3.25 67.80
CA CYS I 218 -14.71 -2.13 68.30
C CYS I 218 -16.02 -2.01 67.54
N GLN I 219 -15.94 -2.01 66.21
CA GLN I 219 -17.11 -2.02 65.34
C GLN I 219 -18.10 -0.91 65.66
N PRO J 1 0.20 3.75 33.04
CA PRO J 1 1.03 2.58 32.72
C PRO J 1 2.36 2.94 32.06
N ILE J 2 3.02 1.94 31.49
CA ILE J 2 4.35 2.13 30.90
C ILE J 2 4.24 2.75 29.52
N VAL J 11 8.07 6.64 26.73
CA VAL J 11 8.37 5.96 27.97
C VAL J 11 7.09 5.73 28.77
N HIS J 12 7.02 6.31 29.96
CA HIS J 12 5.86 6.16 30.83
C HIS J 12 4.64 6.79 30.19
N GLN J 13 3.60 6.00 29.97
CA GLN J 13 2.37 6.53 29.39
C GLN J 13 1.61 7.35 30.43
N CYS J 14 0.94 8.39 29.96
CA CYS J 14 0.06 9.16 30.82
C CYS J 14 -1.21 8.36 31.07
N ILE J 15 -1.63 8.30 32.34
CA ILE J 15 -2.91 7.65 32.65
C ILE J 15 -4.03 8.43 31.98
N SER J 16 -4.86 7.73 31.23
CA SER J 16 -5.91 8.39 30.47
C SER J 16 -6.89 9.06 31.42
N PRO J 17 -7.46 10.21 31.02
CA PRO J 17 -8.53 10.80 31.83
C PRO J 17 -9.69 9.84 32.05
N ARG J 18 -10.00 9.03 31.03
CA ARG J 18 -11.12 8.10 31.13
C ARG J 18 -10.92 7.09 32.25
N THR J 19 -9.72 6.51 32.36
CA THR J 19 -9.51 5.46 33.36
C THR J 19 -9.45 6.05 34.78
N LEU J 20 -8.86 7.24 34.93
CA LEU J 20 -8.88 7.92 36.23
C LEU J 20 -10.32 8.18 36.68
N ASN J 21 -11.11 8.80 35.81
CA ASN J 21 -12.50 9.07 36.14
C ASN J 21 -13.27 7.79 36.41
N ALA J 22 -12.98 6.73 35.63
CA ALA J 22 -13.67 5.47 35.81
C ALA J 22 -13.37 4.86 37.18
N TRP J 23 -12.12 4.92 37.62
CA TRP J 23 -11.77 4.40 38.94
C TRP J 23 -12.49 5.16 40.04
N VAL J 24 -12.37 6.50 40.02
CA VAL J 24 -13.02 7.26 41.08
C VAL J 24 -14.53 7.05 41.04
N LYS J 25 -15.09 6.84 39.86
CA LYS J 25 -16.54 6.69 39.74
C LYS J 25 -17.00 5.33 40.23
N VAL J 26 -16.23 4.26 39.97
CA VAL J 26 -16.66 2.95 40.44
C VAL J 26 -16.56 2.89 41.96
N VAL J 27 -15.55 3.53 42.55
CA VAL J 27 -15.53 3.52 44.01
C VAL J 27 -16.62 4.42 44.57
N GLU J 28 -17.02 5.47 43.85
CA GLU J 28 -18.13 6.30 44.31
C GLU J 28 -19.46 5.54 44.28
N GLU J 29 -19.72 4.82 43.18
CA GLU J 29 -21.02 4.20 42.97
C GLU J 29 -21.10 2.81 43.60
N LYS J 30 -20.28 1.87 43.15
CA LYS J 30 -20.36 0.50 43.65
C LYS J 30 -19.62 0.32 44.97
N ALA J 31 -19.13 1.41 45.57
CA ALA J 31 -18.41 1.37 46.84
C ALA J 31 -17.28 0.34 46.78
N PHE J 32 -17.10 -0.42 47.86
CA PHE J 32 -16.14 -1.51 47.91
C PHE J 32 -16.93 -2.82 47.97
N SER J 33 -17.30 -3.31 46.80
CA SER J 33 -17.94 -4.60 46.59
C SER J 33 -17.00 -5.46 45.77
N PRO J 34 -17.15 -6.79 45.78
CA PRO J 34 -16.18 -7.63 45.05
C PRO J 34 -15.94 -7.21 43.62
N GLU J 35 -17.00 -6.79 42.91
CA GLU J 35 -16.89 -6.43 41.51
C GLU J 35 -16.04 -5.18 41.27
N VAL J 36 -15.69 -4.43 42.32
CA VAL J 36 -14.78 -3.31 42.11
C VAL J 36 -13.35 -3.79 41.96
N ILE J 37 -13.02 -4.97 42.46
CA ILE J 37 -11.63 -5.43 42.48
C ILE J 37 -11.18 -5.82 41.08
N PRO J 38 -11.91 -6.67 40.33
CA PRO J 38 -11.53 -6.86 38.92
C PRO J 38 -11.60 -5.57 38.13
N MET J 39 -12.59 -4.73 38.41
CA MET J 39 -12.69 -3.43 37.75
C MET J 39 -11.41 -2.63 37.91
N PHE J 40 -10.85 -2.61 39.12
CA PHE J 40 -9.54 -2.01 39.32
C PHE J 40 -8.47 -2.76 38.52
N SER J 41 -8.47 -4.09 38.63
CA SER J 41 -7.45 -4.89 37.96
C SER J 41 -7.43 -4.64 36.46
N ALA J 42 -8.62 -4.55 35.85
CA ALA J 42 -8.69 -4.24 34.43
C ALA J 42 -8.21 -2.84 34.15
N LEU J 43 -8.60 -1.88 35.00
CA LEU J 43 -8.19 -0.49 34.77
C LEU J 43 -6.69 -0.32 34.87
N SER J 44 -6.04 -1.07 35.76
CA SER J 44 -4.62 -0.91 36.05
C SER J 44 -3.77 -1.91 35.27
N CYS J 45 -4.01 -2.02 33.97
CA CYS J 45 -3.15 -2.83 33.12
C CYS J 45 -1.81 -2.14 32.91
N GLY J 46 -0.72 -2.89 33.05
CA GLY J 46 0.60 -2.34 32.82
C GLY J 46 0.95 -1.14 33.66
N ALA J 47 0.22 -0.90 34.75
CA ALA J 47 0.44 0.30 35.54
C ALA J 47 1.73 0.20 36.34
N THR J 48 2.44 1.33 36.43
CA THR J 48 3.59 1.46 37.30
C THR J 48 3.13 1.75 38.72
N PRO J 49 3.98 1.55 39.73
CA PRO J 49 3.54 1.85 41.10
C PRO J 49 3.25 3.31 41.33
N GLN J 50 3.87 4.21 40.57
CA GLN J 50 3.42 5.60 40.58
C GLN J 50 1.99 5.72 40.11
N ASP J 51 1.63 5.00 39.04
CA ASP J 51 0.27 5.04 38.52
C ASP J 51 -0.71 4.42 39.50
N LEU J 52 -0.35 3.26 40.06
CA LEU J 52 -1.23 2.61 41.04
C LEU J 52 -1.43 3.49 42.26
N ASN J 53 -0.34 4.09 42.76
CA ASN J 53 -0.45 4.97 43.91
C ASN J 53 -1.30 6.19 43.60
N THR J 54 -1.17 6.75 42.39
CA THR J 54 -2.01 7.86 41.99
C THR J 54 -3.48 7.47 42.00
N MET J 55 -3.80 6.35 41.36
CA MET J 55 -5.20 5.89 41.33
C MET J 55 -5.74 5.67 42.74
N LEU J 56 -4.94 5.05 43.62
CA LEU J 56 -5.39 4.83 44.98
C LEU J 56 -5.58 6.16 45.72
N ASN J 57 -4.73 7.14 45.43
CA ASN J 57 -4.84 8.44 46.09
C ASN J 57 -6.03 9.25 45.60
N THR J 58 -6.52 8.98 44.39
CA THR J 58 -7.69 9.71 43.90
C THR J 58 -8.97 9.36 44.65
N VAL J 59 -9.00 8.27 45.42
CA VAL J 59 -10.16 7.95 46.22
C VAL J 59 -10.26 8.95 47.36
N GLY J 60 -11.36 9.70 47.40
CA GLY J 60 -11.52 10.77 48.37
C GLY J 60 -12.07 10.32 49.70
N GLY J 61 -13.10 9.48 49.67
CA GLY J 61 -13.69 8.93 50.88
C GLY J 61 -13.04 7.61 51.28
N HIS J 62 -13.70 6.91 52.20
CA HIS J 62 -13.29 5.58 52.64
C HIS J 62 -11.84 5.58 53.13
N GLN J 63 -11.50 6.55 53.97
CA GLN J 63 -10.12 6.68 54.42
C GLN J 63 -9.72 5.56 55.38
N ALA J 64 -10.68 4.98 56.10
CA ALA J 64 -10.38 3.84 56.97
C ALA J 64 -9.89 2.66 56.15
N ALA J 65 -10.63 2.31 55.09
CA ALA J 65 -10.21 1.24 54.19
C ALA J 65 -8.84 1.54 53.59
N MET J 66 -8.55 2.80 53.32
CA MET J 66 -7.27 3.15 52.72
C MET J 66 -6.12 2.97 53.71
N GLN J 67 -6.33 3.36 54.97
CA GLN J 67 -5.29 3.11 55.97
C GLN J 67 -5.04 1.63 56.14
N MET J 68 -6.11 0.83 56.17
CA MET J 68 -5.94 -0.62 56.23
C MET J 68 -5.15 -1.13 55.03
N LEU J 69 -5.43 -0.58 53.84
CA LEU J 69 -4.72 -0.99 52.63
C LEU J 69 -3.23 -0.68 52.74
N LYS J 70 -2.89 0.52 53.19
CA LYS J 70 -1.50 0.86 53.46
C LYS J 70 -0.85 -0.16 54.38
N GLU J 71 -1.58 -0.58 55.42
CA GLU J 71 -1.05 -1.57 56.35
C GLU J 71 -0.76 -2.89 55.64
N THR J 72 -1.69 -3.35 54.79
CA THR J 72 -1.47 -4.62 54.10
C THR J 72 -0.23 -4.55 53.20
N ILE J 73 -0.07 -3.45 52.46
CA ILE J 73 1.11 -3.36 51.61
C ILE J 73 2.37 -3.31 52.45
N ASN J 74 2.30 -2.73 53.65
CA ASN J 74 3.47 -2.74 54.53
C ASN J 74 3.83 -4.16 54.95
N GLU J 75 2.83 -4.96 55.32
CA GLU J 75 3.11 -6.34 55.72
C GLU J 75 3.70 -7.15 54.56
N GLU J 76 3.13 -7.00 53.36
CA GLU J 76 3.64 -7.76 52.22
C GLU J 76 5.06 -7.31 51.84
N ALA J 77 5.34 -6.02 51.96
CA ALA J 77 6.70 -5.55 51.70
C ALA J 77 7.67 -6.10 52.73
N ALA J 78 7.26 -6.16 54.00
CA ALA J 78 8.12 -6.71 55.04
C ALA J 78 8.44 -8.17 54.77
N GLU J 79 7.46 -8.95 54.33
CA GLU J 79 7.75 -10.35 54.03
C GLU J 79 8.51 -10.53 52.73
N TRP J 80 8.45 -9.54 51.82
CA TRP J 80 9.27 -9.63 50.60
C TRP J 80 10.76 -9.50 50.93
N ASP J 81 11.15 -8.40 51.56
CA ASP J 81 12.56 -8.13 51.85
C ASP J 81 12.97 -8.71 53.20
N ARG J 82 12.89 -10.03 53.29
CA ARG J 82 13.33 -10.74 54.49
C ARG J 82 14.73 -11.31 54.29
N MET J 96 22.03 -1.67 38.62
CA MET J 96 20.64 -1.84 39.00
C MET J 96 20.50 -2.73 40.22
N ARG J 97 20.15 -2.11 41.35
CA ARG J 97 20.01 -2.85 42.59
C ARG J 97 18.71 -3.67 42.58
N GLU J 98 18.69 -4.71 43.41
CA GLU J 98 17.51 -5.55 43.53
C GLU J 98 16.36 -4.76 44.12
N PRO J 99 15.21 -4.66 43.45
CA PRO J 99 14.09 -3.89 44.02
C PRO J 99 13.52 -4.58 45.25
N ARG J 100 13.42 -3.81 46.34
CA ARG J 100 12.90 -4.33 47.60
C ARG J 100 11.39 -4.09 47.67
N GLY J 101 10.81 -4.47 48.81
CA GLY J 101 9.36 -4.36 48.96
C GLY J 101 8.88 -2.91 48.93
N SER J 102 9.63 -2.01 49.57
CA SER J 102 9.27 -0.60 49.54
C SER J 102 9.52 0.01 48.17
N ASP J 103 10.43 -0.58 47.38
CA ASP J 103 10.58 -0.16 45.99
C ASP J 103 9.37 -0.58 45.16
N ILE J 104 8.85 -1.79 45.42
CA ILE J 104 7.66 -2.26 44.73
C ILE J 104 6.46 -1.39 45.09
N ALA J 105 6.29 -1.09 46.39
CA ALA J 105 5.20 -0.22 46.81
C ALA J 105 5.40 1.19 46.29
N GLY J 106 6.63 1.65 46.16
CA GLY J 106 6.94 2.94 45.59
C GLY J 106 7.40 4.01 46.56
N THR J 107 7.85 3.64 47.76
CA THR J 107 8.30 4.64 48.73
C THR J 107 9.76 5.01 48.54
N THR J 108 10.62 4.03 48.21
CA THR J 108 12.03 4.30 47.95
C THR J 108 12.38 4.12 46.48
N SER J 109 11.40 4.21 45.59
CA SER J 109 11.61 4.00 44.16
C SER J 109 11.27 5.26 43.38
N THR J 110 12.15 5.66 42.48
CA THR J 110 11.82 6.67 41.49
C THR J 110 11.11 6.00 40.31
N LEU J 111 10.51 6.83 39.45
CA LEU J 111 9.77 6.30 38.31
C LEU J 111 10.68 5.57 37.33
N GLN J 112 11.82 6.19 37.00
CA GLN J 112 12.74 5.57 36.06
C GLN J 112 13.32 4.28 36.59
N GLU J 113 13.56 4.20 37.90
CA GLU J 113 13.99 2.94 38.50
C GLU J 113 12.94 1.85 38.28
N GLN J 114 11.67 2.20 38.48
CA GLN J 114 10.59 1.25 38.24
C GLN J 114 10.61 0.75 36.80
N ILE J 115 10.61 1.66 35.84
CA ILE J 115 10.67 1.24 34.43
C ILE J 115 11.91 0.40 34.17
N GLY J 116 13.01 0.70 34.86
CA GLY J 116 14.21 -0.11 34.74
C GLY J 116 14.00 -1.53 35.20
N TRP J 117 13.16 -1.74 36.20
CA TRP J 117 12.84 -3.11 36.64
C TRP J 117 11.72 -3.76 35.83
N MET J 118 11.11 -3.04 34.89
CA MET J 118 9.99 -3.59 34.13
C MET J 118 10.43 -4.12 32.77
N VAL J 126 7.44 -5.63 39.45
CA VAL J 126 7.28 -4.58 40.44
C VAL J 126 5.95 -3.87 40.24
N GLY J 127 5.36 -4.03 39.06
CA GLY J 127 4.03 -3.53 38.80
C GLY J 127 2.98 -4.56 39.12
N GLU J 128 3.13 -5.77 38.56
CA GLU J 128 2.17 -6.83 38.81
C GLU J 128 2.23 -7.31 40.25
N ILE J 129 3.40 -7.29 40.88
CA ILE J 129 3.52 -7.74 42.26
C ILE J 129 2.82 -6.77 43.21
N TYR J 130 3.08 -5.47 43.05
CA TYR J 130 2.37 -4.47 43.83
C TYR J 130 0.87 -4.54 43.55
N LYS J 131 0.49 -4.78 42.29
CA LYS J 131 -0.91 -4.95 41.95
C LYS J 131 -1.53 -6.11 42.73
N ARG J 132 -0.83 -7.24 42.82
CA ARG J 132 -1.32 -8.37 43.57
C ARG J 132 -1.48 -8.03 45.05
N TRP J 133 -0.52 -7.30 45.62
CA TRP J 133 -0.63 -6.89 47.02
C TRP J 133 -1.86 -6.04 47.23
N ILE J 134 -2.09 -5.07 46.35
CA ILE J 134 -3.23 -4.18 46.49
C ILE J 134 -4.54 -4.95 46.34
N ILE J 135 -4.57 -5.92 45.44
CA ILE J 135 -5.77 -6.72 45.25
C ILE J 135 -6.05 -7.60 46.47
N LEU J 136 -4.99 -8.10 47.11
CA LEU J 136 -5.17 -8.81 48.38
C LEU J 136 -5.77 -7.89 49.44
N GLY J 137 -5.23 -6.68 49.55
CA GLY J 137 -5.79 -5.71 50.48
C GLY J 137 -7.27 -5.45 50.21
N LEU J 138 -7.65 -5.37 48.93
CA LEU J 138 -9.05 -5.13 48.60
C LEU J 138 -9.92 -6.34 48.89
N ASN J 139 -9.38 -7.55 48.71
CA ASN J 139 -10.05 -8.76 49.18
C ASN J 139 -10.44 -8.61 50.65
N LYS J 140 -9.47 -8.22 51.47
CA LYS J 140 -9.78 -8.01 52.89
C LYS J 140 -10.78 -6.88 53.09
N ILE J 141 -10.63 -5.80 52.33
CA ILE J 141 -11.53 -4.63 52.48
C ILE J 141 -12.98 -5.06 52.28
N VAL J 142 -13.25 -5.79 51.19
CA VAL J 142 -14.62 -6.20 50.91
C VAL J 142 -15.08 -7.25 51.91
N ARG J 143 -14.20 -8.17 52.29
CA ARG J 143 -14.57 -9.17 53.30
C ARG J 143 -14.90 -8.54 54.63
N MET J 144 -14.43 -7.32 54.89
CA MET J 144 -14.72 -6.62 56.14
C MET J 144 -15.87 -5.63 56.05
N TYR J 145 -16.17 -5.11 54.86
CA TYR J 145 -17.44 -4.41 54.70
C TYR J 145 -18.62 -5.36 54.56
N SER J 146 -18.35 -6.65 54.40
CA SER J 146 -19.39 -7.69 54.33
C SER J 146 -20.04 -7.86 55.69
N PRO J 147 -21.30 -7.48 55.88
CA PRO J 147 -21.93 -7.53 57.20
C PRO J 147 -22.54 -8.88 57.56
N THR J 148 -22.40 -9.90 56.71
CA THR J 148 -23.01 -11.20 56.97
C THR J 148 -22.06 -12.30 56.50
N SER J 149 -22.03 -13.39 57.26
CA SER J 149 -21.28 -14.58 56.87
C SER J 149 -22.15 -15.48 56.00
N ILE J 150 -21.49 -16.36 55.26
CA ILE J 150 -22.20 -17.27 54.35
C ILE J 150 -23.13 -18.20 55.14
N LEU J 151 -22.80 -18.48 56.40
CA LEU J 151 -23.65 -19.32 57.23
C LEU J 151 -25.00 -18.68 57.51
N ASP J 152 -25.09 -17.35 57.41
CA ASP J 152 -26.32 -16.64 57.67
C ASP J 152 -27.17 -16.45 56.41
N ILE J 153 -26.71 -16.92 55.27
CA ILE J 153 -27.52 -16.83 54.03
C ILE J 153 -28.38 -18.09 54.00
N ARG J 154 -29.49 -18.02 54.72
CA ARG J 154 -30.51 -19.06 54.71
C ARG J 154 -31.71 -18.56 53.92
N GLN J 155 -32.25 -19.43 53.07
CA GLN J 155 -33.37 -19.03 52.22
C GLN J 155 -34.54 -18.57 53.06
N GLY J 156 -35.20 -17.51 52.62
CA GLY J 156 -36.35 -16.97 53.31
C GLY J 156 -37.64 -17.62 52.85
N PRO J 157 -38.69 -17.48 53.65
CA PRO J 157 -39.99 -18.05 53.24
C PRO J 157 -40.60 -17.34 52.04
N LYS J 158 -40.18 -16.10 51.76
CA LYS J 158 -40.66 -15.35 50.62
C LYS J 158 -39.57 -15.07 49.60
N GLU J 159 -38.37 -15.62 49.81
CA GLU J 159 -37.25 -15.31 48.95
C GLU J 159 -37.33 -16.12 47.66
N PRO J 160 -37.06 -15.48 46.51
CA PRO J 160 -36.86 -16.25 45.29
C PRO J 160 -35.64 -17.15 45.43
N PHE J 161 -35.79 -18.39 44.98
CA PHE J 161 -34.67 -19.33 45.03
C PHE J 161 -33.45 -18.75 44.34
N ARG J 162 -33.64 -18.21 43.13
CA ARG J 162 -32.52 -17.61 42.41
C ARG J 162 -31.92 -16.43 43.17
N ASP J 163 -32.75 -15.67 43.90
CA ASP J 163 -32.20 -14.60 44.73
C ASP J 163 -31.42 -15.14 45.91
N TYR J 164 -31.86 -16.27 46.48
CA TYR J 164 -31.10 -16.92 47.53
C TYR J 164 -29.75 -17.41 47.01
N VAL J 165 -29.74 -18.04 45.83
CA VAL J 165 -28.48 -18.48 45.24
C VAL J 165 -27.60 -17.28 44.90
N ASP J 166 -28.22 -16.18 44.44
CA ASP J 166 -27.48 -14.98 44.07
C ASP J 166 -26.79 -14.37 45.27
N ARG J 167 -27.53 -14.13 46.36
CA ARG J 167 -26.92 -13.55 47.55
C ARG J 167 -25.99 -14.54 48.24
N PHE J 168 -26.27 -15.84 48.12
CA PHE J 168 -25.36 -16.86 48.64
C PHE J 168 -24.00 -16.75 47.98
N TYR J 169 -23.97 -16.80 46.64
CA TYR J 169 -22.70 -16.71 45.94
C TYR J 169 -22.09 -15.32 46.07
N LYS J 170 -22.91 -14.28 46.25
CA LYS J 170 -22.39 -12.95 46.50
C LYS J 170 -21.60 -12.89 47.80
N THR J 171 -22.22 -13.35 48.89
CA THR J 171 -21.54 -13.38 50.18
C THR J 171 -20.32 -14.30 50.14
N LEU J 172 -20.43 -15.44 49.45
CA LEU J 172 -19.31 -16.35 49.34
C LEU J 172 -18.15 -15.71 48.59
N ARG J 173 -18.43 -14.99 47.51
CA ARG J 173 -17.40 -14.24 46.80
C ARG J 173 -16.80 -13.15 47.67
N ALA J 174 -17.61 -12.54 48.53
CA ALA J 174 -17.09 -11.53 49.45
C ALA J 174 -16.08 -12.13 50.43
N GLU J 175 -16.45 -13.23 51.09
CA GLU J 175 -15.60 -13.79 52.12
C GLU J 175 -14.51 -14.68 51.50
N GLN J 176 -13.55 -15.07 52.33
CA GLN J 176 -12.44 -15.91 51.90
C GLN J 176 -12.46 -17.26 52.61
N THR J 186 -19.26 -25.62 48.80
CA THR J 186 -20.48 -24.82 48.90
C THR J 186 -21.72 -25.69 48.71
N GLU J 187 -21.56 -26.99 48.91
CA GLU J 187 -22.65 -27.94 48.70
C GLU J 187 -23.49 -28.15 49.96
N THR J 188 -22.84 -28.26 51.13
CA THR J 188 -23.58 -28.53 52.35
C THR J 188 -24.45 -27.34 52.75
N LEU J 189 -23.87 -26.14 52.75
CA LEU J 189 -24.57 -24.97 53.29
C LEU J 189 -25.70 -24.52 52.36
N LEU J 190 -25.45 -24.53 51.05
CA LEU J 190 -26.46 -24.06 50.10
C LEU J 190 -27.74 -24.87 50.23
N VAL J 191 -27.63 -26.20 50.24
CA VAL J 191 -28.82 -27.03 50.33
C VAL J 191 -29.39 -27.00 51.75
N GLN J 192 -28.52 -27.00 52.76
CA GLN J 192 -29.00 -27.05 54.14
C GLN J 192 -29.78 -25.79 54.51
N ASN J 193 -29.44 -24.65 53.92
CA ASN J 193 -30.03 -23.38 54.33
C ASN J 193 -31.32 -23.04 53.59
N ALA J 194 -31.74 -23.86 52.64
CA ALA J 194 -33.02 -23.62 51.97
C ALA J 194 -34.17 -24.03 52.88
N ASN J 195 -35.32 -23.39 52.67
CA ASN J 195 -36.50 -23.71 53.46
C ASN J 195 -37.17 -24.97 52.92
N PRO J 196 -37.97 -25.66 53.75
CA PRO J 196 -38.37 -27.05 53.42
C PRO J 196 -38.90 -27.29 52.01
N ASP J 197 -39.72 -26.38 51.48
CA ASP J 197 -40.48 -26.67 50.26
C ASP J 197 -39.56 -27.09 49.11
N CYS J 198 -38.52 -26.31 48.85
CA CYS J 198 -37.55 -26.67 47.81
C CYS J 198 -36.43 -27.55 48.33
N LYS J 199 -36.14 -27.50 49.64
CA LYS J 199 -35.07 -28.31 50.20
C LYS J 199 -35.36 -29.80 50.03
N THR J 200 -36.63 -30.20 50.17
CA THR J 200 -36.97 -31.60 49.97
C THR J 200 -36.74 -32.02 48.52
N ILE J 201 -37.25 -31.23 47.58
CA ILE J 201 -37.07 -31.52 46.16
C ILE J 201 -35.59 -31.64 45.80
N LEU J 202 -34.78 -30.72 46.32
CA LEU J 202 -33.34 -30.78 46.05
C LEU J 202 -32.69 -31.96 46.75
N LYS J 203 -33.22 -32.38 47.90
CA LYS J 203 -32.75 -33.59 48.54
C LYS J 203 -33.02 -34.81 47.67
N ALA J 204 -34.06 -34.76 46.85
CA ALA J 204 -34.33 -35.84 45.92
C ALA J 204 -33.49 -35.72 44.65
N LEU J 205 -32.34 -35.06 44.73
CA LEU J 205 -31.46 -34.88 43.57
C LEU J 205 -30.03 -35.33 43.89
N ALA J 217 -34.61 -27.03 38.57
CA ALA J 217 -36.02 -26.90 38.25
C ALA J 217 -36.86 -26.82 39.51
N CYS J 218 -36.56 -25.83 40.35
CA CYS J 218 -37.25 -25.61 41.61
C CYS J 218 -37.77 -24.18 41.71
N GLN J 219 -38.20 -23.62 40.58
CA GLN J 219 -38.63 -22.23 40.52
C GLN J 219 -40.08 -22.06 40.98
N PRO K 1 -6.80 -6.54 24.49
CA PRO K 1 -6.84 -7.73 23.63
C PRO K 1 -5.54 -7.95 22.88
N ILE K 2 -5.66 -8.52 21.68
CA ILE K 2 -4.52 -8.71 20.78
C ILE K 2 -4.95 -8.16 19.42
N VAL K 3 -4.12 -7.28 18.85
CA VAL K 3 -4.45 -6.67 17.57
C VAL K 3 -3.37 -7.01 16.54
N VAL K 11 3.62 -8.14 21.76
CA VAL K 11 2.35 -7.59 21.29
C VAL K 11 1.23 -7.99 22.24
N HIS K 12 0.61 -6.99 22.89
CA HIS K 12 -0.57 -7.20 23.71
C HIS K 12 -1.20 -5.86 24.00
N GLN K 13 -2.54 -5.82 24.03
CA GLN K 13 -3.28 -4.59 24.22
C GLN K 13 -4.14 -4.69 25.48
N CYS K 14 -4.56 -3.52 25.97
CA CYS K 14 -5.36 -3.42 27.17
C CYS K 14 -6.82 -3.18 26.81
N ILE K 15 -7.73 -3.75 27.60
CA ILE K 15 -9.15 -3.50 27.41
C ILE K 15 -9.44 -2.03 27.69
N SER K 16 -10.14 -1.38 26.76
CA SER K 16 -10.45 0.02 26.93
C SER K 16 -11.46 0.21 28.06
N PRO K 17 -11.29 1.23 28.89
CA PRO K 17 -12.32 1.52 29.91
C PRO K 17 -13.70 1.73 29.32
N ARG K 18 -13.78 2.28 28.10
CA ARG K 18 -15.06 2.45 27.43
C ARG K 18 -15.73 1.10 27.16
N THR K 19 -14.97 0.14 26.64
CA THR K 19 -15.51 -1.19 26.35
C THR K 19 -16.04 -1.86 27.62
N LEU K 20 -15.21 -1.87 28.67
CA LEU K 20 -15.58 -2.52 29.92
C LEU K 20 -16.81 -1.86 30.54
N ASN K 21 -16.83 -0.53 30.55
CA ASN K 21 -17.96 0.17 31.14
C ASN K 21 -19.24 -0.08 30.35
N ALA K 22 -19.13 -0.15 29.02
CA ALA K 22 -20.29 -0.50 28.20
C ALA K 22 -20.82 -1.88 28.56
N TRP K 23 -19.91 -2.85 28.78
CA TRP K 23 -20.34 -4.18 29.15
C TRP K 23 -21.10 -4.17 30.48
N VAL K 24 -20.53 -3.51 31.50
CA VAL K 24 -21.20 -3.48 32.80
C VAL K 24 -22.55 -2.77 32.68
N LYS K 25 -22.63 -1.75 31.81
CA LYS K 25 -23.90 -1.03 31.65
C LYS K 25 -24.97 -1.93 31.06
N VAL K 26 -24.63 -2.66 29.98
CA VAL K 26 -25.66 -3.50 29.38
C VAL K 26 -26.03 -4.66 30.30
N VAL K 27 -25.11 -5.10 31.17
CA VAL K 27 -25.51 -6.14 32.12
C VAL K 27 -26.40 -5.57 33.21
N GLU K 28 -26.21 -4.30 33.57
CA GLU K 28 -27.05 -3.70 34.60
C GLU K 28 -28.42 -3.30 34.07
N GLU K 29 -28.53 -3.02 32.78
CA GLU K 29 -29.79 -2.58 32.19
C GLU K 29 -30.62 -3.74 31.66
N LYS K 30 -30.00 -4.62 30.89
CA LYS K 30 -30.68 -5.76 30.28
C LYS K 30 -30.45 -7.00 31.12
N ALA K 31 -31.53 -7.52 31.72
CA ALA K 31 -31.46 -8.69 32.60
C ALA K 31 -31.30 -9.95 31.75
N PHE K 32 -30.12 -10.05 31.12
CA PHE K 32 -29.77 -11.17 30.25
C PHE K 32 -30.82 -11.38 29.16
N SER K 33 -31.33 -10.28 28.61
CA SER K 33 -32.15 -10.35 27.42
C SER K 33 -31.29 -10.85 26.26
N PRO K 34 -31.92 -11.42 25.23
CA PRO K 34 -31.12 -11.95 24.11
C PRO K 34 -30.12 -10.96 23.53
N GLU K 35 -30.50 -9.69 23.40
CA GLU K 35 -29.61 -8.69 22.82
C GLU K 35 -28.35 -8.47 23.66
N VAL K 36 -28.27 -9.12 24.83
CA VAL K 36 -27.06 -9.02 25.63
C VAL K 36 -25.93 -9.87 25.07
N ILE K 37 -26.22 -10.87 24.25
CA ILE K 37 -25.15 -11.72 23.72
C ILE K 37 -24.44 -11.03 22.55
N PRO K 38 -25.14 -10.47 21.56
CA PRO K 38 -24.43 -9.70 20.52
C PRO K 38 -23.53 -8.62 21.10
N MET K 39 -24.08 -7.74 21.94
CA MET K 39 -23.30 -6.75 22.67
C MET K 39 -22.01 -7.35 23.23
N PHE K 40 -22.16 -8.38 24.07
CA PHE K 40 -21.00 -9.07 24.61
C PHE K 40 -20.04 -9.51 23.51
N SER K 41 -20.56 -10.23 22.51
CA SER K 41 -19.71 -10.72 21.44
C SER K 41 -19.09 -9.58 20.65
N ALA K 42 -19.73 -8.41 20.64
CA ALA K 42 -19.15 -7.26 19.98
C ALA K 42 -18.00 -6.66 20.79
N LEU K 43 -18.10 -6.73 22.12
CA LEU K 43 -17.08 -6.13 22.98
C LEU K 43 -15.88 -7.04 23.18
N SER K 44 -16.02 -8.34 22.92
CA SER K 44 -14.91 -9.30 23.05
C SER K 44 -14.36 -9.69 21.69
N CYS K 45 -14.19 -8.71 20.79
CA CYS K 45 -13.62 -8.96 19.48
C CYS K 45 -12.10 -8.99 19.59
N GLY K 46 -11.49 -10.12 19.21
CA GLY K 46 -10.07 -10.27 19.35
C GLY K 46 -9.59 -10.42 20.78
N ALA K 47 -10.48 -10.79 21.69
CA ALA K 47 -10.14 -10.84 23.11
C ALA K 47 -9.45 -12.14 23.47
N THR K 48 -8.61 -12.07 24.51
CA THR K 48 -7.94 -13.20 25.11
C THR K 48 -8.80 -13.79 26.22
N PRO K 49 -8.51 -15.03 26.65
CA PRO K 49 -9.25 -15.57 27.81
C PRO K 49 -9.08 -14.74 29.06
N GLN K 50 -7.91 -14.13 29.26
CA GLN K 50 -7.72 -13.20 30.37
C GLN K 50 -8.72 -12.05 30.26
N ASP K 51 -8.86 -11.50 29.04
CA ASP K 51 -9.81 -10.42 28.81
C ASP K 51 -11.25 -10.89 29.04
N LEU K 52 -11.60 -12.07 28.54
CA LEU K 52 -12.95 -12.58 28.71
C LEU K 52 -13.27 -12.82 30.18
N ASN K 53 -12.31 -13.40 30.91
CA ASN K 53 -12.52 -13.65 32.34
C ASN K 53 -12.67 -12.35 33.12
N THR K 54 -11.86 -11.35 32.79
CA THR K 54 -11.98 -10.06 33.45
C THR K 54 -13.32 -9.41 33.15
N MET K 55 -13.77 -9.49 31.89
CA MET K 55 -15.07 -8.92 31.53
C MET K 55 -16.21 -9.66 32.23
N LEU K 56 -16.05 -10.97 32.46
CA LEU K 56 -17.05 -11.70 33.22
C LEU K 56 -17.04 -11.29 34.69
N ASN K 57 -15.84 -11.05 35.24
CA ASN K 57 -15.71 -10.77 36.66
C ASN K 57 -16.17 -9.36 37.03
N THR K 58 -16.19 -8.43 36.08
CA THR K 58 -16.66 -7.09 36.38
C THR K 58 -18.17 -7.02 36.54
N VAL K 59 -18.90 -8.09 36.18
CA VAL K 59 -20.33 -8.16 36.46
C VAL K 59 -20.53 -8.35 37.96
N GLY K 60 -21.36 -7.49 38.56
CA GLY K 60 -21.53 -7.50 39.99
C GLY K 60 -22.60 -8.44 40.51
N GLY K 61 -23.79 -8.38 39.91
CA GLY K 61 -24.92 -9.18 40.36
C GLY K 61 -25.02 -10.50 39.61
N HIS K 62 -26.17 -11.14 39.78
CA HIS K 62 -26.53 -12.38 39.07
C HIS K 62 -25.45 -13.45 39.26
N GLN K 63 -25.02 -13.63 40.51
CA GLN K 63 -23.97 -14.59 40.80
C GLN K 63 -24.39 -16.02 40.49
N ALA K 64 -25.70 -16.30 40.57
CA ALA K 64 -26.19 -17.62 40.16
C ALA K 64 -25.95 -17.85 38.68
N ALA K 65 -26.20 -16.84 37.85
CA ALA K 65 -25.93 -16.96 36.42
C ALA K 65 -24.44 -17.15 36.15
N MET K 66 -23.59 -16.45 36.92
CA MET K 66 -22.15 -16.61 36.74
C MET K 66 -21.69 -18.01 37.14
N GLN K 67 -22.29 -18.57 38.20
CA GLN K 67 -21.92 -19.93 38.59
C GLN K 67 -22.39 -20.95 37.56
N MET K 68 -23.62 -20.78 37.04
CA MET K 68 -24.09 -21.66 35.98
C MET K 68 -23.21 -21.58 34.74
N LEU K 69 -22.78 -20.37 34.40
CA LEU K 69 -21.85 -20.16 33.29
C LEU K 69 -20.53 -20.89 33.55
N LYS K 70 -20.01 -20.78 34.77
CA LYS K 70 -18.78 -21.49 35.12
C LYS K 70 -18.96 -22.99 34.98
N GLU K 71 -20.15 -23.51 35.31
CA GLU K 71 -20.42 -24.93 35.14
C GLU K 71 -20.39 -25.33 33.67
N THR K 72 -21.01 -24.52 32.81
CA THR K 72 -20.97 -24.79 31.39
C THR K 72 -19.54 -24.81 30.86
N ILE K 73 -18.71 -23.89 31.34
CA ILE K 73 -17.30 -23.87 30.96
C ILE K 73 -16.61 -25.13 31.46
N ASN K 74 -16.93 -25.56 32.69
CA ASN K 74 -16.36 -26.78 33.24
C ASN K 74 -16.72 -28.00 32.38
N GLU K 75 -17.87 -27.96 31.72
CA GLU K 75 -18.25 -29.07 30.83
C GLU K 75 -17.51 -29.00 29.50
N GLU K 76 -17.45 -27.80 28.90
CA GLU K 76 -16.80 -27.67 27.59
C GLU K 76 -15.32 -27.99 27.68
N ALA K 77 -14.67 -27.67 28.81
CA ALA K 77 -13.27 -28.03 28.99
C ALA K 77 -13.07 -29.54 28.92
N ALA K 78 -14.02 -30.31 29.46
CA ALA K 78 -13.91 -31.77 29.45
C ALA K 78 -14.19 -32.34 28.07
N GLU K 79 -15.24 -31.85 27.40
CA GLU K 79 -15.53 -32.34 26.06
C GLU K 79 -14.46 -31.94 25.06
N TRP K 80 -13.68 -30.90 25.35
CA TRP K 80 -12.61 -30.49 24.45
C TRP K 80 -11.51 -31.56 24.34
N ASP K 81 -11.23 -32.27 25.42
CA ASP K 81 -10.17 -33.29 25.43
C ASP K 81 -10.53 -34.47 24.53
N GLY K 106 -8.86 -20.76 30.38
CA GLY K 106 -7.89 -19.73 30.68
C GLY K 106 -7.62 -19.58 32.16
N THR K 107 -7.88 -20.65 32.92
CA THR K 107 -7.70 -20.62 34.37
C THR K 107 -6.30 -21.05 34.80
N THR K 108 -5.65 -21.92 34.03
CA THR K 108 -4.33 -22.42 34.38
C THR K 108 -3.25 -22.09 33.36
N SER K 109 -3.59 -21.52 32.21
CA SER K 109 -2.61 -21.11 31.21
C SER K 109 -2.41 -19.60 31.28
N THR K 110 -1.16 -19.16 31.12
CA THR K 110 -0.82 -17.77 31.33
C THR K 110 -1.19 -16.93 30.11
N LEU K 111 -1.06 -15.61 30.26
CA LEU K 111 -1.42 -14.68 29.19
C LEU K 111 -0.53 -14.88 27.97
N GLN K 112 0.75 -15.18 28.19
CA GLN K 112 1.66 -15.39 27.06
C GLN K 112 1.24 -16.57 26.20
N GLU K 113 0.63 -17.58 26.80
CA GLU K 113 0.13 -18.73 26.04
C GLU K 113 -1.02 -18.32 25.13
N PRO K 125 -5.93 -20.46 17.96
CA PRO K 125 -7.32 -20.01 17.85
C PRO K 125 -8.10 -20.26 19.14
N VAL K 126 -7.99 -19.33 20.09
CA VAL K 126 -8.45 -19.54 21.46
C VAL K 126 -9.60 -18.61 21.83
N GLY K 127 -9.45 -17.31 21.55
CA GLY K 127 -10.39 -16.35 22.10
C GLY K 127 -11.81 -16.55 21.61
N GLU K 128 -11.98 -16.69 20.29
CA GLU K 128 -13.33 -16.78 19.74
C GLU K 128 -14.00 -18.12 20.05
N ILE K 129 -13.22 -19.20 20.13
CA ILE K 129 -13.80 -20.49 20.48
C ILE K 129 -14.13 -20.55 21.97
N TYR K 130 -13.30 -19.92 22.81
CA TYR K 130 -13.67 -19.74 24.20
C TYR K 130 -14.92 -18.88 24.31
N LYS K 131 -15.03 -17.86 23.46
CA LYS K 131 -16.26 -17.10 23.40
C LYS K 131 -17.43 -17.98 22.99
N ARG K 132 -17.20 -19.00 22.17
CA ARG K 132 -18.28 -19.91 21.81
C ARG K 132 -18.72 -20.73 23.01
N TRP K 133 -17.78 -21.22 23.82
CA TRP K 133 -18.16 -21.89 25.06
C TRP K 133 -18.97 -20.97 25.97
N ILE K 134 -18.48 -19.74 26.16
CA ILE K 134 -19.14 -18.79 27.04
C ILE K 134 -20.53 -18.43 26.49
N ILE K 135 -20.64 -18.32 25.17
CA ILE K 135 -21.93 -18.02 24.54
C ILE K 135 -22.86 -19.21 24.66
N LEU K 136 -22.34 -20.43 24.66
CA LEU K 136 -23.20 -21.58 24.88
C LEU K 136 -23.79 -21.56 26.29
N GLY K 137 -22.98 -21.17 27.28
CA GLY K 137 -23.52 -20.99 28.62
C GLY K 137 -24.52 -19.84 28.70
N LEU K 138 -24.20 -18.71 28.06
CA LEU K 138 -25.06 -17.53 28.11
C LEU K 138 -26.30 -17.68 27.25
N ASN K 139 -26.30 -18.63 26.31
CA ASN K 139 -27.46 -18.91 25.47
C ASN K 139 -28.51 -19.67 26.25
N LYS K 140 -28.12 -20.34 27.32
CA LYS K 140 -29.06 -21.00 28.20
C LYS K 140 -29.36 -20.21 29.46
N ILE K 141 -28.45 -19.31 29.87
CA ILE K 141 -28.80 -18.39 30.95
C ILE K 141 -30.00 -17.53 30.56
N VAL K 142 -30.07 -17.13 29.28
CA VAL K 142 -31.20 -16.34 28.81
C VAL K 142 -32.50 -17.16 28.87
N ARG K 143 -32.42 -18.45 28.52
CA ARG K 143 -33.59 -19.31 28.61
C ARG K 143 -34.00 -19.51 30.07
N MET K 144 -33.02 -19.63 30.97
CA MET K 144 -33.32 -19.63 32.39
C MET K 144 -34.02 -18.34 32.80
N TYR K 145 -33.59 -17.22 32.22
CA TYR K 145 -34.25 -15.94 32.46
C TYR K 145 -35.45 -15.72 31.55
N SER K 146 -35.72 -16.63 30.63
CA SER K 146 -36.92 -16.53 29.80
C SER K 146 -38.15 -16.78 30.67
N PRO K 147 -39.08 -15.84 30.76
CA PRO K 147 -40.20 -16.01 31.71
C PRO K 147 -41.24 -17.00 31.24
N THR K 148 -41.35 -17.26 29.94
CA THR K 148 -42.41 -18.12 29.42
C THR K 148 -41.88 -18.91 28.25
N SER K 149 -42.67 -19.89 27.80
CA SER K 149 -42.38 -20.68 26.63
C SER K 149 -43.20 -20.17 25.43
N ILE K 150 -42.72 -20.51 24.23
CA ILE K 150 -43.40 -20.08 23.01
C ILE K 150 -44.79 -20.68 22.91
N LEU K 151 -45.06 -21.76 23.63
CA LEU K 151 -46.39 -22.38 23.57
C LEU K 151 -47.45 -21.48 24.17
N ASP K 152 -47.12 -20.79 25.25
CA ASP K 152 -48.08 -19.92 25.92
C ASP K 152 -48.15 -18.52 25.33
N ILE K 153 -47.39 -18.24 24.28
CA ILE K 153 -47.48 -16.94 23.61
C ILE K 153 -48.73 -16.97 22.73
N ARG K 154 -49.87 -16.69 23.34
CA ARG K 154 -51.14 -16.61 22.65
C ARG K 154 -51.57 -15.14 22.58
N GLN K 155 -52.26 -14.80 21.50
CA GLN K 155 -52.63 -13.40 21.28
C GLN K 155 -53.76 -12.99 22.21
N GLY K 156 -53.69 -11.75 22.69
CA GLY K 156 -54.74 -11.19 23.51
C GLY K 156 -55.90 -10.72 22.66
N PRO K 157 -57.01 -10.38 23.34
CA PRO K 157 -58.22 -10.01 22.59
C PRO K 157 -58.13 -8.62 21.98
N LYS K 158 -57.47 -7.68 22.64
CA LYS K 158 -57.28 -6.34 22.12
C LYS K 158 -55.83 -6.07 21.72
N GLU K 159 -55.03 -7.12 21.61
CA GLU K 159 -53.61 -6.96 21.28
C GLU K 159 -53.45 -6.86 19.77
N PRO K 160 -52.79 -5.82 19.26
CA PRO K 160 -52.50 -5.75 17.82
C PRO K 160 -51.64 -6.92 17.37
N PHE K 161 -51.57 -7.10 16.05
CA PHE K 161 -50.85 -8.23 15.51
C PHE K 161 -49.34 -8.07 15.68
N ARG K 162 -48.83 -6.84 15.55
CA ARG K 162 -47.39 -6.64 15.63
C ARG K 162 -46.87 -6.77 17.06
N ASP K 163 -47.67 -6.38 18.05
CA ASP K 163 -47.30 -6.65 19.45
C ASP K 163 -47.17 -8.15 19.68
N TYR K 164 -48.12 -8.91 19.15
CA TYR K 164 -48.11 -10.37 19.29
C TYR K 164 -46.86 -10.97 18.63
N VAL K 165 -46.54 -10.53 17.41
CA VAL K 165 -45.37 -11.06 16.72
C VAL K 165 -44.09 -10.66 17.46
N ASP K 166 -44.05 -9.44 17.98
CA ASP K 166 -42.91 -8.98 18.78
C ASP K 166 -42.65 -9.95 19.94
N ARG K 167 -43.67 -10.14 20.78
CA ARG K 167 -43.49 -11.01 21.95
C ARG K 167 -43.18 -12.45 21.54
N PHE K 168 -43.80 -12.90 20.45
CA PHE K 168 -43.56 -14.25 19.94
C PHE K 168 -42.09 -14.47 19.62
N TYR K 169 -41.53 -13.65 18.73
CA TYR K 169 -40.15 -13.90 18.34
C TYR K 169 -39.16 -13.48 19.42
N LYS K 170 -39.57 -12.63 20.37
CA LYS K 170 -38.74 -12.44 21.56
C LYS K 170 -38.56 -13.75 22.31
N THR K 171 -39.66 -14.46 22.57
CA THR K 171 -39.55 -15.76 23.24
C THR K 171 -38.73 -16.74 22.40
N LEU K 172 -39.02 -16.79 21.09
CA LEU K 172 -38.28 -17.71 20.21
C LEU K 172 -36.79 -17.45 20.27
N ARG K 173 -36.38 -16.18 20.29
CA ARG K 173 -34.96 -15.85 20.46
C ARG K 173 -34.45 -16.34 21.80
N ALA K 174 -35.23 -16.15 22.86
CA ALA K 174 -34.79 -16.56 24.19
C ALA K 174 -34.64 -18.07 24.32
N GLU K 175 -35.25 -18.85 23.43
CA GLU K 175 -35.20 -20.31 23.60
C GLU K 175 -34.02 -20.98 22.88
N GLN K 176 -33.65 -20.50 21.70
CA GLN K 176 -32.55 -21.14 20.97
C GLN K 176 -31.22 -20.44 21.21
N LYS K 182 -32.41 -25.39 16.59
CA LYS K 182 -32.66 -24.70 15.34
C LYS K 182 -33.97 -25.18 14.69
N ASN K 183 -34.87 -25.71 15.52
CA ASN K 183 -36.17 -26.17 15.05
C ASN K 183 -37.12 -24.98 14.93
N ALA K 184 -37.53 -24.69 13.70
CA ALA K 184 -38.39 -23.53 13.42
C ALA K 184 -39.85 -23.97 13.45
N ALA K 185 -40.43 -23.94 14.65
CA ALA K 185 -41.85 -24.23 14.84
C ALA K 185 -42.72 -22.99 14.73
N THR K 186 -42.26 -21.96 14.01
CA THR K 186 -43.00 -20.72 13.93
C THR K 186 -44.22 -20.85 13.02
N GLU K 187 -44.10 -21.60 11.92
CA GLU K 187 -45.24 -21.80 11.03
C GLU K 187 -46.30 -22.69 11.66
N THR K 188 -45.95 -23.41 12.72
CA THR K 188 -46.90 -24.28 13.41
C THR K 188 -47.66 -23.55 14.51
N LEU K 189 -47.16 -22.42 15.00
CA LEU K 189 -47.73 -21.80 16.20
C LEU K 189 -48.15 -20.35 15.97
N LEU K 190 -47.49 -19.65 15.04
CA LEU K 190 -47.75 -18.23 14.84
C LEU K 190 -49.22 -17.97 14.49
N VAL K 191 -49.73 -18.67 13.46
CA VAL K 191 -51.13 -18.53 13.10
C VAL K 191 -52.02 -19.25 14.10
N GLN K 192 -51.51 -20.34 14.70
CA GLN K 192 -52.34 -21.16 15.58
C GLN K 192 -52.85 -20.38 16.78
N ASN K 193 -52.00 -19.57 17.39
CA ASN K 193 -52.36 -18.83 18.59
C ASN K 193 -52.82 -17.40 18.32
N ALA K 194 -53.06 -17.06 17.06
CA ALA K 194 -53.55 -15.73 16.72
C ALA K 194 -55.04 -15.62 17.03
N ASN K 195 -55.53 -14.39 17.04
CA ASN K 195 -56.94 -14.12 17.32
C ASN K 195 -57.83 -14.66 16.21
N ASP K 197 -60.33 -14.36 14.36
CA ASP K 197 -60.56 -13.21 13.48
C ASP K 197 -59.33 -12.95 12.62
N CYS K 198 -58.20 -12.63 13.26
CA CYS K 198 -56.95 -12.53 12.53
C CYS K 198 -56.53 -13.90 12.02
N LYS K 199 -56.70 -14.94 12.84
CA LYS K 199 -56.42 -16.31 12.40
C LYS K 199 -57.21 -16.64 11.15
N THR K 200 -58.51 -16.29 11.13
CA THR K 200 -59.31 -16.45 9.92
C THR K 200 -58.70 -15.68 8.77
N ILE K 201 -58.34 -14.42 9.04
CA ILE K 201 -57.68 -13.60 8.03
C ILE K 201 -56.30 -14.17 7.70
N LEU K 202 -55.69 -14.89 8.63
CA LEU K 202 -54.43 -15.59 8.36
C LEU K 202 -54.64 -17.02 7.88
N LYS K 203 -55.86 -17.54 7.94
CA LYS K 203 -56.16 -18.84 7.38
C LYS K 203 -56.67 -18.75 5.95
N ALA K 204 -57.32 -17.65 5.59
CA ALA K 204 -57.74 -17.45 4.20
C ALA K 204 -56.54 -17.26 3.28
N LEU K 205 -55.45 -16.73 3.80
CA LEU K 205 -54.25 -16.51 3.00
C LEU K 205 -53.61 -17.85 2.65
N GLY K 206 -52.87 -17.85 1.54
CA GLY K 206 -52.11 -19.01 1.13
C GLY K 206 -51.18 -19.45 2.24
N PRO K 207 -50.96 -20.76 2.35
CA PRO K 207 -50.16 -21.28 3.48
C PRO K 207 -48.78 -20.62 3.59
N GLY K 208 -47.98 -20.74 2.54
CA GLY K 208 -46.66 -20.14 2.54
C GLY K 208 -46.67 -18.67 2.18
N ALA K 209 -47.20 -17.84 3.06
CA ALA K 209 -47.25 -16.40 2.86
C ALA K 209 -46.16 -15.71 3.67
N THR K 210 -45.66 -14.60 3.14
CA THR K 210 -44.63 -13.84 3.83
C THR K 210 -45.19 -13.22 5.10
N LEU K 211 -44.29 -12.95 6.06
CA LEU K 211 -44.69 -12.23 7.27
C LEU K 211 -45.18 -10.82 6.92
N GLU K 212 -44.68 -10.25 5.82
CA GLU K 212 -45.19 -8.99 5.33
C GLU K 212 -46.70 -9.04 5.12
N GLU K 213 -47.17 -10.05 4.40
CA GLU K 213 -48.60 -10.17 4.13
C GLU K 213 -49.38 -10.47 5.40
N MET K 214 -48.87 -11.37 6.23
CA MET K 214 -49.53 -11.69 7.50
C MET K 214 -49.71 -10.45 8.35
N MET K 215 -48.74 -9.53 8.32
CA MET K 215 -48.83 -8.33 9.15
C MET K 215 -49.67 -7.23 8.50
N THR K 216 -49.68 -7.15 7.17
CA THR K 216 -50.62 -6.23 6.53
C THR K 216 -52.06 -6.65 6.78
N ALA K 217 -52.31 -7.96 6.85
CA ALA K 217 -53.66 -8.48 6.87
C ALA K 217 -54.42 -8.19 8.16
N CYS K 218 -53.74 -7.77 9.23
CA CYS K 218 -54.38 -7.51 10.51
C CYS K 218 -53.96 -6.17 11.08
N GLN K 219 -54.12 -5.11 10.29
CA GLN K 219 -53.82 -3.76 10.75
C GLN K 219 -54.79 -2.76 10.14
N PRO L 1 -14.78 -3.63 10.47
CA PRO L 1 -14.73 -3.10 9.09
C PRO L 1 -13.40 -3.38 8.39
N ILE L 2 -12.92 -2.42 7.62
CA ILE L 2 -11.66 -2.59 6.89
C ILE L 2 -10.98 -1.24 6.69
N GLN L 13 -10.18 -5.25 11.71
CA GLN L 13 -10.55 -3.99 12.36
C GLN L 13 -11.85 -4.17 13.13
N CYS L 14 -11.83 -3.85 14.42
CA CYS L 14 -12.97 -4.07 15.28
C CYS L 14 -13.99 -2.94 15.15
N ILE L 15 -15.26 -3.28 15.28
CA ILE L 15 -16.31 -2.27 15.34
C ILE L 15 -16.10 -1.41 16.58
N SER L 16 -16.21 -0.10 16.43
CA SER L 16 -16.01 0.79 17.55
C SER L 16 -17.18 0.66 18.54
N PRO L 17 -16.90 0.68 19.84
CA PRO L 17 -18.01 0.65 20.82
C PRO L 17 -18.98 1.81 20.66
N ARG L 18 -18.47 3.00 20.31
CA ARG L 18 -19.35 4.14 20.08
C ARG L 18 -20.30 3.88 18.92
N THR L 19 -19.82 3.20 17.87
CA THR L 19 -20.70 2.88 16.74
C THR L 19 -21.81 1.94 17.15
N LEU L 20 -21.46 0.89 17.90
CA LEU L 20 -22.46 -0.05 18.40
C LEU L 20 -23.51 0.67 19.23
N ASN L 21 -23.07 1.48 20.20
CA ASN L 21 -24.01 2.22 21.03
C ASN L 21 -24.87 3.15 20.20
N ALA L 22 -24.27 3.77 19.17
CA ALA L 22 -25.03 4.68 18.32
C ALA L 22 -26.18 3.95 17.63
N TRP L 23 -25.90 2.81 17.03
CA TRP L 23 -26.96 2.07 16.34
C TRP L 23 -28.02 1.58 17.31
N VAL L 24 -27.58 1.05 18.47
CA VAL L 24 -28.54 0.55 19.47
C VAL L 24 -29.48 1.67 19.90
N LYS L 25 -28.91 2.85 20.22
CA LYS L 25 -29.74 3.96 20.68
C LYS L 25 -30.60 4.53 19.57
N VAL L 26 -30.13 4.47 18.32
CA VAL L 26 -30.94 4.96 17.20
C VAL L 26 -32.19 4.11 17.05
N VAL L 27 -32.06 2.79 17.19
CA VAL L 27 -33.27 1.98 17.11
C VAL L 27 -34.12 2.11 18.37
N GLU L 28 -33.50 2.27 19.55
CA GLU L 28 -34.28 2.35 20.78
C GLU L 28 -35.07 3.65 20.86
N GLU L 29 -34.54 4.75 20.33
CA GLU L 29 -35.21 6.04 20.40
C GLU L 29 -36.15 6.25 19.21
N LYS L 30 -35.60 6.23 17.99
CA LYS L 30 -36.39 6.40 16.77
C LYS L 30 -36.64 5.02 16.18
N ALA L 31 -37.83 4.47 16.47
CA ALA L 31 -38.17 3.12 16.05
C ALA L 31 -38.42 3.04 14.56
N PHE L 32 -37.37 2.79 13.78
CA PHE L 32 -37.46 2.55 12.34
C PHE L 32 -38.19 3.70 11.62
N SER L 33 -37.80 4.92 11.96
CA SER L 33 -38.21 6.09 11.20
C SER L 33 -37.24 6.31 10.05
N PRO L 34 -37.67 7.01 8.97
CA PRO L 34 -36.82 7.14 7.78
C PRO L 34 -35.35 7.44 8.06
N GLU L 35 -35.11 8.41 8.96
CA GLU L 35 -33.75 8.84 9.25
C GLU L 35 -32.86 7.71 9.76
N VAL L 36 -33.44 6.63 10.27
CA VAL L 36 -32.60 5.54 10.77
C VAL L 36 -31.85 4.85 9.64
N ILE L 37 -32.31 4.99 8.40
CA ILE L 37 -31.70 4.24 7.31
C ILE L 37 -30.31 4.82 7.00
N PRO L 38 -30.16 6.13 6.71
CA PRO L 38 -28.81 6.69 6.58
C PRO L 38 -27.88 6.33 7.73
N MET L 39 -28.37 6.45 8.97
CA MET L 39 -27.56 6.14 10.14
C MET L 39 -26.85 4.80 10.01
N PHE L 40 -27.62 3.73 9.86
CA PHE L 40 -27.04 2.41 9.63
C PHE L 40 -26.01 2.47 8.51
N SER L 41 -26.40 3.01 7.35
CA SER L 41 -25.49 3.10 6.23
C SER L 41 -24.22 3.86 6.61
N ALA L 42 -24.37 4.93 7.39
CA ALA L 42 -23.20 5.69 7.82
C ALA L 42 -22.40 4.96 8.89
N LEU L 43 -23.07 4.19 9.74
CA LEU L 43 -22.38 3.49 10.82
C LEU L 43 -21.80 2.16 10.38
N SER L 44 -22.18 1.67 9.20
CA SER L 44 -21.58 0.49 8.58
C SER L 44 -20.60 0.87 7.48
N CYS L 45 -20.00 2.05 7.57
CA CYS L 45 -19.08 2.54 6.55
C CYS L 45 -17.82 1.68 6.54
N GLY L 46 -17.74 0.78 5.57
CA GLY L 46 -16.62 -0.13 5.47
C GLY L 46 -16.81 -1.44 6.22
N ALA L 47 -17.98 -1.66 6.81
CA ALA L 47 -18.23 -2.86 7.59
C ALA L 47 -18.30 -4.09 6.67
N THR L 48 -18.06 -5.24 7.28
CA THR L 48 -18.18 -6.53 6.60
C THR L 48 -19.55 -7.13 6.90
N PRO L 49 -20.02 -8.08 6.07
CA PRO L 49 -21.30 -8.73 6.36
C PRO L 49 -21.39 -9.27 7.77
N GLN L 50 -20.28 -9.72 8.35
CA GLN L 50 -20.27 -10.10 9.76
C GLN L 50 -20.56 -8.90 10.65
N ASP L 51 -19.94 -7.75 10.36
CA ASP L 51 -20.21 -6.54 11.13
C ASP L 51 -21.65 -6.09 10.96
N LEU L 52 -22.18 -6.23 9.74
CA LEU L 52 -23.58 -5.89 9.49
C LEU L 52 -24.51 -6.76 10.31
N ASN L 53 -24.27 -8.08 10.29
CA ASN L 53 -25.08 -8.99 11.09
C ASN L 53 -24.92 -8.72 12.58
N THR L 54 -23.73 -8.31 13.01
CA THR L 54 -23.52 -7.96 14.41
C THR L 54 -24.38 -6.77 14.78
N MET L 55 -24.31 -5.69 14.00
CA MET L 55 -25.12 -4.51 14.28
C MET L 55 -26.61 -4.85 14.26
N LEU L 56 -27.03 -5.72 13.33
CA LEU L 56 -28.42 -6.15 13.29
C LEU L 56 -28.80 -6.96 14.52
N ASN L 57 -27.86 -7.72 15.08
CA ASN L 57 -28.17 -8.56 16.23
C ASN L 57 -28.29 -7.78 17.52
N THR L 58 -27.72 -6.56 17.59
CA THR L 58 -27.73 -5.79 18.82
C THR L 58 -29.08 -5.16 19.14
N VAL L 59 -30.00 -5.10 18.19
CA VAL L 59 -31.34 -4.56 18.48
C VAL L 59 -32.11 -5.61 19.25
N GLY L 60 -32.75 -5.19 20.35
CA GLY L 60 -33.40 -6.12 21.23
C GLY L 60 -34.88 -6.31 20.95
N GLY L 61 -35.57 -5.21 20.63
CA GLY L 61 -36.99 -5.24 20.35
C GLY L 61 -37.30 -5.29 18.87
N HIS L 62 -38.58 -5.11 18.55
CA HIS L 62 -39.06 -5.03 17.17
C HIS L 62 -38.68 -6.29 16.38
N GLN L 63 -39.01 -7.45 16.94
CA GLN L 63 -38.62 -8.71 16.31
C GLN L 63 -39.37 -8.96 15.01
N ALA L 64 -40.59 -8.43 14.88
CA ALA L 64 -41.32 -8.52 13.63
C ALA L 64 -40.53 -7.91 12.48
N ALA L 65 -39.95 -6.72 12.72
CA ALA L 65 -39.14 -6.07 11.70
C ALA L 65 -37.94 -6.91 11.33
N MET L 66 -37.30 -7.54 12.31
CA MET L 66 -36.11 -8.35 12.03
C MET L 66 -36.47 -9.57 11.20
N GLN L 67 -37.58 -10.25 11.54
CA GLN L 67 -38.00 -11.41 10.76
C GLN L 67 -38.35 -11.02 9.33
N MET L 68 -39.07 -9.91 9.15
CA MET L 68 -39.37 -9.45 7.80
C MET L 68 -38.10 -9.09 7.04
N LEU L 69 -37.11 -8.53 7.75
CA LEU L 69 -35.84 -8.20 7.13
C LEU L 69 -35.16 -9.46 6.59
N LYS L 70 -35.11 -10.52 7.40
CA LYS L 70 -34.42 -11.72 6.92
C LYS L 70 -35.21 -12.41 5.81
N GLU L 71 -36.54 -12.27 5.81
CA GLU L 71 -37.32 -12.79 4.69
C GLU L 71 -36.96 -12.05 3.39
N THR L 72 -36.89 -10.72 3.46
CA THR L 72 -36.46 -9.94 2.29
C THR L 72 -35.03 -10.30 1.89
N ILE L 73 -34.18 -10.62 2.87
CA ILE L 73 -32.81 -11.02 2.58
C ILE L 73 -32.80 -12.32 1.78
N ASN L 74 -33.58 -13.29 2.23
CA ASN L 74 -33.73 -14.55 1.49
C ASN L 74 -34.16 -14.29 0.06
N GLU L 75 -35.15 -13.40 -0.13
CA GLU L 75 -35.60 -13.13 -1.49
C GLU L 75 -34.50 -12.51 -2.34
N GLU L 76 -33.84 -11.46 -1.83
CA GLU L 76 -32.84 -10.78 -2.64
C GLU L 76 -31.65 -11.69 -2.94
N ALA L 77 -31.33 -12.63 -2.04
CA ALA L 77 -30.27 -13.57 -2.34
C ALA L 77 -30.72 -14.65 -3.31
N ALA L 78 -32.01 -14.97 -3.32
CA ALA L 78 -32.51 -16.00 -4.22
C ALA L 78 -32.37 -15.60 -5.68
N GLU L 79 -32.99 -14.49 -6.07
CA GLU L 79 -32.96 -14.02 -7.45
C GLU L 79 -31.59 -13.48 -7.86
N TRP L 80 -30.60 -13.52 -6.98
CA TRP L 80 -29.26 -13.03 -7.29
C TRP L 80 -28.51 -14.02 -8.17
N ILE L 104 -23.64 -13.78 0.27
CA ILE L 104 -23.17 -12.44 0.60
C ILE L 104 -23.68 -12.04 1.99
N ALA L 105 -24.72 -12.74 2.45
CA ALA L 105 -25.28 -12.43 3.75
C ALA L 105 -24.36 -12.82 4.89
N GLY L 106 -23.48 -13.80 4.68
CA GLY L 106 -22.56 -14.24 5.70
C GLY L 106 -22.94 -15.49 6.44
N THR L 107 -23.87 -16.28 5.92
CA THR L 107 -24.29 -17.52 6.57
C THR L 107 -23.39 -18.69 6.20
N THR L 108 -22.87 -18.74 4.98
CA THR L 108 -21.93 -19.75 4.55
C THR L 108 -20.61 -19.12 4.12
N SER L 109 -20.25 -17.98 4.72
CA SER L 109 -19.05 -17.24 4.39
C SER L 109 -18.20 -17.08 5.65
N THR L 110 -16.90 -17.35 5.53
CA THR L 110 -16.00 -17.21 6.66
C THR L 110 -15.52 -15.76 6.76
N LEU L 111 -14.76 -15.49 7.83
CA LEU L 111 -14.19 -14.16 8.02
C LEU L 111 -13.27 -13.79 6.87
N GLN L 112 -12.31 -14.67 6.54
CA GLN L 112 -11.40 -14.38 5.44
C GLN L 112 -12.05 -14.53 4.08
N GLU L 113 -13.16 -15.26 3.98
CA GLU L 113 -13.93 -15.23 2.74
C GLU L 113 -14.47 -13.83 2.49
N GLN L 114 -15.17 -13.26 3.46
CA GLN L 114 -15.67 -11.89 3.35
C GLN L 114 -14.53 -10.91 3.13
N ILE L 115 -13.58 -10.85 4.06
CA ILE L 115 -12.49 -9.88 3.99
C ILE L 115 -11.74 -10.02 2.66
N GLY L 116 -11.41 -11.25 2.29
CA GLY L 116 -10.71 -11.47 1.04
C GLY L 116 -11.49 -10.98 -0.17
N TRP L 117 -12.81 -11.18 -0.16
CA TRP L 117 -13.62 -10.61 -1.24
C TRP L 117 -13.61 -9.09 -1.20
N MET L 118 -13.46 -8.50 -0.02
CA MET L 118 -13.29 -7.05 0.06
C MET L 118 -11.97 -6.61 -0.57
N THR L 119 -10.89 -7.35 -0.31
CA THR L 119 -9.59 -7.02 -0.90
C THR L 119 -9.64 -7.15 -2.42
N GLY L 127 -19.64 -6.74 0.44
CA GLY L 127 -20.08 -6.14 1.69
C GLY L 127 -21.07 -5.01 1.51
N GLU L 128 -20.79 -4.13 0.55
CA GLU L 128 -21.75 -3.08 0.20
C GLU L 128 -23.02 -3.66 -0.38
N ILE L 129 -22.91 -4.81 -1.05
CA ILE L 129 -24.08 -5.45 -1.66
C ILE L 129 -25.02 -5.99 -0.57
N TYR L 130 -24.44 -6.60 0.47
CA TYR L 130 -25.24 -6.97 1.63
C TYR L 130 -25.96 -5.76 2.19
N LYS L 131 -25.27 -4.62 2.25
CA LYS L 131 -25.91 -3.39 2.73
C LYS L 131 -27.05 -2.97 1.82
N ARG L 132 -26.89 -3.15 0.50
CA ARG L 132 -28.01 -2.91 -0.41
C ARG L 132 -29.22 -3.72 0.02
N TRP L 133 -29.00 -5.02 0.29
CA TRP L 133 -30.11 -5.89 0.68
C TRP L 133 -30.74 -5.42 2.00
N ILE L 134 -29.92 -5.13 3.00
CA ILE L 134 -30.42 -4.75 4.32
C ILE L 134 -31.20 -3.44 4.23
N ILE L 135 -30.66 -2.46 3.51
CA ILE L 135 -31.33 -1.16 3.38
C ILE L 135 -32.63 -1.32 2.59
N LEU L 136 -32.62 -2.18 1.56
CA LEU L 136 -33.84 -2.42 0.79
C LEU L 136 -34.94 -2.98 1.67
N GLY L 137 -34.60 -3.93 2.55
CA GLY L 137 -35.59 -4.46 3.47
C GLY L 137 -36.04 -3.46 4.51
N LEU L 138 -35.10 -2.64 5.00
CA LEU L 138 -35.45 -1.64 6.02
C LEU L 138 -36.36 -0.57 5.45
N ASN L 139 -36.26 -0.29 4.15
CA ASN L 139 -37.21 0.60 3.50
C ASN L 139 -38.64 0.09 3.66
N LYS L 140 -38.86 -1.18 3.34
CA LYS L 140 -40.19 -1.76 3.52
C LYS L 140 -40.56 -1.90 4.99
N ILE L 141 -39.57 -1.97 5.88
CA ILE L 141 -39.88 -1.97 7.32
C ILE L 141 -40.47 -0.63 7.73
N VAL L 142 -39.80 0.47 7.36
CA VAL L 142 -40.36 1.79 7.67
C VAL L 142 -41.66 2.03 6.93
N ARG L 143 -41.88 1.34 5.80
CA ARG L 143 -43.18 1.40 5.15
C ARG L 143 -44.23 0.64 5.95
N MET L 144 -43.85 -0.47 6.57
CA MET L 144 -44.76 -1.26 7.39
C MET L 144 -45.00 -0.63 8.76
N TYR L 145 -44.10 0.21 9.23
CA TYR L 145 -44.32 0.97 10.45
C TYR L 145 -44.92 2.34 10.18
N SER L 146 -45.07 2.72 8.91
CA SER L 146 -45.72 3.97 8.53
C SER L 146 -47.24 3.81 8.65
N PRO L 147 -47.87 4.40 9.65
CA PRO L 147 -49.32 4.26 9.82
C PRO L 147 -50.15 5.32 9.10
N THR L 148 -49.52 6.17 8.29
CA THR L 148 -50.20 7.26 7.61
C THR L 148 -49.86 7.20 6.13
N SER L 149 -50.88 7.41 5.30
CA SER L 149 -50.72 7.45 3.85
C SER L 149 -50.90 8.87 3.34
N ILE L 150 -50.26 9.15 2.21
CA ILE L 150 -50.20 10.51 1.68
C ILE L 150 -51.59 11.07 1.42
N LEU L 151 -52.55 10.22 1.04
CA LEU L 151 -53.91 10.69 0.84
C LEU L 151 -54.58 11.08 2.15
N ASP L 152 -54.02 10.67 3.30
CA ASP L 152 -54.57 11.02 4.60
C ASP L 152 -53.96 12.29 5.18
N ILE L 153 -52.94 12.86 4.54
CA ILE L 153 -52.32 14.09 5.01
C ILE L 153 -53.06 15.25 4.35
N ARG L 154 -53.95 15.89 5.11
CA ARG L 154 -54.61 17.12 4.71
C ARG L 154 -54.35 18.17 5.79
N GLN L 155 -54.36 19.43 5.39
CA GLN L 155 -54.08 20.51 6.31
C GLN L 155 -55.26 20.77 7.23
N GLY L 156 -54.97 21.10 8.48
CA GLY L 156 -56.00 21.43 9.44
C GLY L 156 -56.52 22.84 9.22
N PRO L 157 -57.69 23.15 9.80
CA PRO L 157 -58.25 24.49 9.62
C PRO L 157 -57.44 25.57 10.33
N LYS L 158 -56.72 25.23 11.38
CA LYS L 158 -55.83 26.16 12.07
C LYS L 158 -54.37 25.70 12.01
N GLU L 159 -54.05 24.73 11.16
CA GLU L 159 -52.69 24.24 11.05
C GLU L 159 -51.89 25.15 10.12
N PRO L 160 -50.68 25.56 10.50
CA PRO L 160 -49.84 26.35 9.61
C PRO L 160 -49.48 25.57 8.35
N PHE L 161 -48.88 26.27 7.39
CA PHE L 161 -48.49 25.63 6.14
C PHE L 161 -47.26 24.74 6.31
N ARG L 162 -46.27 25.21 7.07
CA ARG L 162 -45.04 24.44 7.23
C ARG L 162 -45.28 23.15 7.98
N ASP L 163 -46.22 23.13 8.93
CA ASP L 163 -46.58 21.88 9.61
C ASP L 163 -47.13 20.86 8.61
N TYR L 164 -48.03 21.32 7.74
CA TYR L 164 -48.62 20.46 6.72
C TYR L 164 -47.54 19.93 5.78
N VAL L 165 -46.63 20.79 5.32
CA VAL L 165 -45.57 20.35 4.42
C VAL L 165 -44.62 19.39 5.13
N ASP L 166 -44.37 19.60 6.42
CA ASP L 166 -43.54 18.68 7.19
C ASP L 166 -44.13 17.28 7.21
N ARG L 167 -45.39 17.18 7.65
CA ARG L 167 -46.06 15.88 7.66
C ARG L 167 -46.10 15.28 6.26
N PHE L 168 -46.33 16.12 5.25
CA PHE L 168 -46.40 15.67 3.86
C PHE L 168 -45.10 14.96 3.45
N TYR L 169 -43.98 15.68 3.50
CA TYR L 169 -42.74 15.11 3.00
C TYR L 169 -42.23 13.99 3.90
N LYS L 170 -42.58 14.00 5.19
CA LYS L 170 -42.20 12.88 6.05
C LYS L 170 -42.91 11.60 5.63
N THR L 171 -44.24 11.67 5.45
CA THR L 171 -44.97 10.51 4.95
C THR L 171 -44.46 10.09 3.58
N LEU L 172 -44.12 11.06 2.73
CA LEU L 172 -43.57 10.76 1.41
C LEU L 172 -42.31 9.91 1.53
N ARG L 173 -41.32 10.40 2.28
CA ARG L 173 -40.09 9.63 2.42
C ARG L 173 -40.34 8.28 3.09
N ALA L 174 -41.35 8.20 3.95
CA ALA L 174 -41.68 6.91 4.55
C ALA L 174 -42.23 5.93 3.51
N GLU L 175 -42.90 6.42 2.47
CA GLU L 175 -43.55 5.54 1.51
C GLU L 175 -42.95 5.58 0.10
N GLN L 176 -41.79 6.21 -0.08
CA GLN L 176 -41.17 6.29 -1.40
C GLN L 176 -39.77 5.69 -1.47
N ALA L 177 -39.08 5.56 -0.34
CA ALA L 177 -37.74 4.98 -0.33
C ALA L 177 -37.78 3.58 0.29
N THR L 186 -47.70 14.54 -5.62
CA THR L 186 -46.54 15.19 -5.01
C THR L 186 -46.66 16.71 -5.17
N GLU L 187 -46.21 17.23 -6.31
CA GLU L 187 -46.35 18.66 -6.59
C GLU L 187 -47.81 19.05 -6.76
N THR L 188 -48.68 18.09 -7.10
CA THR L 188 -50.11 18.35 -7.23
C THR L 188 -50.86 18.08 -5.93
N LEU L 189 -50.47 17.03 -5.21
CA LEU L 189 -51.16 16.69 -3.95
C LEU L 189 -50.91 17.75 -2.88
N LEU L 190 -49.75 18.40 -2.91
CA LEU L 190 -49.45 19.42 -1.92
C LEU L 190 -50.45 20.57 -1.96
N VAL L 191 -50.83 20.99 -3.17
CA VAL L 191 -51.77 22.10 -3.31
C VAL L 191 -53.20 21.65 -3.09
N GLN L 192 -53.55 20.45 -3.58
CA GLN L 192 -54.94 20.01 -3.55
C GLN L 192 -55.44 19.80 -2.13
N ASN L 193 -54.62 19.20 -1.27
CA ASN L 193 -55.05 18.85 0.08
C ASN L 193 -54.80 19.97 1.09
N ALA L 194 -54.19 21.08 0.68
CA ALA L 194 -54.04 22.21 1.58
C ALA L 194 -55.39 22.86 1.87
N ASN L 195 -55.47 23.52 3.02
CA ASN L 195 -56.71 24.20 3.38
C ASN L 195 -56.97 25.35 2.42
N PRO L 196 -58.23 25.76 2.25
CA PRO L 196 -58.57 26.69 1.16
C PRO L 196 -57.82 28.01 1.18
N ASP L 197 -57.19 28.38 2.29
CA ASP L 197 -56.44 29.62 2.34
C ASP L 197 -55.25 29.59 1.39
N CYS L 198 -54.46 28.51 1.46
CA CYS L 198 -53.32 28.34 0.58
C CYS L 198 -53.67 27.63 -0.73
N LYS L 199 -54.76 26.89 -0.75
CA LYS L 199 -55.17 26.21 -1.99
C LYS L 199 -55.70 27.20 -3.01
N THR L 200 -56.40 28.24 -2.54
CA THR L 200 -56.87 29.29 -3.45
C THR L 200 -55.70 30.00 -4.10
N ILE L 201 -54.62 30.20 -3.37
CA ILE L 201 -53.43 30.85 -3.89
C ILE L 201 -52.80 30.00 -4.99
N ALA L 209 -44.41 25.83 -9.61
CA ALA L 209 -43.68 26.92 -8.97
C ALA L 209 -42.80 26.41 -7.84
N THR L 210 -42.01 27.31 -7.24
CA THR L 210 -41.08 26.94 -6.20
C THR L 210 -41.82 26.69 -4.87
N LEU L 211 -41.10 26.08 -3.93
CA LEU L 211 -41.65 25.86 -2.59
C LEU L 211 -41.30 27.01 -1.63
N GLU L 212 -40.13 27.63 -1.80
CA GLU L 212 -39.79 28.78 -0.98
C GLU L 212 -40.83 29.89 -1.11
N GLU L 213 -41.28 30.16 -2.34
CA GLU L 213 -42.26 31.20 -2.57
C GLU L 213 -43.59 30.87 -1.91
N MET L 214 -44.03 29.61 -2.00
CA MET L 214 -45.30 29.24 -1.39
C MET L 214 -45.21 29.28 0.14
N MET L 215 -44.10 28.81 0.69
CA MET L 215 -43.90 28.88 2.14
C MET L 215 -43.97 30.32 2.63
N THR L 216 -43.29 31.23 1.94
CA THR L 216 -43.36 32.64 2.32
C THR L 216 -44.72 33.25 2.03
N ALA L 217 -45.46 32.70 1.06
CA ALA L 217 -46.80 33.16 0.75
C ALA L 217 -47.87 32.56 1.64
N CYS L 218 -47.49 31.70 2.58
CA CYS L 218 -48.44 31.13 3.53
C CYS L 218 -47.87 31.16 4.95
N GLN L 219 -47.28 32.29 5.34
CA GLN L 219 -46.74 32.44 6.68
C GLN L 219 -47.61 33.37 7.52
#